data_7NP4
#
_entry.id   7NP4
#
_cell.length_a   1.00
_cell.length_b   1.00
_cell.length_c   1.00
_cell.angle_alpha   90.00
_cell.angle_beta   90.00
_cell.angle_gamma   90.00
#
_symmetry.space_group_name_H-M   'P 1'
#
loop_
_entity.id
_entity.type
_entity.pdbx_description
1 polymer 'Potassium/sodium hyperpolarization-activated cyclic nucleotide-gated channel 4,Potassium/sodium hyperpolarization-activated cyclic nucleotide-gated channel 4'
2 non-polymer "ADENOSINE-3',5'-CYCLIC-MONOPHOSPHATE"
#
_entity_poly.entity_id   1
_entity_poly.type   'polypeptide(L)'
_entity_poly.pdbx_seq_one_letter_code
;MDKLPPSMRKRLYSLPQQVGAKAWIMDEEEDAEEEGAGGRQDPRRRSIRLRPLPSPSPSPSAAAAAAGGAESRGAALGGA
ADGEGPARGAAKSSTNGDCRRFRGSLASLGSRGGGGGGGSTGGGSHGHLHDSAEERRLIAEGDASPGEDRTPPGLAAEPE
RPGAPAPPAASPPQVPSSCGEQRPADAAVKVEGGAAAGDQILPEAEARLGQAGFMQRQFGAMLQPGVNKFSLRMFGSQKA
VEREQERVKSAGFWIIHPYSDFRFYWDLTMLLLMVGNLIIIPVGITFFKDENTTPWIVFNVVSDTFFLIDLVLNFRTGIV
VEDNTDIILDPRRIKMKYLKSWFVVDFVSSIPVDYIFLIVETRIDSEVYKTARALRIVRFTKILSLLRLLRLSRLIRYIH
QWEEIFHMTYDLASAVVRIVNLIGMMLLLCHWDGCLQFLVPMLQDFPDDCWVSLNNMVNNSWGKQYSYALFKAMSHMLCI
GYGRQAPMGMSDVWLTMLSMIVGATCYAMFIGHATALIQSLDSSRRQYQEKYKQVEQYMSFHKLPPDTRQRIHDYYEHRY
QGKMFDEESILGELSEPLREEIINFNCRKLVASMPLFANADPNFVTSMLTKLRFEVFQPGDYIIREGTIGKKMYFIQHGV
VSVLTKGNKETKLADGSYFGEICLLTRGRRTASVRADTYCRLYSLSVDNFNEVLEEYPMMRRAFETVALDRLDRIGKKNS
IHKVQHDLSSGVSNYQENAIVQRIVQHDREMAHCARRAQATTPVAPAIWTPLIQAPLQAAAQDLKLISASQPALPQDGAQ
TLRRASPHSSSGESVAALPPAGGPFPRAPGRPPGAGPGQHVTLTLPRKASSGSLPPPLSLFGPRAAPRLTAAPQREPGAK
SEPVRSKLPSNL
;
_entity_poly.pdbx_strand_id   A,B,C,D
#
# COMPACT_ATOMS: atom_id res chain seq x y z
N MET A 215 -46.12 36.87 9.79
CA MET A 215 -45.13 36.57 10.80
C MET A 215 -43.71 36.82 10.29
N GLN A 216 -42.78 37.04 11.23
CA GLN A 216 -41.37 37.20 10.90
C GLN A 216 -40.48 36.35 11.80
N ARG A 217 -41.07 35.67 12.79
CA ARG A 217 -40.26 34.97 13.77
C ARG A 217 -39.94 33.55 13.32
N GLN A 218 -40.93 32.82 12.83
CA GLN A 218 -40.81 31.37 12.67
C GLN A 218 -39.89 31.00 11.52
N PHE A 219 -39.69 31.90 10.56
CA PHE A 219 -38.76 31.68 9.47
C PHE A 219 -37.33 32.06 9.87
N GLY A 220 -37.16 32.78 10.98
CA GLY A 220 -35.83 33.11 11.44
C GLY A 220 -35.17 31.93 12.11
N ALA A 221 -36.00 31.01 12.61
CA ALA A 221 -35.51 29.79 13.24
C ALA A 221 -34.93 28.81 12.23
N MET A 222 -35.30 28.95 10.96
CA MET A 222 -34.73 28.12 9.91
C MET A 222 -33.42 28.69 9.38
N LEU A 223 -33.22 30.01 9.48
CA LEU A 223 -32.05 30.66 8.92
C LEU A 223 -30.84 30.55 9.83
N GLN A 224 -31.03 30.30 11.11
CA GLN A 224 -29.97 30.23 12.09
C GLN A 224 -29.71 28.77 12.44
N PRO A 225 -28.47 28.40 12.72
CA PRO A 225 -28.15 26.97 12.92
C PRO A 225 -28.71 26.42 14.23
N GLY A 226 -29.59 25.44 14.11
CA GLY A 226 -30.23 24.85 15.27
C GLY A 226 -29.30 23.94 16.05
N VAL A 227 -29.83 23.43 17.16
CA VAL A 227 -29.07 22.61 18.09
C VAL A 227 -29.32 21.14 17.75
N ASN A 228 -28.26 20.43 17.43
CA ASN A 228 -28.30 18.99 17.19
C ASN A 228 -26.92 18.43 17.49
N LYS A 229 -26.61 17.28 16.93
CA LYS A 229 -25.22 16.79 17.12
C LYS A 229 -24.28 17.60 16.24
N PHE A 230 -24.65 17.88 14.99
CA PHE A 230 -23.67 18.54 14.07
C PHE A 230 -23.32 19.92 14.60
N SER A 231 -24.31 20.65 15.09
CA SER A 231 -24.00 22.03 15.52
C SER A 231 -23.02 21.95 16.66
N LEU A 232 -23.25 21.02 17.57
CA LEU A 232 -22.37 20.90 18.76
C LEU A 232 -20.97 20.51 18.29
N ARG A 233 -20.87 19.58 17.35
CA ARG A 233 -19.55 19.10 16.89
C ARG A 233 -18.82 20.28 16.27
N MET A 234 -19.52 21.14 15.54
CA MET A 234 -18.82 22.24 14.84
C MET A 234 -18.36 23.34 15.80
N PHE A 235 -18.96 23.46 16.98
CA PHE A 235 -18.74 24.66 17.78
C PHE A 235 -18.34 24.37 19.21
N GLY A 236 -18.54 23.15 19.71
CA GLY A 236 -18.18 22.83 21.07
C GLY A 236 -19.40 22.77 21.98
N SER A 237 -19.44 23.64 22.98
CA SER A 237 -20.56 23.68 23.90
C SER A 237 -21.78 24.30 23.24
N GLN A 238 -22.94 24.11 23.88
CA GLN A 238 -24.18 24.69 23.38
C GLN A 238 -24.18 26.21 23.42
N LYS A 239 -23.46 26.80 24.38
CA LYS A 239 -23.33 28.25 24.45
C LYS A 239 -22.62 28.81 23.23
N ALA A 240 -21.68 28.06 22.66
CA ALA A 240 -21.00 28.49 21.44
C ALA A 240 -21.96 28.49 20.26
N VAL A 241 -22.95 27.60 20.27
CA VAL A 241 -24.02 27.66 19.27
C VAL A 241 -24.91 28.86 19.53
N GLU A 242 -25.18 29.15 20.82
CA GLU A 242 -26.07 30.25 21.17
C GLU A 242 -25.43 31.60 20.86
N ARG A 243 -24.11 31.68 20.89
CA ARG A 243 -23.44 32.89 20.43
C ARG A 243 -23.43 32.96 18.91
N GLU A 244 -23.47 31.80 18.24
CA GLU A 244 -23.50 31.79 16.79
C GLU A 244 -24.89 32.16 16.28
N GLN A 245 -25.93 31.74 17.02
CA GLN A 245 -27.29 32.07 16.61
C GLN A 245 -27.60 33.55 16.77
N GLU A 246 -26.83 34.25 17.60
CA GLU A 246 -27.01 35.69 17.70
C GLU A 246 -26.18 36.44 16.67
N ARG A 247 -25.14 35.81 16.13
CA ARG A 247 -24.39 36.46 15.07
C ARG A 247 -25.15 36.44 13.75
N VAL A 248 -26.03 35.45 13.57
CA VAL A 248 -26.91 35.40 12.40
C VAL A 248 -27.90 36.55 12.42
N LYS A 249 -28.60 36.73 13.54
CA LYS A 249 -29.61 37.77 13.67
C LYS A 249 -29.00 39.17 13.65
N SER A 250 -27.75 39.31 14.06
CA SER A 250 -27.07 40.60 14.04
C SER A 250 -26.28 40.82 12.77
N ALA A 251 -26.52 40.02 11.73
CA ALA A 251 -25.82 40.17 10.46
C ALA A 251 -26.66 40.89 9.42
N GLY A 252 -27.79 41.46 9.81
CA GLY A 252 -28.72 42.06 8.88
C GLY A 252 -30.01 41.27 8.80
N PHE A 253 -30.89 41.72 7.91
CA PHE A 253 -32.20 41.12 7.75
C PHE A 253 -32.15 39.98 6.76
N TRP A 254 -32.73 38.84 7.17
CA TRP A 254 -33.01 37.68 6.32
C TRP A 254 -31.75 37.06 5.73
N ILE A 255 -30.80 36.68 6.59
CA ILE A 255 -29.52 36.13 6.15
C ILE A 255 -29.48 34.65 6.48
N ILE A 256 -28.89 33.85 5.59
CA ILE A 256 -28.89 32.39 5.70
C ILE A 256 -27.56 31.93 6.26
N HIS A 257 -27.60 31.16 7.33
CA HIS A 257 -26.39 30.51 7.81
C HIS A 257 -26.24 29.16 7.12
N PRO A 258 -25.04 28.82 6.64
CA PRO A 258 -24.89 27.61 5.81
C PRO A 258 -25.11 26.30 6.55
N TYR A 259 -24.97 26.27 7.87
CA TYR A 259 -25.18 25.06 8.64
C TYR A 259 -26.62 24.91 9.12
N SER A 260 -27.47 25.87 8.78
CA SER A 260 -28.82 25.89 9.31
C SER A 260 -29.70 24.86 8.62
N ASP A 261 -30.92 24.70 9.13
CA ASP A 261 -31.81 23.66 8.63
C ASP A 261 -32.53 24.07 7.35
N PHE A 262 -32.58 25.36 7.04
CA PHE A 262 -33.14 25.77 5.75
C PHE A 262 -32.18 25.41 4.63
N ARG A 263 -30.90 25.73 4.79
CA ARG A 263 -29.93 25.53 3.71
C ARG A 263 -29.65 24.05 3.50
N PHE A 264 -29.83 23.21 4.53
CA PHE A 264 -29.67 21.79 4.33
C PHE A 264 -30.83 21.22 3.52
N TYR A 265 -32.06 21.64 3.83
CA TYR A 265 -33.19 21.07 3.12
C TYR A 265 -33.55 21.85 1.85
N TRP A 266 -32.96 23.02 1.64
CA TRP A 266 -33.03 23.62 0.31
C TRP A 266 -32.09 22.91 -0.66
N ASP A 267 -30.87 22.63 -0.22
CA ASP A 267 -29.89 22.03 -1.11
C ASP A 267 -30.17 20.54 -1.31
N LEU A 268 -31.02 19.95 -0.49
CA LEU A 268 -31.43 18.59 -0.76
C LEU A 268 -32.44 18.54 -1.90
N THR A 269 -33.32 19.53 -1.98
CA THR A 269 -34.29 19.54 -3.07
C THR A 269 -33.63 19.91 -4.38
N MET A 270 -32.56 20.68 -4.34
CA MET A 270 -31.88 21.02 -5.58
C MET A 270 -31.09 19.83 -6.11
N LEU A 271 -30.62 18.95 -5.25
CA LEU A 271 -30.02 17.70 -5.72
C LEU A 271 -31.05 16.81 -6.37
N LEU A 272 -32.30 16.87 -5.90
CA LEU A 272 -33.34 16.07 -6.51
C LEU A 272 -33.90 16.76 -7.74
N LEU A 273 -33.43 17.97 -8.03
CA LEU A 273 -33.88 18.67 -9.23
C LEU A 273 -32.79 18.68 -10.30
N MET A 274 -31.53 18.78 -9.89
CA MET A 274 -30.43 18.74 -10.85
C MET A 274 -30.26 17.37 -11.47
N VAL A 275 -30.45 16.30 -10.68
CA VAL A 275 -30.38 14.95 -11.23
C VAL A 275 -31.56 14.70 -12.15
N GLY A 276 -32.67 15.39 -11.94
CA GLY A 276 -33.72 15.41 -12.93
C GLY A 276 -33.31 16.13 -14.19
N ASN A 277 -32.66 17.29 -14.06
CA ASN A 277 -32.40 18.11 -15.24
C ASN A 277 -31.04 17.83 -15.86
N LEU A 278 -30.21 17.02 -15.22
CA LEU A 278 -29.03 16.57 -15.95
C LEU A 278 -29.27 15.23 -16.63
N ILE A 279 -30.45 14.67 -16.51
CA ILE A 279 -30.78 13.48 -17.27
C ILE A 279 -31.79 13.79 -18.36
N ILE A 280 -32.81 14.59 -18.05
CA ILE A 280 -33.90 14.80 -18.99
C ILE A 280 -33.52 15.80 -20.06
N ILE A 281 -32.73 16.82 -19.70
CA ILE A 281 -32.34 17.83 -20.68
C ILE A 281 -31.45 17.31 -21.81
N PRO A 282 -30.36 16.57 -21.57
CA PRO A 282 -29.60 16.10 -22.74
C PRO A 282 -30.29 15.02 -23.55
N VAL A 283 -31.40 14.47 -23.05
CA VAL A 283 -32.19 13.54 -23.85
C VAL A 283 -33.22 14.28 -24.69
N GLY A 284 -33.94 15.22 -24.09
CA GLY A 284 -35.04 15.85 -24.80
C GLY A 284 -34.60 16.84 -25.85
N ILE A 285 -33.32 17.23 -25.84
CA ILE A 285 -32.82 18.09 -26.90
C ILE A 285 -32.53 17.29 -28.16
N THR A 286 -31.81 16.18 -28.01
CA THR A 286 -31.33 15.47 -29.18
C THR A 286 -32.42 14.60 -29.79
N PHE A 287 -32.96 13.66 -29.02
CA PHE A 287 -33.78 12.61 -29.59
C PHE A 287 -35.18 13.06 -30.03
N PHE A 288 -35.54 14.31 -29.77
CA PHE A 288 -36.79 14.87 -30.25
C PHE A 288 -36.48 16.03 -31.18
N LYS A 289 -36.68 15.80 -32.48
CA LYS A 289 -36.22 16.72 -33.53
C LYS A 289 -36.96 18.05 -33.50
N ASP A 290 -38.15 18.08 -32.92
CA ASP A 290 -38.80 19.33 -32.55
C ASP A 290 -39.73 19.05 -31.38
N GLU A 291 -39.34 19.50 -30.19
CA GLU A 291 -40.22 19.40 -29.03
C GLU A 291 -40.37 20.78 -28.41
N ASN A 292 -41.40 21.50 -28.83
CA ASN A 292 -41.80 22.73 -28.18
C ASN A 292 -43.25 22.65 -27.73
N THR A 293 -43.66 21.49 -27.23
CA THR A 293 -45.01 21.31 -26.74
C THR A 293 -45.19 22.01 -25.39
N THR A 294 -46.44 22.09 -24.96
CA THR A 294 -46.74 22.66 -23.65
C THR A 294 -46.11 21.90 -22.46
N PRO A 295 -46.14 20.54 -22.37
CA PRO A 295 -45.47 19.92 -21.21
C PRO A 295 -43.96 20.07 -21.19
N TRP A 296 -43.32 20.36 -22.33
CA TRP A 296 -41.87 20.51 -22.30
C TRP A 296 -41.46 21.90 -21.88
N ILE A 297 -42.13 22.93 -22.40
CA ILE A 297 -41.71 24.30 -22.12
C ILE A 297 -42.03 24.67 -20.68
N VAL A 298 -43.16 24.16 -20.16
CA VAL A 298 -43.50 24.32 -18.75
C VAL A 298 -42.46 23.66 -17.86
N PHE A 299 -41.94 22.51 -18.30
CA PHE A 299 -40.89 21.82 -17.56
C PHE A 299 -39.61 22.64 -17.52
N ASN A 300 -39.35 23.44 -18.55
CA ASN A 300 -38.12 24.23 -18.55
C ASN A 300 -38.31 25.55 -17.81
N VAL A 301 -39.54 26.08 -17.82
CA VAL A 301 -39.78 27.35 -17.14
C VAL A 301 -39.83 27.14 -15.62
N VAL A 302 -40.47 26.05 -15.17
CA VAL A 302 -40.48 25.69 -13.76
C VAL A 302 -39.07 25.41 -13.26
N SER A 303 -38.26 24.72 -14.08
CA SER A 303 -36.88 24.46 -13.71
C SER A 303 -36.05 25.73 -13.68
N ASP A 304 -36.32 26.67 -14.60
CA ASP A 304 -35.56 27.91 -14.59
C ASP A 304 -35.96 28.83 -13.45
N THR A 305 -37.10 28.58 -12.82
CA THR A 305 -37.48 29.38 -11.66
C THR A 305 -36.62 29.03 -10.46
N PHE A 306 -36.43 27.74 -10.19
CA PHE A 306 -35.65 27.35 -9.02
C PHE A 306 -34.17 27.68 -9.19
N PHE A 307 -33.66 27.63 -10.41
CA PHE A 307 -32.25 27.94 -10.60
C PHE A 307 -31.99 29.44 -10.65
N LEU A 308 -33.04 30.26 -10.62
CA LEU A 308 -32.84 31.68 -10.32
C LEU A 308 -32.91 31.94 -8.83
N ILE A 309 -33.85 31.28 -8.14
CA ILE A 309 -34.00 31.44 -6.69
C ILE A 309 -32.77 30.91 -5.98
N ASP A 310 -32.22 29.80 -6.47
CA ASP A 310 -30.95 29.29 -5.96
C ASP A 310 -29.82 30.28 -6.24
N LEU A 311 -29.91 31.01 -7.35
CA LEU A 311 -28.89 32.02 -7.63
C LEU A 311 -29.08 33.24 -6.73
N VAL A 312 -30.32 33.53 -6.34
CA VAL A 312 -30.55 34.65 -5.43
C VAL A 312 -30.10 34.30 -4.02
N LEU A 313 -30.41 33.09 -3.56
CA LEU A 313 -30.08 32.69 -2.19
C LEU A 313 -28.58 32.48 -1.97
N ASN A 314 -27.78 32.42 -3.03
CA ASN A 314 -26.34 32.32 -2.84
C ASN A 314 -25.71 33.64 -2.44
N PHE A 315 -26.43 34.75 -2.54
CA PHE A 315 -25.93 36.02 -2.05
C PHE A 315 -26.31 36.28 -0.60
N ARG A 316 -26.98 35.33 0.04
CA ARG A 316 -27.38 35.47 1.44
C ARG A 316 -26.86 34.33 2.31
N THR A 317 -26.17 33.37 1.73
CA THR A 317 -25.63 32.23 2.47
C THR A 317 -24.22 32.56 2.93
N GLY A 318 -23.91 32.22 4.18
CA GLY A 318 -22.56 32.40 4.68
C GLY A 318 -21.57 31.50 3.99
N ILE A 319 -20.38 32.02 3.75
CA ILE A 319 -19.33 31.32 3.02
C ILE A 319 -18.30 30.83 4.01
N VAL A 320 -18.03 29.53 3.98
CA VAL A 320 -17.02 28.94 4.83
C VAL A 320 -15.64 29.27 4.28
N VAL A 321 -14.82 29.94 5.07
CA VAL A 321 -13.46 30.28 4.71
C VAL A 321 -12.52 29.30 5.40
N GLU A 322 -11.63 28.68 4.63
CA GLU A 322 -10.66 27.73 5.14
C GLU A 322 -9.34 28.42 5.48
N ASP A 323 -9.40 29.70 5.84
CA ASP A 323 -8.23 30.47 6.22
C ASP A 323 -8.44 31.23 7.53
N ASN A 324 -9.67 31.29 8.03
CA ASN A 324 -9.95 31.91 9.31
C ASN A 324 -10.88 31.02 10.12
N THR A 325 -11.13 31.41 11.36
CA THR A 325 -12.04 30.67 12.23
C THR A 325 -13.47 31.22 12.15
N ASP A 326 -13.72 32.19 11.30
CA ASP A 326 -15.02 32.83 11.22
C ASP A 326 -15.73 32.46 9.92
N ILE A 327 -17.06 32.42 9.99
CA ILE A 327 -17.91 32.26 8.82
C ILE A 327 -18.47 33.64 8.49
N ILE A 328 -18.22 34.11 7.27
CA ILE A 328 -18.58 35.47 6.88
C ILE A 328 -20.09 35.56 6.73
N LEU A 329 -20.69 36.49 7.49
CA LEU A 329 -22.12 36.76 7.35
C LEU A 329 -22.40 38.21 6.98
N ASP A 330 -21.38 38.99 6.65
CA ASP A 330 -21.58 40.33 6.11
C ASP A 330 -22.04 40.18 4.66
N PRO A 331 -23.22 40.69 4.29
CA PRO A 331 -23.75 40.43 2.93
C PRO A 331 -22.95 41.06 1.81
N ARG A 332 -22.11 42.06 2.07
CA ARG A 332 -21.29 42.59 0.99
C ARG A 332 -20.09 41.69 0.72
N ARG A 333 -19.48 41.15 1.78
CA ARG A 333 -18.33 40.27 1.58
C ARG A 333 -18.75 38.92 1.02
N ILE A 334 -19.99 38.51 1.27
CA ILE A 334 -20.54 37.34 0.58
C ILE A 334 -20.70 37.63 -0.91
N LYS A 335 -21.14 38.85 -1.23
CA LYS A 335 -21.35 39.24 -2.62
C LYS A 335 -20.04 39.32 -3.40
N MET A 336 -18.98 39.80 -2.76
CA MET A 336 -17.73 40.02 -3.49
C MET A 336 -16.94 38.73 -3.64
N LYS A 337 -17.27 37.71 -2.86
CA LYS A 337 -16.60 36.41 -3.05
C LYS A 337 -17.34 35.53 -4.04
N TYR A 338 -18.66 35.66 -4.12
CA TYR A 338 -19.43 34.79 -5.01
C TYR A 338 -19.23 35.19 -6.47
N LEU A 339 -19.07 36.49 -6.74
CA LEU A 339 -18.88 36.96 -8.10
C LEU A 339 -17.52 36.57 -8.67
N LYS A 340 -16.55 36.26 -7.81
CA LYS A 340 -15.19 36.06 -8.30
C LYS A 340 -14.94 34.58 -8.61
N SER A 341 -15.66 33.67 -7.95
CA SER A 341 -15.31 32.26 -8.00
C SER A 341 -16.30 31.43 -8.79
N TRP A 342 -17.57 31.40 -8.39
CA TRP A 342 -18.59 30.65 -9.11
C TRP A 342 -19.80 31.55 -9.29
N PHE A 343 -19.77 32.40 -10.30
CA PHE A 343 -20.95 33.19 -10.61
C PHE A 343 -21.44 33.02 -12.03
N VAL A 344 -20.54 33.18 -13.01
CA VAL A 344 -20.96 33.20 -14.41
C VAL A 344 -21.37 31.79 -14.84
N VAL A 345 -20.74 30.78 -14.27
CA VAL A 345 -21.17 29.40 -14.49
C VAL A 345 -22.53 29.17 -13.83
N ASP A 346 -22.84 29.91 -12.76
CA ASP A 346 -24.16 29.78 -12.17
C ASP A 346 -25.11 30.85 -12.67
N PHE A 347 -24.63 31.74 -13.54
CA PHE A 347 -25.54 32.71 -14.15
C PHE A 347 -25.93 32.30 -15.55
N VAL A 348 -25.02 31.68 -16.30
CA VAL A 348 -25.36 31.17 -17.62
C VAL A 348 -26.34 30.01 -17.50
N SER A 349 -26.08 29.10 -16.56
CA SER A 349 -26.96 27.95 -16.38
C SER A 349 -28.26 28.30 -15.67
N SER A 350 -28.44 29.54 -15.24
CA SER A 350 -29.66 29.91 -14.54
C SER A 350 -30.69 30.46 -15.52
N ILE A 351 -30.36 31.51 -16.24
CA ILE A 351 -31.29 32.18 -17.13
C ILE A 351 -31.57 31.28 -18.34
N PRO A 352 -32.78 31.28 -18.88
CA PRO A 352 -33.01 30.53 -20.11
C PRO A 352 -32.36 31.23 -21.30
N VAL A 353 -31.24 30.68 -21.75
CA VAL A 353 -30.47 31.37 -22.78
C VAL A 353 -31.10 31.15 -24.14
N ASP A 354 -31.64 29.95 -24.37
CA ASP A 354 -32.24 29.63 -25.67
C ASP A 354 -33.54 30.40 -25.87
N TYR A 355 -34.30 30.63 -24.80
CA TYR A 355 -35.58 31.31 -24.95
C TYR A 355 -35.41 32.81 -25.10
N ILE A 356 -34.28 33.36 -24.65
CA ILE A 356 -33.97 34.76 -24.93
C ILE A 356 -33.63 34.94 -26.41
N PHE A 357 -32.83 34.03 -26.96
CA PHE A 357 -32.28 34.18 -28.32
C PHE A 357 -33.37 34.11 -29.38
N LEU A 358 -34.47 33.41 -29.11
CA LEU A 358 -35.57 33.39 -30.07
C LEU A 358 -36.35 34.70 -30.03
N ILE A 359 -36.42 35.34 -28.87
CA ILE A 359 -37.08 36.64 -28.76
C ILE A 359 -36.20 37.72 -29.37
N VAL A 360 -34.88 37.60 -29.17
CA VAL A 360 -33.94 38.58 -29.73
C VAL A 360 -33.90 38.47 -31.25
N GLU A 361 -33.88 37.24 -31.78
CA GLU A 361 -33.84 37.05 -33.23
C GLU A 361 -35.19 37.42 -33.87
N THR A 362 -36.26 37.41 -33.08
CA THR A 362 -37.53 37.94 -33.56
C THR A 362 -37.44 39.45 -33.77
N ARG A 363 -36.72 40.15 -32.90
CA ARG A 363 -36.51 41.57 -33.06
C ARG A 363 -35.47 41.90 -34.13
N ILE A 364 -34.52 40.99 -34.35
CA ILE A 364 -33.52 41.20 -35.40
C ILE A 364 -34.17 41.09 -36.78
N ASP A 365 -34.87 39.99 -37.03
CA ASP A 365 -35.52 39.79 -38.32
C ASP A 365 -36.85 39.10 -38.09
N SER A 366 -37.92 39.69 -38.61
CA SER A 366 -39.24 39.09 -38.47
C SER A 366 -39.38 37.85 -39.35
N GLU A 367 -38.75 37.86 -40.52
CA GLU A 367 -38.74 36.70 -41.40
C GLU A 367 -37.42 35.96 -41.19
N VAL A 368 -37.40 35.11 -40.17
CA VAL A 368 -36.22 34.31 -39.85
C VAL A 368 -36.73 32.88 -39.66
N TYR A 369 -37.96 32.65 -40.14
CA TYR A 369 -38.64 31.37 -40.00
C TYR A 369 -38.93 30.76 -41.37
N LYS A 370 -38.70 31.51 -42.43
CA LYS A 370 -39.06 31.07 -43.77
C LYS A 370 -37.84 30.76 -44.64
N THR A 371 -36.75 31.49 -44.47
CA THR A 371 -35.59 31.37 -45.35
C THR A 371 -34.77 30.13 -45.00
N ALA A 372 -33.65 29.97 -45.71
CA ALA A 372 -32.71 28.90 -45.43
C ALA A 372 -31.85 29.19 -44.20
N ARG A 373 -31.86 30.43 -43.71
CA ARG A 373 -31.21 30.76 -42.44
C ARG A 373 -31.93 30.11 -41.27
N ALA A 374 -33.24 29.84 -41.43
CA ALA A 374 -34.06 29.29 -40.35
C ALA A 374 -33.60 27.90 -39.93
N LEU A 375 -33.05 27.11 -40.86
CA LEU A 375 -32.49 25.82 -40.50
C LEU A 375 -31.22 25.99 -39.68
N ARG A 376 -30.43 27.02 -39.97
CA ARG A 376 -29.20 27.25 -39.22
C ARG A 376 -29.51 27.72 -37.80
N ILE A 377 -30.60 28.45 -37.62
CA ILE A 377 -30.96 28.97 -36.29
C ILE A 377 -31.38 27.84 -35.37
N VAL A 378 -32.14 26.87 -35.89
CA VAL A 378 -32.58 25.75 -35.08
C VAL A 378 -31.40 24.85 -34.71
N ARG A 379 -30.43 24.71 -35.61
CA ARG A 379 -29.19 24.03 -35.26
C ARG A 379 -28.36 24.87 -34.30
N PHE A 380 -28.56 26.20 -34.31
CA PHE A 380 -27.88 27.06 -33.35
C PHE A 380 -28.62 27.11 -32.03
N THR A 381 -29.92 26.80 -32.05
CA THR A 381 -30.72 26.90 -30.82
C THR A 381 -30.40 25.77 -29.85
N LYS A 382 -30.25 24.55 -30.35
CA LYS A 382 -29.95 23.41 -29.49
C LYS A 382 -28.56 23.46 -28.90
N ILE A 383 -27.65 24.25 -29.49
CA ILE A 383 -26.35 24.42 -28.87
C ILE A 383 -26.45 25.33 -27.65
N LEU A 384 -27.33 26.33 -27.71
CA LEU A 384 -27.48 27.26 -26.59
C LEU A 384 -28.19 26.61 -25.42
N SER A 385 -29.12 25.70 -25.67
CA SER A 385 -29.82 25.06 -24.56
C SER A 385 -28.97 24.01 -23.87
N LEU A 386 -27.79 23.68 -24.39
CA LEU A 386 -26.84 22.84 -23.69
C LEU A 386 -25.98 23.63 -22.71
N LEU A 387 -26.20 24.93 -22.58
CA LEU A 387 -25.58 25.69 -21.51
C LEU A 387 -26.15 25.32 -20.15
N ARG A 388 -27.32 24.69 -20.12
CA ARG A 388 -27.91 24.21 -18.88
C ARG A 388 -27.19 23.01 -18.29
N LEU A 389 -26.22 22.44 -18.99
CA LEU A 389 -25.42 21.38 -18.41
C LEU A 389 -24.32 21.90 -17.51
N LEU A 390 -24.21 23.21 -17.34
CA LEU A 390 -23.30 23.80 -16.38
C LEU A 390 -23.81 23.69 -14.95
N ARG A 391 -25.01 23.15 -14.75
CA ARG A 391 -25.54 22.85 -13.44
C ARG A 391 -24.86 21.64 -12.80
N LEU A 392 -23.97 20.96 -13.54
CA LEU A 392 -23.09 19.98 -12.92
C LEU A 392 -22.15 20.65 -11.92
N SER A 393 -21.77 21.90 -12.18
CA SER A 393 -20.93 22.63 -11.23
C SER A 393 -21.68 22.89 -9.93
N ARG A 394 -23.00 23.06 -10.01
CA ARG A 394 -23.78 23.11 -8.79
C ARG A 394 -24.14 21.72 -8.28
N LEU A 395 -24.10 20.71 -9.14
CA LEU A 395 -24.33 19.35 -8.66
C LEU A 395 -23.15 18.86 -7.83
N ILE A 396 -21.93 19.17 -8.26
CA ILE A 396 -20.75 18.67 -7.58
C ILE A 396 -20.56 19.39 -6.24
N ARG A 397 -20.75 20.72 -6.23
CA ARG A 397 -20.56 21.48 -5.00
C ARG A 397 -21.61 21.14 -3.96
N TYR A 398 -22.84 20.88 -4.38
CA TYR A 398 -23.89 20.59 -3.41
C TYR A 398 -23.91 19.13 -2.99
N ILE A 399 -22.96 18.33 -3.46
CA ILE A 399 -22.83 16.98 -2.93
C ILE A 399 -21.68 16.91 -1.94
N HIS A 400 -20.59 17.63 -2.20
CA HIS A 400 -19.50 17.70 -1.24
C HIS A 400 -19.93 18.41 0.04
N GLN A 401 -20.81 19.40 -0.08
CA GLN A 401 -21.33 20.05 1.12
C GLN A 401 -22.39 19.18 1.80
N TRP A 402 -23.03 18.30 1.03
CA TRP A 402 -24.07 17.46 1.62
C TRP A 402 -23.46 16.25 2.32
N GLU A 403 -22.45 15.63 1.71
CA GLU A 403 -21.95 14.37 2.23
C GLU A 403 -21.11 14.54 3.48
N GLU A 404 -20.67 15.76 3.77
CA GLU A 404 -19.97 15.99 5.03
C GLU A 404 -20.95 16.23 6.17
N ILE A 405 -22.01 16.98 5.91
CA ILE A 405 -23.01 17.27 6.94
C ILE A 405 -23.85 16.05 7.27
N PHE A 406 -24.22 15.28 6.25
CA PHE A 406 -25.05 14.10 6.48
C PHE A 406 -24.25 13.01 7.19
N HIS A 407 -24.72 12.62 8.36
CA HIS A 407 -23.88 11.90 9.31
C HIS A 407 -23.67 10.44 8.93
N MET A 408 -24.59 9.83 8.19
CA MET A 408 -24.38 8.45 7.78
C MET A 408 -23.36 8.33 6.66
N THR A 409 -23.15 9.41 5.90
CA THR A 409 -22.05 9.44 4.95
C THR A 409 -20.77 9.98 5.56
N TYR A 410 -20.86 10.68 6.69
CA TYR A 410 -19.66 11.12 7.36
C TYR A 410 -19.00 9.98 8.13
N ASP A 411 -19.78 8.97 8.50
CA ASP A 411 -19.24 7.82 9.21
C ASP A 411 -18.76 6.71 8.30
N LEU A 412 -19.10 6.74 7.01
CA LEU A 412 -18.56 5.77 6.09
C LEU A 412 -17.09 6.06 5.79
N ALA A 413 -16.40 5.05 5.28
CA ALA A 413 -15.02 5.23 4.89
C ALA A 413 -14.94 6.13 3.66
N SER A 414 -13.82 6.83 3.52
CA SER A 414 -13.66 7.74 2.38
C SER A 414 -13.46 6.98 1.08
N ALA A 415 -13.00 5.74 1.15
CA ALA A 415 -12.91 4.94 -0.06
C ALA A 415 -14.28 4.48 -0.52
N VAL A 416 -15.25 4.39 0.39
CA VAL A 416 -16.59 4.01 0.00
C VAL A 416 -17.33 5.23 -0.55
N VAL A 417 -17.03 6.41 -0.03
CA VAL A 417 -17.70 7.62 -0.49
C VAL A 417 -17.22 8.01 -1.87
N ARG A 418 -15.90 7.98 -2.10
CA ARG A 418 -15.38 8.40 -3.40
C ARG A 418 -15.71 7.40 -4.50
N ILE A 419 -15.94 6.13 -4.15
CA ILE A 419 -16.28 5.17 -5.18
C ILE A 419 -17.75 5.25 -5.53
N VAL A 420 -18.58 5.87 -4.69
CA VAL A 420 -19.98 6.10 -5.08
C VAL A 420 -20.08 7.34 -5.94
N ASN A 421 -19.28 8.36 -5.65
CA ASN A 421 -19.27 9.56 -6.47
C ASN A 421 -18.70 9.27 -7.86
N LEU A 422 -17.81 8.29 -7.97
CA LEU A 422 -17.27 7.91 -9.26
C LEU A 422 -18.30 7.17 -10.10
N ILE A 423 -19.01 6.23 -9.48
CA ILE A 423 -20.03 5.45 -10.20
C ILE A 423 -21.19 6.35 -10.62
N GLY A 424 -21.50 7.35 -9.81
CA GLY A 424 -22.48 8.34 -10.24
C GLY A 424 -21.96 9.21 -11.36
N MET A 425 -20.65 9.36 -11.46
CA MET A 425 -20.09 10.17 -12.53
C MET A 425 -19.85 9.34 -13.78
N MET A 426 -19.51 8.05 -13.61
CA MET A 426 -19.31 7.19 -14.78
C MET A 426 -20.62 6.90 -15.48
N LEU A 427 -21.72 6.77 -14.72
CA LEU A 427 -23.01 6.57 -15.36
C LEU A 427 -23.49 7.84 -16.04
N LEU A 428 -23.13 8.99 -15.50
CA LEU A 428 -23.60 10.23 -16.08
C LEU A 428 -22.78 10.59 -17.31
N LEU A 429 -21.49 10.34 -17.29
CA LEU A 429 -20.67 10.59 -18.47
C LEU A 429 -20.99 9.62 -19.58
N CYS A 430 -21.34 8.38 -19.25
CA CYS A 430 -21.76 7.43 -20.27
C CYS A 430 -23.13 7.78 -20.84
N HIS A 431 -23.95 8.49 -20.07
CA HIS A 431 -25.25 8.89 -20.55
C HIS A 431 -25.15 10.12 -21.44
N TRP A 432 -24.31 11.08 -21.09
CA TRP A 432 -24.08 12.22 -21.95
C TRP A 432 -23.36 11.82 -23.22
N ASP A 433 -22.42 10.88 -23.12
CA ASP A 433 -21.72 10.36 -24.29
C ASP A 433 -22.68 9.60 -25.18
N GLY A 434 -23.65 8.91 -24.59
CA GLY A 434 -24.64 8.20 -25.40
C GLY A 434 -25.53 9.15 -26.17
N CYS A 435 -25.78 10.33 -25.61
CA CYS A 435 -26.54 11.32 -26.36
C CYS A 435 -25.66 12.07 -27.33
N LEU A 436 -24.35 12.11 -27.06
CA LEU A 436 -23.46 12.86 -27.92
C LEU A 436 -23.12 12.08 -29.18
N GLN A 437 -23.19 10.75 -29.11
CA GLN A 437 -23.00 9.94 -30.30
C GLN A 437 -24.16 10.09 -31.27
N PHE A 438 -25.30 10.59 -30.79
CA PHE A 438 -26.45 10.80 -31.66
C PHE A 438 -26.67 12.27 -31.97
N LEU A 439 -26.17 13.18 -31.14
CA LEU A 439 -26.37 14.60 -31.37
C LEU A 439 -25.57 15.09 -32.58
N VAL A 440 -24.29 14.76 -32.61
CA VAL A 440 -23.36 15.28 -33.62
C VAL A 440 -23.69 14.76 -35.02
N PRO A 441 -24.12 13.50 -35.23
CA PRO A 441 -24.73 13.20 -36.53
C PRO A 441 -26.07 13.89 -36.77
N MET A 442 -26.84 14.20 -35.74
CA MET A 442 -28.14 14.84 -35.97
C MET A 442 -27.96 16.29 -36.38
N LEU A 443 -26.99 16.98 -35.80
CA LEU A 443 -26.66 18.35 -36.19
C LEU A 443 -26.09 18.43 -37.59
N GLN A 444 -25.54 17.34 -38.10
CA GLN A 444 -25.00 17.32 -39.45
C GLN A 444 -25.97 16.72 -40.45
N ASP A 445 -27.26 16.68 -40.11
CA ASP A 445 -28.36 16.23 -40.98
C ASP A 445 -28.18 14.79 -41.43
N PHE A 446 -27.57 13.97 -40.57
CA PHE A 446 -27.34 12.54 -40.78
C PHE A 446 -26.63 12.24 -42.09
N PRO A 447 -25.31 12.47 -42.17
CA PRO A 447 -24.57 12.19 -43.39
C PRO A 447 -24.55 10.70 -43.70
N ASP A 448 -24.26 10.37 -44.95
CA ASP A 448 -24.43 9.00 -45.44
C ASP A 448 -23.35 8.04 -44.96
N ASP A 449 -22.42 8.56 -44.15
CA ASP A 449 -21.34 7.70 -43.58
C ASP A 449 -21.49 7.59 -42.06
N CYS A 450 -22.42 8.35 -41.46
CA CYS A 450 -22.56 8.35 -39.98
C CYS A 450 -23.11 7.02 -39.47
N TRP A 451 -22.73 6.63 -38.25
CA TRP A 451 -23.18 5.33 -37.67
C TRP A 451 -24.70 5.22 -37.80
N VAL A 452 -25.43 6.30 -37.54
CA VAL A 452 -26.90 6.22 -37.60
C VAL A 452 -27.36 5.76 -38.98
N SER A 453 -26.80 6.29 -40.06
CA SER A 453 -27.36 5.89 -41.37
C SER A 453 -27.06 4.41 -41.65
N LEU A 454 -25.78 4.07 -41.69
CA LEU A 454 -25.39 2.70 -42.05
C LEU A 454 -26.22 1.73 -41.22
N ASN A 455 -26.38 2.01 -39.93
CA ASN A 455 -27.13 1.02 -39.10
C ASN A 455 -28.61 1.14 -39.41
N ASN A 456 -29.01 2.15 -40.19
CA ASN A 456 -30.43 2.36 -40.51
C ASN A 456 -31.22 2.58 -39.23
N MET A 457 -30.96 3.68 -38.53
CA MET A 457 -31.62 4.06 -37.29
C MET A 457 -32.08 5.51 -37.34
N VAL A 458 -32.50 5.96 -38.52
CA VAL A 458 -32.98 7.32 -38.67
C VAL A 458 -34.44 7.42 -38.24
N ASN A 459 -35.25 6.43 -38.61
CA ASN A 459 -36.68 6.48 -38.35
C ASN A 459 -37.14 5.38 -37.42
N ASN A 460 -36.37 5.10 -36.37
CA ASN A 460 -36.87 4.22 -35.31
C ASN A 460 -37.45 5.07 -34.20
N SER A 461 -37.91 4.39 -33.14
CA SER A 461 -38.41 5.09 -31.97
C SER A 461 -37.25 5.71 -31.20
N TRP A 462 -37.57 6.63 -30.29
CA TRP A 462 -36.51 7.24 -29.51
C TRP A 462 -36.08 6.35 -28.37
N GLY A 463 -36.68 5.19 -28.30
CA GLY A 463 -36.16 4.21 -27.35
C GLY A 463 -34.94 3.53 -27.90
N LYS A 464 -35.03 3.05 -29.12
CA LYS A 464 -33.87 2.38 -29.75
C LYS A 464 -32.77 3.41 -29.98
N GLN A 465 -33.04 4.52 -30.65
CA GLN A 465 -31.93 5.46 -30.96
C GLN A 465 -31.06 5.59 -29.70
N TYR A 466 -31.69 5.99 -28.59
CA TYR A 466 -30.91 6.20 -27.34
C TYR A 466 -30.26 4.88 -26.92
N SER A 467 -30.99 3.76 -26.99
CA SER A 467 -30.41 2.50 -26.47
C SER A 467 -29.15 2.14 -27.28
N TYR A 468 -29.25 2.23 -28.60
CA TYR A 468 -28.10 1.85 -29.45
C TYR A 468 -26.94 2.80 -29.20
N ALA A 469 -27.23 4.10 -29.04
CA ALA A 469 -26.17 5.09 -28.77
C ALA A 469 -25.48 4.80 -27.44
N LEU A 470 -26.25 4.45 -26.41
CA LEU A 470 -25.67 4.13 -25.07
C LEU A 470 -24.79 2.89 -25.24
N PHE A 471 -25.24 1.92 -26.04
CA PHE A 471 -24.37 0.74 -26.31
C PHE A 471 -23.04 1.24 -26.86
N LYS A 472 -23.06 2.04 -27.93
CA LYS A 472 -21.81 2.42 -28.63
C LYS A 472 -20.90 3.08 -27.60
N ALA A 473 -21.43 3.98 -26.78
CA ALA A 473 -20.60 4.72 -25.82
C ALA A 473 -20.00 3.77 -24.82
N MET A 474 -20.79 2.85 -24.31
CA MET A 474 -20.30 1.89 -23.28
C MET A 474 -19.24 0.98 -23.91
N SER A 475 -19.43 0.55 -25.16
CA SER A 475 -18.40 -0.27 -25.82
C SER A 475 -17.10 0.54 -25.89
N HIS A 476 -17.16 1.79 -26.33
CA HIS A 476 -15.93 2.61 -26.49
C HIS A 476 -15.27 2.80 -25.14
N MET A 477 -16.06 2.98 -24.08
CA MET A 477 -15.50 3.28 -22.74
C MET A 477 -15.05 2.01 -22.05
N LEU A 478 -15.92 1.00 -21.98
CA LEU A 478 -15.65 -0.13 -21.06
C LEU A 478 -14.57 -1.05 -21.64
N CYS A 479 -13.95 -0.67 -22.76
CA CYS A 479 -12.82 -1.43 -23.36
C CYS A 479 -13.26 -2.46 -24.40
N ILE A 480 -14.54 -2.57 -24.70
CA ILE A 480 -14.99 -3.50 -25.76
C ILE A 480 -14.83 -2.83 -27.12
N GLY A 481 -15.06 -3.55 -28.21
CA GLY A 481 -14.94 -3.01 -29.58
C GLY A 481 -16.30 -2.82 -30.23
N TYR A 482 -16.48 -1.77 -31.02
CA TYR A 482 -17.80 -1.45 -31.62
C TYR A 482 -18.14 -2.48 -32.69
N GLY A 483 -19.39 -2.52 -33.16
CA GLY A 483 -19.82 -3.63 -34.05
C GLY A 483 -19.40 -3.55 -35.50
N ARG A 484 -18.09 -3.62 -35.78
CA ARG A 484 -17.60 -3.73 -37.17
C ARG A 484 -17.79 -2.41 -37.91
N GLN A 485 -18.37 -1.41 -37.23
CA GLN A 485 -18.51 -0.08 -37.85
C GLN A 485 -17.22 0.67 -37.51
N ALA A 486 -16.13 0.34 -38.22
CA ALA A 486 -14.89 1.11 -37.99
C ALA A 486 -15.23 2.55 -38.32
N PRO A 487 -15.00 3.52 -37.41
CA PRO A 487 -15.38 4.90 -37.67
C PRO A 487 -14.97 5.25 -39.10
N MET A 488 -15.92 5.60 -39.96
CA MET A 488 -15.55 5.82 -41.38
C MET A 488 -15.71 7.30 -41.75
N GLY A 489 -16.22 8.11 -40.83
CA GLY A 489 -16.40 9.55 -41.08
C GLY A 489 -15.62 10.37 -40.08
N MET A 490 -14.93 11.41 -40.53
CA MET A 490 -14.06 12.17 -39.58
C MET A 490 -14.81 12.45 -38.27
N SER A 491 -16.07 12.90 -38.31
CA SER A 491 -16.77 13.22 -37.05
C SER A 491 -16.76 11.98 -36.18
N ASP A 492 -17.06 10.83 -36.78
CA ASP A 492 -17.19 9.59 -36.00
C ASP A 492 -15.85 9.12 -35.46
N VAL A 493 -14.77 9.33 -36.22
CA VAL A 493 -13.45 8.93 -35.75
C VAL A 493 -13.04 9.75 -34.54
N TRP A 494 -13.27 11.05 -34.57
CA TRP A 494 -12.83 11.88 -33.46
C TRP A 494 -13.77 11.78 -32.26
N LEU A 495 -15.04 11.40 -32.47
CA LEU A 495 -15.89 11.15 -31.32
C LEU A 495 -15.56 9.84 -30.65
N THR A 496 -15.28 8.80 -31.43
CA THR A 496 -14.89 7.53 -30.85
C THR A 496 -13.57 7.64 -30.11
N MET A 497 -12.61 8.35 -30.70
CA MET A 497 -11.34 8.61 -30.03
C MET A 497 -11.52 9.51 -28.81
N LEU A 498 -12.52 10.36 -28.81
CA LEU A 498 -12.86 11.09 -27.59
C LEU A 498 -13.39 10.15 -26.53
N SER A 499 -14.28 9.23 -26.93
CA SER A 499 -14.91 8.37 -25.93
C SER A 499 -13.99 7.27 -25.46
N MET A 500 -13.02 6.86 -26.29
CA MET A 500 -12.06 5.86 -25.87
C MET A 500 -11.13 6.41 -24.80
N ILE A 501 -10.73 7.68 -24.92
CA ILE A 501 -9.81 8.27 -23.96
C ILE A 501 -10.55 8.61 -22.67
N VAL A 502 -11.76 9.14 -22.80
CA VAL A 502 -12.59 9.44 -21.63
C VAL A 502 -12.99 8.17 -20.92
N GLY A 503 -13.34 7.13 -21.67
CA GLY A 503 -13.80 5.91 -21.04
C GLY A 503 -12.71 5.08 -20.40
N ALA A 504 -11.53 5.04 -21.01
CA ALA A 504 -10.45 4.25 -20.43
C ALA A 504 -9.80 4.98 -19.26
N THR A 505 -9.97 6.29 -19.20
CA THR A 505 -9.46 7.03 -18.04
C THR A 505 -10.36 6.84 -16.83
N CYS A 506 -11.67 6.85 -17.05
CA CYS A 506 -12.60 6.62 -15.95
C CYS A 506 -12.58 5.17 -15.50
N TYR A 507 -12.28 4.25 -16.40
CA TYR A 507 -12.20 2.85 -15.99
C TYR A 507 -10.90 2.57 -15.24
N ALA A 508 -9.81 3.24 -15.60
CA ALA A 508 -8.57 3.04 -14.86
C ALA A 508 -8.64 3.69 -13.49
N MET A 509 -9.43 4.74 -13.35
CA MET A 509 -9.67 5.30 -12.03
C MET A 509 -10.62 4.43 -11.23
N PHE A 510 -11.41 3.59 -11.89
CA PHE A 510 -12.28 2.69 -11.16
C PHE A 510 -11.48 1.54 -10.56
N ILE A 511 -10.44 1.08 -11.25
CA ILE A 511 -9.58 0.04 -10.70
C ILE A 511 -8.75 0.61 -9.56
N GLY A 512 -8.42 1.90 -9.63
CA GLY A 512 -7.66 2.51 -8.56
C GLY A 512 -8.44 2.66 -7.28
N HIS A 513 -9.72 2.97 -7.37
CA HIS A 513 -10.53 3.04 -6.16
C HIS A 513 -10.89 1.67 -5.64
N ALA A 514 -11.10 0.70 -6.53
CA ALA A 514 -11.45 -0.65 -6.09
C ALA A 514 -10.27 -1.32 -5.41
N THR A 515 -9.05 -0.97 -5.81
CA THR A 515 -7.88 -1.52 -5.14
C THR A 515 -7.69 -0.89 -3.76
N ALA A 516 -7.91 0.41 -3.65
CA ALA A 516 -7.77 1.08 -2.36
C ALA A 516 -8.86 0.69 -1.40
N LEU A 517 -10.03 0.30 -1.90
CA LEU A 517 -11.09 -0.20 -1.02
C LEU A 517 -10.74 -1.57 -0.47
N ILE A 518 -10.17 -2.45 -1.30
CA ILE A 518 -9.86 -3.81 -0.88
C ILE A 518 -8.72 -3.82 0.13
N GLN A 519 -7.73 -2.96 -0.05
CA GLN A 519 -6.62 -2.92 0.89
C GLN A 519 -6.96 -2.27 2.23
N SER A 520 -8.21 -1.90 2.48
CA SER A 520 -8.63 -1.43 3.80
C SER A 520 -9.97 -2.06 4.17
N LEU A 521 -10.10 -3.35 3.90
CA LEU A 521 -11.29 -4.08 4.29
C LEU A 521 -11.13 -4.76 5.65
N ASP A 522 -10.08 -5.55 5.78
CA ASP A 522 -9.95 -6.49 6.89
C ASP A 522 -8.53 -6.34 7.44
N SER A 523 -8.41 -5.46 8.44
CA SER A 523 -7.10 -4.90 8.77
C SER A 523 -6.42 -5.65 9.91
N SER A 524 -7.18 -5.81 10.99
CA SER A 524 -6.63 -6.47 12.21
C SER A 524 -6.10 -7.84 11.80
N ARG A 525 -6.94 -8.60 11.12
CA ARG A 525 -6.51 -9.98 10.76
C ARG A 525 -5.29 -9.82 9.88
N ARG A 526 -5.32 -8.86 8.96
CA ARG A 526 -4.13 -8.65 8.11
C ARG A 526 -2.96 -8.38 9.04
N GLN A 527 -3.21 -7.62 10.10
CA GLN A 527 -2.11 -7.22 10.96
C GLN A 527 -1.65 -8.38 11.84
N TYR A 528 -2.58 -9.28 12.17
CA TYR A 528 -2.22 -10.51 12.86
C TYR A 528 -1.37 -11.42 11.98
N GLN A 529 -1.72 -11.53 10.70
CA GLN A 529 -1.05 -12.47 9.83
C GLN A 529 0.28 -11.92 9.33
N GLU A 530 0.37 -10.60 9.13
CA GLU A 530 1.64 -10.01 8.72
C GLU A 530 2.66 -10.08 9.85
N LYS A 531 2.19 -10.05 11.10
CA LYS A 531 3.10 -10.23 12.21
C LYS A 531 3.52 -11.69 12.32
N TYR A 532 2.57 -12.61 12.16
CA TYR A 532 2.88 -14.03 12.31
C TYR A 532 3.69 -14.56 11.14
N LYS A 533 3.59 -13.93 9.97
CA LYS A 533 4.48 -14.29 8.87
C LYS A 533 5.92 -13.89 9.17
N GLN A 534 6.12 -12.80 9.91
CA GLN A 534 7.45 -12.47 10.38
C GLN A 534 7.89 -13.44 11.47
N VAL A 535 6.94 -14.01 12.20
CA VAL A 535 7.29 -15.05 13.17
C VAL A 535 7.70 -16.31 12.44
N GLU A 536 6.98 -16.66 11.37
CA GLU A 536 7.28 -17.89 10.61
C GLU A 536 8.65 -17.82 9.96
N GLN A 537 9.00 -16.68 9.37
CA GLN A 537 10.29 -16.58 8.71
C GLN A 537 11.43 -16.44 9.71
N TYR A 538 11.13 -15.97 10.92
CA TYR A 538 12.14 -15.94 11.96
C TYR A 538 12.46 -17.34 12.45
N MET A 539 11.47 -18.22 12.45
CA MET A 539 11.71 -19.57 12.96
C MET A 539 12.47 -20.41 11.94
N SER A 540 12.30 -20.12 10.65
CA SER A 540 13.03 -20.86 9.64
C SER A 540 14.42 -20.28 9.40
N PHE A 541 14.63 -19.03 9.78
CA PHE A 541 15.96 -18.43 9.65
C PHE A 541 16.93 -19.02 10.67
N HIS A 542 16.43 -19.34 11.85
CA HIS A 542 17.24 -19.93 12.90
C HIS A 542 17.07 -21.44 12.99
N LYS A 543 16.19 -22.02 12.17
CA LYS A 543 15.99 -23.46 12.02
C LYS A 543 15.61 -24.12 13.34
N LEU A 544 14.46 -23.74 13.88
CA LEU A 544 13.99 -24.31 15.12
C LEU A 544 13.52 -25.75 14.89
N PRO A 545 13.49 -26.58 15.93
CA PRO A 545 12.87 -27.89 15.81
C PRO A 545 11.38 -27.77 15.57
N PRO A 546 10.77 -28.75 14.92
CA PRO A 546 9.33 -28.65 14.62
C PRO A 546 8.42 -28.74 15.83
N ASP A 547 8.90 -29.23 16.97
CA ASP A 547 8.08 -29.23 18.17
C ASP A 547 7.98 -27.82 18.76
N THR A 548 9.10 -27.09 18.76
CA THR A 548 9.06 -25.72 19.23
C THR A 548 8.35 -24.82 18.24
N ARG A 549 8.34 -25.19 16.96
CA ARG A 549 7.52 -24.45 16.01
C ARG A 549 6.05 -24.71 16.26
N GLN A 550 5.71 -25.89 16.78
CA GLN A 550 4.31 -26.20 17.05
C GLN A 550 3.82 -25.46 18.29
N ARG A 551 4.68 -25.35 19.30
CA ARG A 551 4.26 -24.69 20.55
C ARG A 551 4.09 -23.20 20.34
N ILE A 552 4.99 -22.56 19.57
CA ILE A 552 4.87 -21.16 19.26
C ILE A 552 3.66 -20.90 18.37
N HIS A 553 3.32 -21.85 17.49
CA HIS A 553 2.06 -21.64 16.75
C HIS A 553 0.89 -21.88 17.69
N ASP A 554 1.03 -22.76 18.69
CA ASP A 554 -0.06 -22.87 19.66
C ASP A 554 -0.13 -21.65 20.57
N TYR A 555 0.94 -20.86 20.62
CA TYR A 555 0.93 -19.68 21.48
C TYR A 555 0.02 -18.60 20.93
N TYR A 556 0.27 -18.19 19.68
CA TYR A 556 -0.38 -17.01 19.11
C TYR A 556 -1.89 -17.16 18.99
N GLU A 557 -2.36 -18.35 18.65
CA GLU A 557 -3.80 -18.54 18.54
C GLU A 557 -4.48 -18.69 19.90
N HIS A 558 -3.74 -18.96 20.96
CA HIS A 558 -4.28 -18.90 22.31
C HIS A 558 -4.05 -17.55 22.97
N ARG A 559 -2.96 -16.86 22.63
CA ARG A 559 -2.74 -15.54 23.18
C ARG A 559 -3.56 -14.49 22.46
N TYR A 560 -3.49 -14.47 21.13
CA TYR A 560 -4.11 -13.39 20.38
C TYR A 560 -5.43 -13.76 19.74
N GLN A 561 -5.69 -15.05 19.51
CA GLN A 561 -6.93 -15.59 18.97
C GLN A 561 -7.26 -15.01 17.60
N GLY A 562 -6.24 -14.84 16.76
CA GLY A 562 -6.46 -14.50 15.38
C GLY A 562 -6.55 -13.02 15.07
N LYS A 563 -6.78 -12.18 16.07
CA LYS A 563 -6.83 -10.74 15.86
C LYS A 563 -5.84 -10.07 16.79
N MET A 564 -4.96 -9.24 16.24
CA MET A 564 -3.92 -8.58 17.00
C MET A 564 -4.20 -7.09 17.09
N PHE A 565 -4.58 -6.64 18.28
CA PHE A 565 -4.83 -5.23 18.54
C PHE A 565 -3.61 -4.67 19.24
N ASP A 566 -3.44 -3.35 19.17
CA ASP A 566 -2.47 -2.66 20.00
C ASP A 566 -3.23 -2.05 21.15
N GLU A 567 -3.38 -2.82 22.23
CA GLU A 567 -4.28 -2.44 23.32
C GLU A 567 -3.76 -1.23 24.10
N GLU A 568 -2.45 -1.01 24.07
CA GLU A 568 -1.88 0.10 24.85
C GLU A 568 -2.26 1.45 24.26
N SER A 569 -2.18 1.59 22.93
CA SER A 569 -2.51 2.87 22.32
C SER A 569 -4.01 3.10 22.27
N ILE A 570 -4.80 2.04 22.07
CA ILE A 570 -6.24 2.18 21.97
C ILE A 570 -6.83 2.61 23.31
N LEU A 571 -6.29 2.08 24.40
CA LEU A 571 -6.68 2.59 25.71
C LEU A 571 -6.13 3.98 25.97
N GLY A 572 -4.89 4.24 25.58
CA GLY A 572 -4.22 5.47 25.98
C GLY A 572 -4.76 6.72 25.32
N GLU A 573 -5.40 6.57 24.17
CA GLU A 573 -5.98 7.73 23.52
C GLU A 573 -7.28 8.15 24.18
N LEU A 574 -7.91 7.25 24.93
CA LEU A 574 -9.19 7.55 25.54
C LEU A 574 -9.00 8.42 26.77
N SER A 575 -10.14 8.85 27.34
CA SER A 575 -10.12 9.62 28.60
C SER A 575 -10.01 8.66 29.79
N GLU A 576 -9.57 9.16 30.94
CA GLU A 576 -9.38 8.28 32.12
C GLU A 576 -10.73 7.69 32.53
N PRO A 577 -11.82 8.48 32.55
CA PRO A 577 -13.13 7.98 32.95
C PRO A 577 -13.63 6.85 32.04
N LEU A 578 -12.96 6.64 30.89
CA LEU A 578 -13.33 5.56 30.00
C LEU A 578 -12.39 4.37 30.15
N ARG A 579 -11.13 4.62 30.48
CA ARG A 579 -10.23 3.51 30.82
C ARG A 579 -10.65 2.88 32.14
N GLU A 580 -11.27 3.66 33.02
CA GLU A 580 -11.80 3.07 34.24
C GLU A 580 -13.05 2.26 33.96
N GLU A 581 -13.74 2.55 32.86
CA GLU A 581 -15.01 1.88 32.61
C GLU A 581 -14.81 0.62 31.77
N ILE A 582 -13.86 0.64 30.83
CA ILE A 582 -13.61 -0.53 30.00
C ILE A 582 -12.93 -1.62 30.80
N ILE A 583 -11.90 -1.25 31.59
CA ILE A 583 -11.14 -2.24 32.33
C ILE A 583 -11.98 -2.83 33.47
N ASN A 584 -12.93 -2.03 33.96
CA ASN A 584 -13.90 -2.55 34.96
C ASN A 584 -14.93 -3.47 34.28
N PHE A 585 -15.04 -3.42 32.95
CA PHE A 585 -15.91 -4.34 32.25
C PHE A 585 -15.16 -5.59 31.81
N ASN A 586 -13.90 -5.44 31.38
CA ASN A 586 -13.12 -6.57 30.93
C ASN A 586 -12.70 -7.51 32.05
N CYS A 587 -12.74 -7.06 33.30
CA CYS A 587 -12.25 -7.85 34.41
C CYS A 587 -13.37 -8.21 35.38
N ARG A 588 -14.62 -8.16 34.90
CA ARG A 588 -15.74 -8.54 35.75
C ARG A 588 -15.74 -10.03 36.08
N LYS A 589 -15.15 -10.87 35.22
CA LYS A 589 -15.04 -12.28 35.53
C LYS A 589 -13.97 -12.52 36.58
N LEU A 590 -13.01 -11.60 36.69
CA LEU A 590 -12.00 -11.71 37.73
C LEU A 590 -12.50 -11.11 39.04
N VAL A 591 -13.20 -9.99 38.97
CA VAL A 591 -13.66 -9.30 40.18
C VAL A 591 -14.74 -10.11 40.88
N ALA A 592 -15.70 -10.64 40.12
CA ALA A 592 -16.82 -11.35 40.73
C ALA A 592 -16.40 -12.71 41.25
N SER A 593 -15.31 -13.28 40.72
CA SER A 593 -14.90 -14.61 41.14
C SER A 593 -13.91 -14.58 42.30
N MET A 594 -13.11 -13.53 42.41
CA MET A 594 -12.19 -13.46 43.54
C MET A 594 -12.93 -13.07 44.81
N PRO A 595 -12.53 -13.62 45.96
CA PRO A 595 -13.12 -13.18 47.23
C PRO A 595 -12.52 -11.88 47.73
N LEU A 596 -11.41 -11.47 47.13
CA LEU A 596 -10.74 -10.24 47.54
C LEU A 596 -11.50 -9.00 47.08
N PHE A 597 -11.95 -8.99 45.83
CA PHE A 597 -12.46 -7.76 45.22
C PHE A 597 -13.91 -7.47 45.59
N ALA A 598 -14.68 -8.48 46.00
CA ALA A 598 -16.07 -8.25 46.38
C ALA A 598 -16.19 -7.60 47.75
N ASN A 599 -15.10 -7.55 48.52
CA ASN A 599 -15.09 -6.93 49.84
C ASN A 599 -14.08 -5.81 49.91
N ALA A 600 -14.05 -4.93 48.92
CA ALA A 600 -13.03 -3.89 48.86
C ALA A 600 -13.62 -2.56 48.43
N ASP A 601 -12.81 -1.51 48.55
CA ASP A 601 -13.19 -0.18 48.10
C ASP A 601 -13.21 -0.14 46.57
N PRO A 602 -14.20 0.52 45.97
CA PRO A 602 -14.27 0.51 44.50
C PRO A 602 -13.20 1.36 43.83
N ASN A 603 -12.60 2.32 44.54
CA ASN A 603 -11.44 3.01 43.98
C ASN A 603 -10.21 2.10 44.01
N PHE A 604 -10.12 1.25 45.04
CA PHE A 604 -9.02 0.30 45.14
C PHE A 604 -9.08 -0.73 44.03
N VAL A 605 -10.28 -1.16 43.66
CA VAL A 605 -10.43 -2.14 42.59
C VAL A 605 -10.06 -1.52 41.25
N THR A 606 -10.42 -0.26 41.04
CA THR A 606 -10.11 0.38 39.78
C THR A 606 -8.62 0.72 39.70
N SER A 607 -8.00 1.05 40.84
CA SER A 607 -6.58 1.35 40.82
C SER A 607 -5.75 0.09 40.69
N MET A 608 -6.29 -1.06 41.08
CA MET A 608 -5.59 -2.32 40.88
C MET A 608 -5.64 -2.75 39.42
N LEU A 609 -6.82 -2.68 38.80
CA LEU A 609 -7.02 -3.26 37.48
C LEU A 609 -6.34 -2.47 36.37
N THR A 610 -5.96 -1.23 36.61
CA THR A 610 -5.25 -0.48 35.58
C THR A 610 -3.79 -0.86 35.48
N LYS A 611 -3.26 -1.59 36.47
CA LYS A 611 -1.85 -1.94 36.49
C LYS A 611 -1.55 -3.29 35.85
N LEU A 612 -2.55 -4.14 35.69
CA LEU A 612 -2.32 -5.53 35.34
C LEU A 612 -2.00 -5.71 33.86
N ARG A 613 -1.30 -6.79 33.56
CA ARG A 613 -0.93 -7.15 32.20
C ARG A 613 -1.22 -8.62 31.96
N PHE A 614 -1.61 -8.96 30.73
CA PHE A 614 -2.23 -10.22 30.43
C PHE A 614 -1.20 -11.20 29.89
N GLU A 615 -1.14 -12.41 30.48
CA GLU A 615 -0.13 -13.40 30.10
C GLU A 615 -0.76 -14.76 29.90
N VAL A 616 -0.16 -15.55 29.02
CA VAL A 616 -0.62 -16.88 28.64
C VAL A 616 0.51 -17.87 28.82
N PHE A 617 0.24 -18.97 29.52
CA PHE A 617 1.21 -20.03 29.74
C PHE A 617 0.62 -21.35 29.27
N GLN A 618 1.36 -22.07 28.43
CA GLN A 618 0.95 -23.37 27.96
C GLN A 618 1.19 -24.42 29.04
N PRO A 619 0.51 -25.58 28.99
CA PRO A 619 0.74 -26.60 30.00
C PRO A 619 2.15 -27.19 29.93
N GLY A 620 2.71 -27.47 31.10
CA GLY A 620 4.07 -27.93 31.22
C GLY A 620 5.06 -26.83 31.51
N ASP A 621 4.69 -25.57 31.28
CA ASP A 621 5.61 -24.47 31.49
C ASP A 621 5.78 -24.19 32.97
N TYR A 622 6.99 -23.81 33.36
CA TYR A 622 7.25 -23.39 34.73
C TYR A 622 7.11 -21.88 34.82
N ILE A 623 6.02 -21.43 35.44
CA ILE A 623 5.75 -20.00 35.57
C ILE A 623 6.72 -19.39 36.57
N ILE A 624 6.85 -20.01 37.73
CA ILE A 624 7.75 -19.55 38.79
C ILE A 624 8.64 -20.70 39.19
N ARG A 625 9.95 -20.49 39.08
CA ARG A 625 10.94 -21.47 39.50
C ARG A 625 11.40 -21.13 40.91
N GLU A 626 11.46 -22.14 41.77
CA GLU A 626 11.86 -21.95 43.15
C GLU A 626 13.35 -21.62 43.24
N GLY A 627 13.68 -20.60 44.03
CA GLY A 627 15.06 -20.21 44.21
C GLY A 627 15.52 -19.06 43.35
N THR A 628 14.60 -18.25 42.85
CA THR A 628 14.95 -17.05 42.10
C THR A 628 14.40 -15.83 42.84
N ILE A 629 14.72 -14.64 42.33
CA ILE A 629 14.26 -13.40 42.93
C ILE A 629 12.90 -13.05 42.34
N GLY A 630 11.91 -12.85 43.19
CA GLY A 630 10.55 -12.61 42.73
C GLY A 630 10.36 -11.19 42.23
N LYS A 631 9.65 -11.04 41.11
CA LYS A 631 9.49 -9.68 40.51
C LYS A 631 8.04 -9.41 40.11
N LYS A 632 7.17 -10.43 40.17
CA LYS A 632 5.77 -10.23 39.68
C LYS A 632 4.75 -10.96 40.56
N MET A 633 3.49 -10.55 40.48
CA MET A 633 2.39 -11.23 41.24
C MET A 633 1.33 -11.66 40.22
N TYR A 634 0.73 -12.83 40.42
CA TYR A 634 -0.14 -13.45 39.43
C TYR A 634 -1.56 -13.60 39.96
N PHE A 635 -2.53 -13.26 39.12
CA PHE A 635 -3.94 -13.55 39.36
C PHE A 635 -4.42 -14.53 38.29
N ILE A 636 -5.20 -15.53 38.71
CA ILE A 636 -5.58 -16.62 37.83
C ILE A 636 -6.95 -16.32 37.24
N GLN A 637 -6.99 -16.01 35.95
CA GLN A 637 -8.29 -15.88 35.31
C GLN A 637 -8.82 -17.24 34.87
N HIS A 638 -8.04 -17.98 34.08
CA HIS A 638 -8.50 -19.26 33.58
C HIS A 638 -7.58 -20.37 34.07
N GLY A 639 -8.18 -21.50 34.42
CA GLY A 639 -7.47 -22.75 34.57
C GLY A 639 -6.89 -22.93 35.97
N VAL A 640 -6.14 -24.02 36.11
CA VAL A 640 -5.53 -24.40 37.37
C VAL A 640 -4.02 -24.52 37.20
N VAL A 641 -3.30 -24.29 38.31
CA VAL A 641 -1.85 -24.43 38.36
C VAL A 641 -1.50 -25.37 39.49
N SER A 642 -0.23 -25.75 39.54
CA SER A 642 0.27 -26.70 40.53
C SER A 642 1.40 -26.06 41.29
N VAL A 643 1.15 -25.71 42.55
CA VAL A 643 2.22 -25.21 43.41
C VAL A 643 3.03 -26.41 43.90
N LEU A 644 4.24 -26.55 43.39
CA LEU A 644 5.12 -27.65 43.77
C LEU A 644 5.99 -27.20 44.93
N THR A 645 5.90 -27.92 46.03
CA THR A 645 6.53 -27.52 47.28
C THR A 645 7.67 -28.47 47.60
N LYS A 646 8.81 -27.90 48.00
CA LYS A 646 9.97 -28.69 48.40
C LYS A 646 9.66 -29.47 49.67
N GLY A 647 9.49 -30.78 49.54
CA GLY A 647 9.25 -31.63 50.68
C GLY A 647 7.81 -31.74 51.12
N ASN A 648 6.87 -31.20 50.35
CA ASN A 648 5.46 -31.30 50.69
C ASN A 648 4.65 -31.69 49.46
N LYS A 649 3.37 -31.97 49.71
CA LYS A 649 2.45 -32.38 48.66
C LYS A 649 2.11 -31.20 47.77
N GLU A 650 1.94 -31.48 46.48
CA GLU A 650 1.47 -30.47 45.53
C GLU A 650 0.03 -30.09 45.82
N THR A 651 -0.32 -28.85 45.51
CA THR A 651 -1.68 -28.34 45.67
C THR A 651 -2.08 -27.52 44.46
N LYS A 652 -3.39 -27.46 44.21
CA LYS A 652 -3.92 -26.74 43.06
C LYS A 652 -4.51 -25.41 43.49
N LEU A 653 -4.53 -24.46 42.56
CA LEU A 653 -5.19 -23.19 42.74
C LEU A 653 -6.15 -22.97 41.59
N ALA A 654 -7.30 -22.35 41.87
CA ALA A 654 -8.39 -22.30 40.91
C ALA A 654 -8.58 -20.89 40.37
N ASP A 655 -9.64 -20.71 39.59
CA ASP A 655 -9.93 -19.41 38.99
C ASP A 655 -10.33 -18.42 40.06
N GLY A 656 -9.41 -17.52 40.40
CA GLY A 656 -9.66 -16.53 41.42
C GLY A 656 -8.69 -16.58 42.57
N SER A 657 -7.90 -17.64 42.71
CA SER A 657 -6.82 -17.62 43.66
C SER A 657 -5.63 -16.89 43.06
N TYR A 658 -4.73 -16.42 43.93
CA TYR A 658 -3.59 -15.64 43.51
C TYR A 658 -2.33 -16.14 44.18
N PHE A 659 -1.21 -16.02 43.46
CA PHE A 659 0.06 -16.50 43.97
C PHE A 659 1.15 -15.53 43.56
N GLY A 660 2.24 -15.55 44.31
CA GLY A 660 3.36 -14.66 44.06
C GLY A 660 3.23 -13.37 44.84
N GLU A 661 2.97 -13.48 46.14
CA GLU A 661 2.88 -12.32 47.01
C GLU A 661 3.77 -12.43 48.24
N ILE A 662 4.27 -13.63 48.56
CA ILE A 662 5.13 -13.80 49.73
C ILE A 662 6.47 -13.13 49.50
N CYS A 663 6.98 -13.22 48.28
CA CYS A 663 8.30 -12.68 47.96
C CYS A 663 8.29 -11.17 47.84
N LEU A 664 7.12 -10.58 47.61
CA LEU A 664 7.02 -9.13 47.47
C LEU A 664 6.88 -8.42 48.80
N LEU A 665 6.41 -9.11 49.84
CA LEU A 665 6.29 -8.51 51.15
C LEU A 665 7.59 -8.57 51.94
N THR A 666 8.47 -9.50 51.61
CA THR A 666 9.72 -9.68 52.35
C THR A 666 10.96 -9.30 51.57
N ARG A 667 10.83 -9.09 50.25
CA ARG A 667 11.95 -8.85 49.31
C ARG A 667 12.95 -10.01 49.35
N GLY A 668 12.46 -11.21 49.57
CA GLY A 668 13.29 -12.39 49.59
C GLY A 668 13.32 -13.06 48.24
N ARG A 669 13.60 -14.37 48.26
CA ARG A 669 13.67 -15.15 47.03
C ARG A 669 12.46 -16.05 46.96
N ARG A 670 12.32 -16.75 45.82
CA ARG A 670 11.16 -17.59 45.60
C ARG A 670 11.18 -18.80 46.51
N THR A 671 10.00 -19.23 46.95
CA THR A 671 9.86 -20.27 47.96
C THR A 671 9.31 -21.57 47.41
N ALA A 672 8.72 -21.56 46.21
CA ALA A 672 8.11 -22.77 45.67
C ALA A 672 8.04 -22.69 44.15
N SER A 673 7.85 -23.85 43.52
CA SER A 673 7.67 -23.89 42.09
C SER A 673 6.20 -23.82 41.72
N VAL A 674 5.92 -23.14 40.62
CA VAL A 674 4.58 -23.05 40.06
C VAL A 674 4.65 -23.52 38.62
N ARG A 675 3.81 -24.49 38.26
CA ARG A 675 3.84 -25.11 36.95
C ARG A 675 2.44 -25.16 36.39
N ALA A 676 2.30 -24.79 35.11
CA ALA A 676 1.00 -24.74 34.48
C ALA A 676 0.48 -26.14 34.16
N ASP A 677 -0.85 -26.27 34.22
CA ASP A 677 -1.51 -27.53 33.90
C ASP A 677 -2.47 -27.40 32.74
N THR A 678 -3.15 -26.27 32.63
CA THR A 678 -4.04 -25.99 31.51
C THR A 678 -3.49 -24.78 30.77
N TYR A 679 -4.25 -24.27 29.81
CA TYR A 679 -3.85 -23.07 29.09
C TYR A 679 -4.19 -21.86 29.94
N CYS A 680 -3.35 -21.59 30.94
CA CYS A 680 -3.62 -20.57 31.93
C CYS A 680 -3.48 -19.18 31.33
N ARG A 681 -4.52 -18.37 31.49
CA ARG A 681 -4.48 -16.96 31.14
C ARG A 681 -4.38 -16.19 32.45
N LEU A 682 -3.22 -15.62 32.71
CA LEU A 682 -2.97 -14.99 34.00
C LEU A 682 -2.94 -13.48 33.85
N TYR A 683 -2.87 -12.79 34.99
CA TYR A 683 -2.65 -11.36 35.04
C TYR A 683 -1.40 -11.11 35.86
N SER A 684 -0.53 -10.25 35.37
CA SER A 684 0.72 -9.97 36.04
C SER A 684 0.68 -8.61 36.73
N LEU A 685 1.31 -8.54 37.89
CA LEU A 685 1.44 -7.29 38.63
C LEU A 685 2.87 -7.16 39.10
N SER A 686 3.54 -6.08 38.68
CA SER A 686 4.96 -5.91 38.98
C SER A 686 5.15 -5.48 40.43
N VAL A 687 6.41 -5.48 40.86
CA VAL A 687 6.75 -5.06 42.23
C VAL A 687 6.50 -3.57 42.40
N ASP A 688 6.96 -2.76 41.44
CA ASP A 688 6.91 -1.31 41.56
C ASP A 688 5.49 -0.80 41.58
N ASN A 689 4.58 -1.49 40.90
CA ASN A 689 3.17 -1.14 41.02
C ASN A 689 2.60 -1.63 42.33
N PHE A 690 3.08 -2.76 42.84
CA PHE A 690 2.51 -3.33 44.05
C PHE A 690 2.87 -2.51 45.28
N ASN A 691 4.08 -1.95 45.32
CA ASN A 691 4.45 -1.09 46.42
C ASN A 691 3.74 0.27 46.33
N GLU A 692 3.38 0.68 45.11
CA GLU A 692 2.76 1.99 44.94
C GLU A 692 1.31 1.97 45.36
N VAL A 693 0.61 0.87 45.08
CA VAL A 693 -0.82 0.78 45.40
C VAL A 693 -1.02 0.66 46.91
N LEU A 694 -0.14 -0.05 47.60
CA LEU A 694 -0.27 -0.21 49.04
C LEU A 694 0.06 1.06 49.81
N GLU A 695 0.87 1.96 49.25
CA GLU A 695 1.10 3.23 49.92
C GLU A 695 -0.12 4.13 49.85
N GLU A 696 -0.97 3.93 48.83
CA GLU A 696 -2.26 4.61 48.81
C GLU A 696 -3.22 3.98 49.80
N TYR A 697 -3.28 2.65 49.80
CA TYR A 697 -4.23 1.91 50.62
C TYR A 697 -3.47 0.95 51.53
N PRO A 698 -3.02 1.40 52.71
CA PRO A 698 -2.32 0.50 53.62
C PRO A 698 -3.22 -0.48 54.35
N MET A 699 -4.54 -0.28 54.28
CA MET A 699 -5.46 -1.17 54.95
C MET A 699 -5.60 -2.51 54.23
N MET A 700 -5.40 -2.54 52.92
CA MET A 700 -5.43 -3.79 52.16
C MET A 700 -4.09 -4.49 52.15
N ARG A 701 -3.06 -3.89 52.76
CA ARG A 701 -1.77 -4.55 52.88
C ARG A 701 -1.83 -5.73 53.84
N ARG A 702 -2.66 -5.62 54.88
CA ARG A 702 -2.67 -6.64 55.92
C ARG A 702 -3.41 -7.89 55.48
N ALA A 703 -4.29 -7.78 54.47
CA ALA A 703 -5.01 -8.95 53.99
C ALA A 703 -4.09 -9.91 53.26
N PHE A 704 -3.15 -9.36 52.48
CA PHE A 704 -2.15 -10.22 51.83
C PHE A 704 -1.17 -10.79 52.84
N GLU A 705 -0.93 -10.05 53.94
CA GLU A 705 -0.06 -10.55 55.00
C GLU A 705 -0.72 -11.71 55.74
N THR A 706 -2.05 -11.74 55.78
CA THR A 706 -2.77 -12.83 56.42
C THR A 706 -2.65 -14.11 55.59
N VAL A 707 -2.83 -14.01 54.28
CA VAL A 707 -2.78 -15.18 53.41
C VAL A 707 -1.34 -15.69 53.30
N ALA A 708 -0.37 -14.78 53.30
CA ALA A 708 1.04 -15.19 53.29
C ALA A 708 1.46 -15.82 54.60
N LEU A 709 0.75 -15.51 55.69
CA LEU A 709 0.99 -16.18 56.95
C LEU A 709 0.51 -17.62 56.89
N ASP A 710 -0.53 -17.89 56.11
CA ASP A 710 -1.10 -19.24 56.04
C ASP A 710 -0.19 -20.19 55.29
N ARG A 711 0.34 -19.75 54.14
CA ARG A 711 1.20 -20.68 53.37
C ARG A 711 2.45 -20.97 54.21
N LEU A 712 3.12 -19.92 54.71
CA LEU A 712 4.35 -20.16 55.47
C LEU A 712 4.09 -21.02 56.69
N ASP A 713 2.84 -21.01 57.16
CA ASP A 713 2.37 -21.97 58.20
C ASP A 713 2.35 -23.37 57.59
N ARG A 714 1.68 -23.54 56.45
CA ARG A 714 1.60 -24.86 55.78
C ARG A 714 3.01 -25.29 55.37
N ILE A 715 3.83 -24.35 54.88
CA ILE A 715 5.24 -24.66 54.51
C ILE A 715 5.96 -25.24 55.73
N MET B 215 -32.45 -45.74 20.88
CA MET B 215 -31.50 -45.02 21.70
C MET B 215 -31.76 -43.51 21.67
N GLN B 216 -31.29 -42.82 22.70
CA GLN B 216 -31.39 -41.37 22.76
C GLN B 216 -30.07 -40.74 23.16
N ARG B 217 -29.07 -41.54 23.49
CA ARG B 217 -27.83 -41.01 24.03
C ARG B 217 -26.84 -40.64 22.93
N GLN B 218 -26.65 -41.53 21.95
CA GLN B 218 -25.52 -41.42 21.04
C GLN B 218 -25.69 -40.27 20.05
N PHE B 219 -26.92 -39.85 19.81
CA PHE B 219 -27.18 -38.70 18.96
C PHE B 219 -27.06 -37.38 19.73
N GLY B 220 -27.04 -37.43 21.06
CA GLY B 220 -26.85 -36.23 21.84
C GLY B 220 -25.41 -35.79 21.84
N ALA B 221 -24.51 -36.74 21.59
CA ALA B 221 -23.08 -36.44 21.50
C ALA B 221 -22.72 -35.70 20.23
N MET B 222 -23.58 -35.76 19.21
CA MET B 222 -23.37 -35.00 17.99
C MET B 222 -23.92 -33.58 18.09
N LEU B 223 -24.94 -33.36 18.94
CA LEU B 223 -25.59 -32.07 19.06
C LEU B 223 -24.83 -31.10 19.94
N GLN B 224 -23.95 -31.59 20.80
CA GLN B 224 -23.21 -30.78 21.74
C GLN B 224 -21.78 -30.66 21.25
N PRO B 225 -21.12 -29.52 21.48
CA PRO B 225 -19.79 -29.31 20.89
C PRO B 225 -18.71 -30.16 21.55
N GLY B 226 -18.09 -31.03 20.76
CA GLY B 226 -17.09 -31.93 21.28
C GLY B 226 -15.77 -31.24 21.55
N VAL B 227 -14.82 -32.02 22.09
CA VAL B 227 -13.52 -31.52 22.51
C VAL B 227 -12.53 -31.75 21.37
N ASN B 228 -11.96 -30.66 20.89
CA ASN B 228 -10.90 -30.70 19.89
C ASN B 228 -10.04 -29.45 20.05
N LYS B 229 -9.35 -29.06 18.99
CA LYS B 229 -8.64 -27.77 19.12
C LYS B 229 -9.63 -26.62 19.01
N PHE B 230 -10.59 -26.68 18.09
CA PHE B 230 -11.48 -25.51 17.88
C PHE B 230 -12.29 -25.24 19.14
N SER B 231 -12.78 -26.28 19.78
CA SER B 231 -13.66 -26.02 20.95
C SER B 231 -12.81 -25.32 21.99
N LEU B 232 -11.59 -25.80 22.18
CA LEU B 232 -10.71 -25.21 23.22
C LEU B 232 -10.43 -23.76 22.85
N ARG B 233 -10.15 -23.48 21.59
CA ARG B 233 -9.79 -22.10 21.16
C ARG B 233 -10.99 -21.21 21.44
N MET B 234 -12.21 -21.70 21.21
CA MET B 234 -13.39 -20.83 21.37
C MET B 234 -13.72 -20.55 22.84
N PHE B 235 -13.26 -21.40 23.77
CA PHE B 235 -13.79 -21.33 25.12
C PHE B 235 -12.73 -21.26 26.20
N GLY B 236 -11.48 -21.61 25.88
CA GLY B 236 -10.42 -21.59 26.88
C GLY B 236 -10.08 -22.98 27.38
N SER B 237 -10.27 -23.20 28.67
CA SER B 237 -9.97 -24.50 29.25
C SER B 237 -11.03 -25.52 28.86
N GLN B 238 -10.71 -26.80 29.07
CA GLN B 238 -11.65 -27.88 28.78
C GLN B 238 -12.89 -27.83 29.67
N LYS B 239 -12.75 -27.33 30.90
CA LYS B 239 -13.90 -27.17 31.79
C LYS B 239 -14.92 -26.17 31.23
N ALA B 240 -14.44 -25.15 30.50
CA ALA B 240 -15.35 -24.22 29.86
C ALA B 240 -16.13 -24.87 28.74
N VAL B 241 -15.55 -25.88 28.08
CA VAL B 241 -16.30 -26.69 27.13
C VAL B 241 -17.29 -27.58 27.87
N GLU B 242 -16.88 -28.11 29.02
CA GLU B 242 -17.75 -29.01 29.78
C GLU B 242 -18.93 -28.28 30.38
N ARG B 243 -18.77 -26.99 30.68
CA ARG B 243 -19.93 -26.19 31.09
C ARG B 243 -20.80 -25.85 29.90
N GLU B 244 -20.20 -25.77 28.70
CA GLU B 244 -20.98 -25.48 27.51
C GLU B 244 -21.77 -26.71 27.07
N GLN B 245 -21.19 -27.90 27.26
CA GLN B 245 -21.88 -29.13 26.89
C GLN B 245 -23.08 -29.40 27.79
N GLU B 246 -23.09 -28.82 28.99
CA GLU B 246 -24.26 -28.96 29.85
C GLU B 246 -25.31 -27.89 29.56
N ARG B 247 -24.92 -26.78 28.94
CA ARG B 247 -25.91 -25.79 28.56
C ARG B 247 -26.72 -26.24 27.35
N VAL B 248 -26.13 -27.08 26.51
CA VAL B 248 -26.86 -27.67 25.38
C VAL B 248 -27.95 -28.61 25.88
N LYS B 249 -27.60 -29.53 26.78
CA LYS B 249 -28.56 -30.51 27.29
C LYS B 249 -29.64 -29.87 28.16
N SER B 250 -29.34 -28.73 28.78
CA SER B 250 -30.31 -28.02 29.61
C SER B 250 -31.06 -26.96 28.82
N ALA B 251 -30.99 -26.98 27.49
CA ALA B 251 -31.69 -26.02 26.66
C ALA B 251 -32.97 -26.57 26.07
N GLY B 252 -33.41 -27.73 26.52
CA GLY B 252 -34.55 -28.41 25.94
C GLY B 252 -34.14 -29.69 25.23
N PHE B 253 -35.13 -30.32 24.61
CA PHE B 253 -34.92 -31.58 23.92
C PHE B 253 -34.49 -31.35 22.48
N TRP B 254 -33.42 -32.05 22.09
CA TRP B 254 -32.96 -32.18 20.70
C TRP B 254 -32.56 -30.84 20.09
N ILE B 255 -31.65 -30.12 20.73
CA ILE B 255 -31.23 -28.80 20.28
C ILE B 255 -29.82 -28.89 19.73
N ILE B 256 -29.54 -28.15 18.65
CA ILE B 256 -28.27 -28.21 17.93
C ILE B 256 -27.38 -27.05 18.36
N HIS B 257 -26.17 -27.37 18.79
CA HIS B 257 -25.19 -26.32 19.01
C HIS B 257 -24.42 -26.07 17.73
N PRO B 258 -24.20 -24.81 17.34
CA PRO B 258 -23.64 -24.52 16.03
C PRO B 258 -22.19 -24.94 15.85
N TYR B 259 -21.44 -25.10 16.93
CA TYR B 259 -20.04 -25.52 16.85
C TYR B 259 -19.89 -27.03 16.91
N SER B 260 -20.99 -27.76 17.02
CA SER B 260 -20.94 -29.20 17.25
C SER B 260 -20.58 -29.92 15.97
N ASP B 261 -20.36 -31.23 16.09
CA ASP B 261 -19.92 -32.04 14.95
C ASP B 261 -21.05 -32.42 14.02
N PHE B 262 -22.29 -32.36 14.48
CA PHE B 262 -23.41 -32.59 13.57
C PHE B 262 -23.57 -31.43 12.62
N ARG B 263 -23.55 -30.21 13.13
CA ARG B 263 -23.81 -29.03 12.31
C ARG B 263 -22.66 -28.76 11.36
N PHE B 264 -21.44 -29.20 11.70
CA PHE B 264 -20.34 -29.05 10.76
C PHE B 264 -20.48 -30.02 9.60
N TYR B 265 -20.86 -31.26 9.88
CA TYR B 265 -20.95 -32.22 8.79
C TYR B 265 -22.32 -32.26 8.14
N TRP B 266 -23.32 -31.60 8.72
CA TRP B 266 -24.53 -31.34 7.97
C TRP B 266 -24.32 -30.25 6.94
N ASP B 267 -23.67 -29.16 7.35
CA ASP B 267 -23.49 -28.03 6.45
C ASP B 267 -22.43 -28.30 5.41
N LEU B 268 -21.61 -29.34 5.60
CA LEU B 268 -20.69 -29.73 4.55
C LEU B 268 -21.42 -30.46 3.43
N THR B 269 -22.43 -31.26 3.77
CA THR B 269 -23.17 -31.96 2.74
C THR B 269 -24.09 -31.01 1.97
N MET B 270 -24.53 -29.94 2.62
CA MET B 270 -25.37 -28.99 1.91
C MET B 270 -24.56 -28.15 0.96
N LEU B 271 -23.28 -27.91 1.24
CA LEU B 271 -22.42 -27.27 0.27
C LEU B 271 -22.18 -28.16 -0.94
N LEU B 272 -22.18 -29.47 -0.73
CA LEU B 272 -22.00 -30.38 -1.86
C LEU B 272 -23.32 -30.63 -2.56
N LEU B 273 -24.41 -30.07 -2.03
CA LEU B 273 -25.70 -30.21 -2.70
C LEU B 273 -26.11 -28.91 -3.37
N MET B 274 -25.77 -27.77 -2.78
CA MET B 274 -26.09 -26.48 -3.39
C MET B 274 -25.26 -26.24 -4.64
N VAL B 275 -23.99 -26.63 -4.62
CA VAL B 275 -23.15 -26.48 -5.81
C VAL B 275 -23.62 -27.43 -6.90
N GLY B 276 -24.25 -28.54 -6.52
CA GLY B 276 -24.96 -29.34 -7.50
C GLY B 276 -26.18 -28.62 -8.06
N ASN B 277 -26.96 -27.98 -7.19
CA ASN B 277 -28.24 -27.44 -7.65
C ASN B 277 -28.12 -25.98 -8.07
N LEU B 278 -26.98 -25.34 -7.87
CA LEU B 278 -26.82 -24.05 -8.51
C LEU B 278 -26.11 -24.17 -9.85
N ILE B 279 -25.76 -25.38 -10.27
CA ILE B 279 -25.24 -25.57 -11.62
C ILE B 279 -26.24 -26.30 -12.50
N ILE B 280 -26.89 -27.33 -11.96
CA ILE B 280 -27.73 -28.18 -12.79
C ILE B 280 -29.09 -27.53 -13.03
N ILE B 281 -29.61 -26.80 -12.05
CA ILE B 281 -30.93 -26.17 -12.21
C ILE B 281 -30.97 -25.07 -13.27
N PRO B 282 -30.05 -24.09 -13.32
CA PRO B 282 -30.18 -23.09 -14.40
C PRO B 282 -29.81 -23.62 -15.77
N VAL B 283 -29.27 -24.84 -15.87
CA VAL B 283 -29.04 -25.46 -17.16
C VAL B 283 -30.27 -26.24 -17.60
N GLY B 284 -30.84 -27.05 -16.70
CA GLY B 284 -31.91 -27.93 -17.11
C GLY B 284 -33.24 -27.24 -17.33
N ILE B 285 -33.36 -25.99 -16.90
CA ILE B 285 -34.55 -25.22 -17.20
C ILE B 285 -34.53 -24.69 -18.62
N THR B 286 -33.42 -24.06 -19.00
CA THR B 286 -33.38 -23.35 -20.27
C THR B 286 -33.16 -24.31 -21.43
N PHE B 287 -32.04 -25.05 -21.42
CA PHE B 287 -31.61 -25.75 -22.61
C PHE B 287 -32.43 -27.00 -22.94
N PHE B 288 -33.39 -27.37 -22.09
CA PHE B 288 -34.30 -28.46 -22.39
C PHE B 288 -35.71 -27.90 -22.45
N LYS B 289 -36.26 -27.81 -23.66
CA LYS B 289 -37.51 -27.11 -23.92
C LYS B 289 -38.71 -27.77 -23.28
N ASP B 290 -38.60 -29.06 -22.98
CA ASP B 290 -39.54 -29.74 -22.09
C ASP B 290 -38.83 -30.92 -21.46
N GLU B 291 -38.50 -30.79 -20.18
CA GLU B 291 -37.92 -31.90 -19.43
C GLU B 291 -38.76 -32.14 -18.18
N ASN B 292 -39.74 -33.02 -18.30
CA ASN B 292 -40.48 -33.52 -17.14
C ASN B 292 -40.39 -35.03 -17.07
N THR B 293 -39.22 -35.58 -17.38
CA THR B 293 -39.02 -37.02 -17.30
C THR B 293 -38.91 -37.46 -15.85
N THR B 294 -38.93 -38.78 -15.66
CA THR B 294 -38.75 -39.34 -14.33
C THR B 294 -37.38 -39.04 -13.69
N PRO B 295 -36.22 -39.13 -14.37
CA PRO B 295 -34.97 -38.76 -13.66
C PRO B 295 -34.84 -37.29 -13.31
N TRP B 296 -35.59 -36.40 -13.97
CA TRP B 296 -35.48 -34.99 -13.62
C TRP B 296 -36.35 -34.62 -12.43
N ILE B 297 -37.59 -35.13 -12.39
CA ILE B 297 -38.50 -34.73 -11.33
C ILE B 297 -38.08 -35.37 -10.01
N VAL B 298 -37.56 -36.59 -10.06
CA VAL B 298 -36.99 -37.23 -8.88
C VAL B 298 -35.80 -36.45 -8.36
N PHE B 299 -35.00 -35.88 -9.27
CA PHE B 299 -33.88 -35.05 -8.87
C PHE B 299 -34.33 -33.78 -8.17
N ASN B 300 -35.50 -33.27 -8.52
CA ASN B 300 -35.98 -32.05 -7.87
C ASN B 300 -36.71 -32.35 -6.57
N VAL B 301 -37.34 -33.52 -6.48
CA VAL B 301 -38.05 -33.87 -5.26
C VAL B 301 -37.07 -34.26 -4.15
N VAL B 302 -36.03 -35.02 -4.52
CA VAL B 302 -34.98 -35.36 -3.56
C VAL B 302 -34.26 -34.11 -3.07
N SER B 303 -34.01 -33.17 -3.99
CA SER B 303 -33.37 -31.92 -3.60
C SER B 303 -34.29 -31.06 -2.73
N ASP B 304 -35.59 -31.09 -3.01
CA ASP B 304 -36.50 -30.30 -2.18
C ASP B 304 -36.71 -30.92 -0.80
N THR B 305 -36.34 -32.19 -0.62
CA THR B 305 -36.43 -32.80 0.71
C THR B 305 -35.37 -32.23 1.65
N PHE B 306 -34.13 -32.15 1.17
CA PHE B 306 -33.05 -31.67 2.02
C PHE B 306 -33.19 -30.18 2.32
N PHE B 307 -33.72 -29.41 1.38
CA PHE B 307 -33.87 -27.98 1.65
C PHE B 307 -35.10 -27.67 2.49
N LEU B 308 -35.92 -28.66 2.78
CA LEU B 308 -36.90 -28.48 3.86
C LEU B 308 -36.33 -28.88 5.20
N ILE B 309 -35.57 -29.98 5.24
CA ILE B 309 -34.95 -30.43 6.48
C ILE B 309 -33.92 -29.41 6.97
N ASP B 310 -33.17 -28.82 6.04
CA ASP B 310 -32.29 -27.71 6.38
C ASP B 310 -33.08 -26.51 6.89
N LEU B 311 -34.30 -26.31 6.39
CA LEU B 311 -35.14 -25.23 6.89
C LEU B 311 -35.68 -25.57 8.28
N VAL B 312 -35.91 -26.85 8.55
CA VAL B 312 -36.39 -27.25 9.87
C VAL B 312 -35.26 -27.13 10.90
N LEU B 313 -34.05 -27.59 10.55
CA LEU B 313 -32.95 -27.58 11.49
C LEU B 313 -32.43 -26.19 11.81
N ASN B 314 -32.82 -25.17 11.04
CA ASN B 314 -32.41 -23.82 11.38
C ASN B 314 -33.19 -23.25 12.55
N PHE B 315 -34.27 -23.88 12.96
CA PHE B 315 -34.99 -23.46 14.15
C PHE B 315 -34.48 -24.14 15.41
N ARG B 316 -33.46 -24.98 15.30
CA ARG B 316 -32.88 -25.68 16.43
C ARG B 316 -31.39 -25.40 16.59
N THR B 317 -30.79 -24.63 15.70
CA THR B 317 -29.37 -24.32 15.76
C THR B 317 -29.17 -23.04 16.56
N GLY B 318 -28.17 -23.03 17.44
CA GLY B 318 -27.85 -21.83 18.17
C GLY B 318 -27.31 -20.73 17.26
N ILE B 319 -27.70 -19.49 17.56
CA ILE B 319 -27.36 -18.34 16.76
C ILE B 319 -26.24 -17.58 17.46
N VAL B 320 -25.14 -17.35 16.74
CA VAL B 320 -24.03 -16.58 17.28
C VAL B 320 -24.40 -15.10 17.25
N VAL B 321 -24.41 -14.46 18.40
CA VAL B 321 -24.67 -13.03 18.52
C VAL B 321 -23.34 -12.31 18.70
N GLU B 322 -23.11 -11.30 17.87
CA GLU B 322 -21.89 -10.50 17.93
C GLU B 322 -22.07 -9.27 18.81
N ASP B 323 -22.95 -9.37 19.80
CA ASP B 323 -23.20 -8.27 20.73
C ASP B 323 -23.17 -8.75 22.18
N ASN B 324 -23.14 -10.06 22.43
CA ASN B 324 -23.01 -10.60 23.77
C ASN B 324 -21.98 -11.72 23.76
N THR B 325 -21.68 -12.23 24.96
CA THR B 325 -20.74 -13.34 25.09
C THR B 325 -21.44 -14.69 25.10
N ASP B 326 -22.76 -14.70 24.90
CA ASP B 326 -23.53 -15.93 24.98
C ASP B 326 -24.03 -16.35 23.60
N ILE B 327 -24.16 -17.65 23.41
CA ILE B 327 -24.80 -18.23 22.23
C ILE B 327 -26.20 -18.66 22.64
N ILE B 328 -27.20 -18.11 21.95
CA ILE B 328 -28.59 -18.33 22.33
C ILE B 328 -28.99 -19.76 22.01
N LEU B 329 -29.43 -20.49 23.04
CA LEU B 329 -29.95 -21.83 22.85
C LEU B 329 -31.40 -21.97 23.30
N ASP B 330 -32.06 -20.88 23.64
CA ASP B 330 -33.50 -20.90 23.92
C ASP B 330 -34.23 -21.03 22.59
N PRO B 331 -35.03 -22.08 22.37
CA PRO B 331 -35.62 -22.29 21.03
C PRO B 331 -36.63 -21.24 20.60
N ARG B 332 -37.19 -20.46 21.51
CA ARG B 332 -38.08 -19.39 21.07
C ARG B 332 -37.29 -18.19 20.55
N ARG B 333 -36.17 -17.85 21.21
CA ARG B 333 -35.38 -16.72 20.76
C ARG B 333 -34.63 -17.05 19.48
N ILE B 334 -34.35 -18.34 19.23
CA ILE B 334 -33.84 -18.76 17.93
C ILE B 334 -34.90 -18.55 16.86
N LYS B 335 -36.15 -18.87 17.20
CA LYS B 335 -37.26 -18.75 16.25
C LYS B 335 -37.54 -17.30 15.89
N MET B 336 -37.43 -16.40 16.85
CA MET B 336 -37.81 -15.01 16.58
C MET B 336 -36.70 -14.25 15.87
N LYS B 337 -35.49 -14.79 15.88
CA LYS B 337 -34.42 -14.14 15.13
C LYS B 337 -34.32 -14.67 13.71
N TYR B 338 -34.68 -15.93 13.48
CA TYR B 338 -34.57 -16.51 12.15
C TYR B 338 -35.64 -15.98 11.22
N LEU B 339 -36.84 -15.71 11.75
CA LEU B 339 -37.93 -15.19 10.94
C LEU B 339 -37.70 -13.77 10.48
N LYS B 340 -36.84 -13.03 11.18
CA LYS B 340 -36.72 -11.59 10.89
C LYS B 340 -35.63 -11.33 9.86
N SER B 341 -34.62 -12.21 9.77
CA SER B 341 -33.43 -11.91 9.00
C SER B 341 -33.32 -12.73 7.72
N TRP B 342 -33.27 -14.06 7.82
CA TRP B 342 -33.20 -14.92 6.64
C TRP B 342 -34.24 -16.03 6.79
N PHE B 343 -35.48 -15.74 6.45
CA PHE B 343 -36.48 -16.79 6.46
C PHE B 343 -37.17 -16.95 5.12
N VAL B 344 -37.69 -15.86 4.56
CA VAL B 344 -38.52 -15.94 3.37
C VAL B 344 -37.66 -16.29 2.17
N VAL B 345 -36.41 -15.84 2.17
CA VAL B 345 -35.46 -16.26 1.15
C VAL B 345 -35.12 -17.75 1.33
N ASP B 346 -35.21 -18.26 2.55
CA ASP B 346 -34.98 -19.68 2.74
C ASP B 346 -36.28 -20.46 2.77
N PHE B 347 -37.41 -19.77 2.65
CA PHE B 347 -38.68 -20.48 2.55
C PHE B 347 -39.17 -20.57 1.11
N VAL B 348 -38.92 -19.53 0.31
CA VAL B 348 -39.26 -19.58 -1.11
C VAL B 348 -38.38 -20.60 -1.83
N SER B 349 -37.08 -20.60 -1.52
CA SER B 349 -36.16 -21.52 -2.17
C SER B 349 -36.27 -22.94 -1.62
N SER B 350 -37.09 -23.16 -0.60
CA SER B 350 -37.22 -24.50 -0.04
C SER B 350 -38.36 -25.27 -0.69
N ILE B 351 -39.57 -24.73 -0.63
CA ILE B 351 -40.75 -25.42 -1.14
C ILE B 351 -40.69 -25.45 -2.66
N PRO B 352 -41.17 -26.51 -3.31
CA PRO B 352 -41.25 -26.49 -4.77
C PRO B 352 -42.36 -25.57 -5.24
N VAL B 353 -41.98 -24.39 -5.72
CA VAL B 353 -42.99 -23.38 -6.05
C VAL B 353 -43.63 -23.70 -7.39
N ASP B 354 -42.85 -24.22 -8.33
CA ASP B 354 -43.37 -24.53 -9.65
C ASP B 354 -44.32 -25.72 -9.61
N TYR B 355 -44.06 -26.69 -8.74
CA TYR B 355 -44.90 -27.87 -8.70
C TYR B 355 -46.20 -27.62 -7.95
N ILE B 356 -46.23 -26.61 -7.09
CA ILE B 356 -47.49 -26.18 -6.49
C ILE B 356 -48.38 -25.53 -7.54
N PHE B 357 -47.80 -24.65 -8.36
CA PHE B 357 -48.57 -23.82 -9.27
C PHE B 357 -49.26 -24.63 -10.37
N LEU B 358 -48.69 -25.79 -10.72
CA LEU B 358 -49.36 -26.65 -11.69
C LEU B 358 -50.56 -27.36 -11.06
N ILE B 359 -50.46 -27.67 -9.76
CA ILE B 359 -51.59 -28.30 -9.07
C ILE B 359 -52.67 -27.26 -8.80
N VAL B 360 -52.27 -26.01 -8.50
CA VAL B 360 -53.24 -24.95 -8.24
C VAL B 360 -53.96 -24.57 -9.54
N GLU B 361 -53.22 -24.47 -10.65
CA GLU B 361 -53.84 -24.12 -11.93
C GLU B 361 -54.69 -25.27 -12.46
N THR B 362 -54.42 -26.50 -12.02
CA THR B 362 -55.32 -27.61 -12.32
C THR B 362 -56.67 -27.42 -11.64
N ARG B 363 -56.66 -26.88 -10.42
CA ARG B 363 -57.90 -26.60 -9.71
C ARG B 363 -58.58 -25.33 -10.22
N ILE B 364 -57.81 -24.38 -10.75
CA ILE B 364 -58.39 -23.17 -11.32
C ILE B 364 -59.15 -23.50 -12.60
N ASP B 365 -58.48 -24.17 -13.54
CA ASP B 365 -59.11 -24.51 -14.81
C ASP B 365 -58.60 -25.88 -15.23
N SER B 366 -59.55 -26.80 -15.51
CA SER B 366 -59.17 -28.13 -15.95
C SER B 366 -58.64 -28.11 -17.37
N GLU B 367 -59.19 -27.24 -18.23
CA GLU B 367 -58.69 -27.06 -19.59
C GLU B 367 -57.76 -25.85 -19.60
N VAL B 368 -56.51 -26.08 -19.24
CA VAL B 368 -55.48 -25.04 -19.23
C VAL B 368 -54.28 -25.65 -19.97
N TYR B 369 -54.54 -26.74 -20.69
CA TYR B 369 -53.50 -27.47 -21.40
C TYR B 369 -53.78 -27.48 -22.91
N LYS B 370 -54.94 -26.98 -23.31
CA LYS B 370 -55.36 -27.04 -24.71
C LYS B 370 -55.37 -25.68 -25.38
N THR B 371 -55.73 -24.62 -24.66
CA THR B 371 -55.91 -23.30 -25.25
C THR B 371 -54.57 -22.64 -25.51
N ALA B 372 -54.64 -21.39 -25.99
CA ALA B 372 -53.46 -20.56 -26.19
C ALA B 372 -52.91 -19.98 -24.89
N ARG B 373 -53.68 -20.08 -23.81
CA ARG B 373 -53.17 -19.71 -22.49
C ARG B 373 -52.11 -20.71 -22.02
N ALA B 374 -52.17 -21.95 -22.51
CA ALA B 374 -51.26 -23.01 -22.08
C ALA B 374 -49.81 -22.70 -22.44
N LEU B 375 -49.58 -21.99 -23.55
CA LEU B 375 -48.23 -21.57 -23.89
C LEU B 375 -47.73 -20.52 -22.92
N ARG B 376 -48.62 -19.64 -22.44
CA ARG B 376 -48.21 -18.61 -21.49
C ARG B 376 -47.88 -19.21 -20.12
N ILE B 377 -48.56 -20.29 -19.75
CA ILE B 377 -48.34 -20.90 -18.44
C ILE B 377 -46.97 -21.57 -18.40
N VAL B 378 -46.56 -22.22 -19.49
CA VAL B 378 -45.26 -22.88 -19.53
C VAL B 378 -44.14 -21.85 -19.54
N ARG B 379 -44.36 -20.70 -20.19
CA ARG B 379 -43.42 -19.60 -20.07
C ARG B 379 -43.47 -18.98 -18.68
N PHE B 380 -44.60 -19.12 -17.99
CA PHE B 380 -44.69 -18.64 -16.61
C PHE B 380 -44.14 -19.67 -15.63
N THR B 381 -44.09 -20.93 -16.03
CA THR B 381 -43.64 -21.98 -15.12
C THR B 381 -42.13 -21.92 -14.90
N LYS B 382 -41.36 -21.72 -15.98
CA LYS B 382 -39.91 -21.66 -15.86
C LYS B 382 -39.43 -20.43 -15.12
N ILE B 383 -40.25 -19.40 -15.00
CA ILE B 383 -39.86 -18.25 -14.18
C ILE B 383 -39.98 -18.60 -12.70
N LEU B 384 -40.98 -19.40 -12.34
CA LEU B 384 -41.16 -19.77 -10.93
C LEU B 384 -40.10 -20.75 -10.46
N SER B 385 -39.62 -21.62 -11.34
CA SER B 385 -38.60 -22.58 -10.91
C SER B 385 -37.23 -21.94 -10.79
N LEU B 386 -37.06 -20.69 -11.19
CA LEU B 386 -35.83 -19.95 -10.94
C LEU B 386 -35.84 -19.30 -9.56
N LEU B 387 -36.88 -19.50 -8.77
CA LEU B 387 -36.84 -19.12 -7.37
C LEU B 387 -35.88 -19.99 -6.56
N ARG B 388 -35.53 -21.16 -7.09
CA ARG B 388 -34.56 -22.03 -6.44
C ARG B 388 -33.14 -21.50 -6.51
N LEU B 389 -32.89 -20.42 -7.24
CA LEU B 389 -31.57 -19.81 -7.23
C LEU B 389 -31.35 -18.92 -6.02
N LEU B 390 -32.33 -18.81 -5.13
CA LEU B 390 -32.16 -18.11 -3.86
C LEU B 390 -31.37 -18.93 -2.86
N ARG B 391 -31.01 -20.17 -3.19
CA ARG B 391 -30.13 -20.99 -2.38
C ARG B 391 -28.68 -20.52 -2.43
N LEU B 392 -28.38 -19.51 -3.26
CA LEU B 392 -27.10 -18.82 -3.16
C LEU B 392 -26.97 -18.11 -1.82
N SER B 393 -28.09 -17.64 -1.26
CA SER B 393 -28.06 -17.01 0.06
C SER B 393 -27.69 -18.02 1.13
N ARG B 394 -28.07 -19.28 0.94
CA ARG B 394 -27.58 -20.31 1.83
C ARG B 394 -26.21 -20.83 1.41
N LEU B 395 -25.82 -20.63 0.15
CA LEU B 395 -24.47 -21.00 -0.25
C LEU B 395 -23.44 -20.06 0.35
N ILE B 396 -23.74 -18.77 0.37
CA ILE B 396 -22.78 -17.79 0.85
C ILE B 396 -22.63 -17.88 2.36
N ARG B 397 -23.75 -18.03 3.08
CA ARG B 397 -23.69 -18.08 4.54
C ARG B 397 -23.01 -19.36 5.02
N TYR B 398 -23.21 -20.47 4.32
CA TYR B 398 -22.62 -21.71 4.78
C TYR B 398 -21.19 -21.89 4.30
N ILE B 399 -20.62 -20.89 3.63
CA ILE B 399 -19.20 -20.92 3.32
C ILE B 399 -18.43 -20.03 4.28
N HIS B 400 -19.01 -18.89 4.65
CA HIS B 400 -18.38 -18.03 5.66
C HIS B 400 -18.35 -18.72 7.02
N GLN B 401 -19.37 -19.52 7.34
CA GLN B 401 -19.33 -20.27 8.58
C GLN B 401 -18.42 -21.48 8.47
N TRP B 402 -18.20 -21.97 7.25
CA TRP B 402 -17.34 -23.14 7.09
C TRP B 402 -15.87 -22.75 7.08
N GLU B 403 -15.54 -21.65 6.41
CA GLU B 403 -14.13 -21.32 6.21
C GLU B 403 -13.46 -20.78 7.46
N GLU B 404 -14.25 -20.37 8.45
CA GLU B 404 -13.66 -19.97 9.72
C GLU B 404 -13.40 -21.16 10.62
N ILE B 405 -14.31 -22.12 10.65
CA ILE B 405 -14.17 -23.31 11.48
C ILE B 405 -13.11 -24.24 10.92
N PHE B 406 -13.06 -24.40 9.61
CA PHE B 406 -12.09 -25.30 9.00
C PHE B 406 -10.70 -24.71 9.10
N HIS B 407 -9.81 -25.46 9.76
CA HIS B 407 -8.57 -24.88 10.26
C HIS B 407 -7.53 -24.64 9.18
N MET B 408 -7.57 -25.39 8.07
CA MET B 408 -6.60 -25.15 7.01
C MET B 408 -6.96 -23.90 6.20
N THR B 409 -8.23 -23.49 6.22
CA THR B 409 -8.60 -22.21 5.65
C THR B 409 -8.52 -21.08 6.66
N TYR B 410 -8.50 -21.39 7.95
CA TYR B 410 -8.33 -20.36 8.95
C TYR B 410 -6.86 -19.94 9.05
N ASP B 411 -5.95 -20.81 8.64
CA ASP B 411 -4.53 -20.49 8.68
C ASP B 411 -4.02 -19.87 7.39
N LEU B 412 -4.79 -19.89 6.31
CA LEU B 412 -4.40 -19.18 5.11
C LEU B 412 -4.58 -17.69 5.28
N ALA B 413 -3.91 -16.94 4.41
CA ALA B 413 -4.06 -15.49 4.42
C ALA B 413 -5.44 -15.10 3.94
N SER B 414 -5.94 -13.96 4.40
CA SER B 414 -7.27 -13.52 4.02
C SER B 414 -7.31 -13.05 2.57
N ALA B 415 -6.17 -12.67 2.01
CA ALA B 415 -6.14 -12.33 0.58
C ALA B 415 -6.23 -13.59 -0.27
N VAL B 416 -5.80 -14.73 0.27
CA VAL B 416 -5.92 -15.98 -0.48
C VAL B 416 -7.34 -16.53 -0.39
N VAL B 417 -7.98 -16.30 0.76
CA VAL B 417 -9.34 -16.81 0.95
C VAL B 417 -10.33 -16.01 0.12
N ARG B 418 -10.22 -14.68 0.13
CA ARG B 418 -11.18 -13.87 -0.61
C ARG B 418 -11.00 -13.99 -2.10
N ILE B 419 -9.81 -14.33 -2.56
CA ILE B 419 -9.62 -14.46 -3.99
C ILE B 419 -10.10 -15.82 -4.49
N VAL B 420 -10.29 -16.79 -3.60
CA VAL B 420 -10.89 -18.05 -4.01
C VAL B 420 -12.41 -17.92 -4.05
N ASN B 421 -12.97 -17.17 -3.10
CA ASN B 421 -14.41 -16.92 -3.11
C ASN B 421 -14.82 -16.07 -4.30
N LEU B 422 -13.92 -15.22 -4.78
CA LEU B 422 -14.24 -14.41 -5.95
C LEU B 422 -14.23 -15.25 -7.21
N ILE B 423 -13.22 -16.11 -7.37
CA ILE B 423 -13.12 -16.97 -8.55
C ILE B 423 -14.27 -17.97 -8.59
N GLY B 424 -14.72 -18.43 -7.42
CA GLY B 424 -15.90 -19.25 -7.38
C GLY B 424 -17.17 -18.47 -7.70
N MET B 425 -17.13 -17.16 -7.49
CA MET B 425 -18.29 -16.34 -7.82
C MET B 425 -18.24 -15.86 -9.26
N MET B 426 -17.04 -15.60 -9.79
CA MET B 426 -16.91 -15.19 -11.17
C MET B 426 -17.24 -16.32 -12.13
N LEU B 427 -16.91 -17.56 -11.77
CA LEU B 427 -17.28 -18.68 -12.62
C LEU B 427 -18.77 -18.95 -12.54
N LEU B 428 -19.38 -18.68 -11.39
CA LEU B 428 -20.81 -18.96 -11.26
C LEU B 428 -21.63 -17.88 -11.92
N LEU B 429 -21.20 -16.62 -11.83
CA LEU B 429 -21.93 -15.56 -12.51
C LEU B 429 -21.77 -15.66 -14.01
N CYS B 430 -20.63 -16.12 -14.50
CA CYS B 430 -20.44 -16.33 -15.92
C CYS B 430 -21.26 -17.52 -16.41
N HIS B 431 -21.54 -18.46 -15.53
CA HIS B 431 -22.34 -19.62 -15.90
C HIS B 431 -23.83 -19.28 -15.94
N TRP B 432 -24.30 -18.50 -14.96
CA TRP B 432 -25.68 -18.03 -14.99
C TRP B 432 -25.92 -17.07 -16.13
N ASP B 433 -24.93 -16.21 -16.42
CA ASP B 433 -25.03 -15.28 -17.54
C ASP B 433 -25.03 -16.04 -18.85
N GLY B 434 -24.29 -17.14 -18.92
CA GLY B 434 -24.29 -17.95 -20.13
C GLY B 434 -25.62 -18.61 -20.38
N CYS B 435 -26.34 -18.94 -19.32
CA CYS B 435 -27.68 -19.48 -19.51
C CYS B 435 -28.69 -18.37 -19.71
N LEU B 436 -28.38 -17.16 -19.25
CA LEU B 436 -29.33 -16.07 -19.38
C LEU B 436 -29.30 -15.49 -20.78
N GLN B 437 -28.17 -15.61 -21.48
CA GLN B 437 -28.11 -15.19 -22.88
C GLN B 437 -28.94 -16.10 -23.77
N PHE B 438 -29.27 -17.30 -23.29
CA PHE B 438 -30.09 -18.22 -24.07
C PHE B 438 -31.51 -18.31 -23.55
N LEU B 439 -31.73 -17.97 -22.28
CA LEU B 439 -33.07 -18.07 -21.71
C LEU B 439 -34.00 -17.00 -22.27
N VAL B 440 -33.55 -15.76 -22.28
CA VAL B 440 -34.37 -14.60 -22.65
C VAL B 440 -34.75 -14.64 -24.13
N PRO B 441 -33.89 -15.04 -25.08
CA PRO B 441 -34.43 -15.37 -26.41
C PRO B 441 -35.33 -16.59 -26.44
N MET B 442 -35.16 -17.55 -25.55
CA MET B 442 -36.02 -18.74 -25.61
C MET B 442 -37.41 -18.43 -25.10
N LEU B 443 -37.53 -17.59 -24.08
CA LEU B 443 -38.81 -17.14 -23.57
C LEU B 443 -39.54 -16.26 -24.57
N GLN B 444 -38.83 -15.64 -25.50
CA GLN B 444 -39.45 -14.81 -26.52
C GLN B 444 -39.65 -15.55 -27.83
N ASP B 445 -39.63 -16.89 -27.79
CA ASP B 445 -39.90 -17.78 -28.93
C ASP B 445 -38.92 -17.57 -30.08
N PHE B 446 -37.69 -17.19 -29.74
CA PHE B 446 -36.57 -16.97 -30.66
C PHE B 446 -36.92 -15.99 -31.77
N PRO B 447 -36.95 -14.69 -31.48
CA PRO B 447 -37.27 -13.70 -32.53
C PRO B 447 -36.18 -13.66 -33.59
N ASP B 448 -36.53 -13.11 -34.75
CA ASP B 448 -35.70 -13.22 -35.95
C ASP B 448 -34.47 -12.30 -35.90
N ASP B 449 -34.33 -11.57 -34.80
CA ASP B 449 -33.14 -10.67 -34.64
C ASP B 449 -32.25 -11.17 -33.49
N CYS B 450 -32.71 -12.17 -32.74
CA CYS B 450 -31.93 -12.64 -31.56
C CYS B 450 -30.63 -13.35 -31.98
N TRP B 451 -29.60 -13.26 -31.14
CA TRP B 451 -28.29 -13.87 -31.46
C TRP B 451 -28.50 -15.33 -31.89
N VAL B 452 -29.37 -16.06 -31.19
CA VAL B 452 -29.54 -17.49 -31.55
C VAL B 452 -29.99 -17.64 -32.99
N SER B 453 -30.92 -16.83 -33.48
CA SER B 453 -31.39 -17.09 -34.87
C SER B 453 -30.26 -16.80 -35.86
N LEU B 454 -29.81 -15.55 -35.87
CA LEU B 454 -28.80 -15.13 -36.87
C LEU B 454 -27.68 -16.17 -36.86
N ASN B 455 -27.24 -16.61 -35.69
CA ASN B 455 -26.09 -17.55 -35.69
C ASN B 455 -26.59 -18.93 -36.13
N ASN B 456 -27.90 -19.10 -36.26
CA ASN B 456 -28.47 -20.41 -36.65
C ASN B 456 -28.08 -21.46 -35.61
N MET B 457 -28.58 -21.31 -34.38
CA MET B 457 -28.33 -22.22 -33.27
C MET B 457 -29.64 -22.60 -32.59
N VAL B 458 -30.71 -22.73 -33.37
CA VAL B 458 -31.98 -23.13 -32.80
C VAL B 458 -32.06 -24.63 -32.64
N ASN B 459 -31.56 -25.38 -33.63
CA ASN B 459 -31.69 -26.82 -33.63
C ASN B 459 -30.35 -27.52 -33.57
N ASN B 460 -29.43 -27.02 -32.74
CA ASN B 460 -28.21 -27.77 -32.46
C ASN B 460 -28.40 -28.56 -31.17
N SER B 461 -27.35 -29.28 -30.77
CA SER B 461 -27.37 -29.99 -29.51
C SER B 461 -27.30 -29.01 -28.35
N TRP B 462 -27.61 -29.50 -27.15
CA TRP B 462 -27.53 -28.62 -26.00
C TRP B 462 -26.12 -28.49 -25.50
N GLY B 463 -25.22 -29.13 -26.19
CA GLY B 463 -23.82 -28.87 -25.87
C GLY B 463 -23.35 -27.59 -26.49
N LYS B 464 -23.62 -27.41 -27.78
CA LYS B 464 -23.24 -26.18 -28.45
C LYS B 464 -24.04 -25.01 -27.89
N GLN B 465 -25.36 -25.09 -27.87
CA GLN B 465 -26.13 -23.90 -27.40
C GLN B 465 -25.43 -23.33 -26.17
N TYR B 466 -25.26 -24.17 -25.14
CA TYR B 466 -24.64 -23.68 -23.89
C TYR B 466 -23.22 -23.20 -24.16
N SER B 467 -22.45 -23.94 -24.96
CA SER B 467 -21.03 -23.53 -25.15
C SER B 467 -20.97 -22.14 -25.80
N TYR B 468 -21.78 -21.93 -26.84
CA TYR B 468 -21.74 -20.63 -27.56
C TYR B 468 -22.21 -19.53 -26.62
N ALA B 469 -23.24 -19.81 -25.81
CA ALA B 469 -23.76 -18.80 -24.86
C ALA B 469 -22.70 -18.44 -23.84
N LEU B 470 -21.97 -19.42 -23.32
CA LEU B 470 -20.90 -19.17 -22.33
C LEU B 470 -19.82 -18.33 -23.00
N PHE B 471 -19.52 -18.62 -24.26
CA PHE B 471 -18.55 -17.76 -24.99
C PHE B 471 -19.05 -16.31 -24.95
N LYS B 472 -20.29 -16.06 -25.37
CA LYS B 472 -20.79 -14.68 -25.51
C LYS B 472 -20.65 -14.00 -24.15
N ALA B 473 -21.04 -14.67 -23.08
CA ALA B 473 -21.00 -14.05 -21.75
C ALA B 473 -19.59 -13.72 -21.37
N MET B 474 -18.67 -14.65 -21.59
CA MET B 474 -17.25 -14.43 -21.21
C MET B 474 -16.67 -13.29 -22.05
N SER B 475 -17.02 -13.20 -23.34
CA SER B 475 -16.53 -12.08 -24.16
C SER B 475 -17.04 -10.78 -23.55
N HIS B 476 -18.32 -10.69 -23.21
CA HIS B 476 -18.89 -9.42 -22.70
C HIS B 476 -18.22 -9.08 -21.37
N MET B 477 -17.93 -10.08 -20.55
CA MET B 477 -17.37 -9.83 -19.20
C MET B 477 -15.87 -9.59 -19.27
N LEU B 478 -15.14 -10.49 -19.92
CA LEU B 478 -13.65 -10.47 -19.76
C LEU B 478 -13.04 -9.33 -20.56
N CYS B 479 -13.86 -8.45 -21.16
CA CYS B 479 -13.38 -7.24 -21.88
C CYS B 479 -13.17 -7.47 -23.37
N ILE B 480 -13.42 -8.65 -23.89
CA ILE B 480 -13.30 -8.89 -25.35
C ILE B 480 -14.56 -8.41 -26.05
N GLY B 481 -14.57 -8.41 -27.38
CA GLY B 481 -15.74 -7.97 -28.18
C GLY B 481 -16.46 -9.14 -28.81
N TYR B 482 -17.79 -9.09 -28.91
CA TYR B 482 -18.58 -10.23 -29.44
C TYR B 482 -18.35 -10.36 -30.94
N GLY B 483 -18.76 -11.48 -31.56
CA GLY B 483 -18.40 -11.74 -32.96
C GLY B 483 -19.17 -11.00 -34.03
N ARG B 484 -19.06 -9.67 -34.08
CA ARG B 484 -19.65 -8.87 -35.19
C ARG B 484 -21.17 -8.85 -35.08
N GLN B 485 -21.71 -9.54 -34.07
CA GLN B 485 -23.17 -9.47 -33.85
C GLN B 485 -23.42 -8.27 -32.95
N ALA B 486 -23.35 -7.06 -33.52
CA ALA B 486 -23.67 -5.89 -32.70
C ALA B 486 -25.10 -6.09 -32.21
N PRO B 487 -25.37 -6.03 -30.90
CA PRO B 487 -26.71 -6.29 -30.41
C PRO B 487 -27.72 -5.56 -31.30
N MET B 488 -28.61 -6.28 -31.97
CA MET B 488 -29.51 -5.59 -32.92
C MET B 488 -30.95 -5.61 -32.44
N GLY B 489 -31.21 -6.29 -31.32
CA GLY B 489 -32.57 -6.36 -30.75
C GLY B 489 -32.59 -5.79 -29.34
N MET B 490 -33.58 -4.98 -29.01
CA MET B 490 -33.57 -4.32 -27.68
C MET B 490 -33.21 -5.33 -26.58
N SER B 491 -33.80 -6.53 -26.58
CA SER B 491 -33.50 -7.49 -25.49
C SER B 491 -32.01 -7.72 -25.47
N ASP B 492 -31.41 -7.92 -26.64
CA ASP B 492 -29.99 -8.26 -26.73
C ASP B 492 -29.11 -7.10 -26.33
N VAL B 493 -29.52 -5.88 -26.65
CA VAL B 493 -28.72 -4.70 -26.27
C VAL B 493 -28.69 -4.55 -24.76
N TRP B 494 -29.83 -4.71 -24.10
CA TRP B 494 -29.84 -4.51 -22.66
C TRP B 494 -29.28 -5.70 -21.90
N LEU B 495 -29.26 -6.89 -22.49
CA LEU B 495 -28.57 -7.99 -21.84
C LEU B 495 -27.07 -7.87 -21.97
N THR B 496 -26.58 -7.45 -23.14
CA THR B 496 -25.15 -7.25 -23.31
C THR B 496 -24.64 -6.13 -22.43
N MET B 497 -25.40 -5.03 -22.35
CA MET B 497 -25.06 -3.95 -21.45
C MET B 497 -25.17 -4.36 -20.00
N LEU B 498 -26.04 -5.31 -19.67
CA LEU B 498 -26.04 -5.88 -18.35
C LEU B 498 -24.77 -6.67 -18.09
N SER B 499 -24.36 -7.48 -19.07
CA SER B 499 -23.21 -8.35 -18.86
C SER B 499 -21.90 -7.59 -18.93
N MET B 500 -21.86 -6.49 -19.67
CA MET B 500 -20.65 -5.67 -19.72
C MET B 500 -20.39 -5.00 -18.38
N ILE B 501 -21.44 -4.53 -17.71
CA ILE B 501 -21.28 -3.83 -16.45
C ILE B 501 -20.98 -4.83 -15.34
N VAL B 502 -21.67 -5.96 -15.35
CA VAL B 502 -21.42 -7.02 -14.37
C VAL B 502 -20.05 -7.62 -14.57
N GLY B 503 -19.65 -7.83 -15.82
CA GLY B 503 -18.37 -8.46 -16.06
C GLY B 503 -17.17 -7.57 -15.82
N ALA B 504 -17.28 -6.29 -16.15
CA ALA B 504 -16.15 -5.39 -15.94
C ALA B 504 -16.02 -4.99 -14.48
N THR B 505 -17.10 -5.13 -13.71
CA THR B 505 -17.02 -4.86 -12.28
C THR B 505 -16.35 -6.03 -11.55
N CYS B 506 -16.68 -7.25 -11.94
CA CYS B 506 -16.04 -8.40 -11.33
C CYS B 506 -14.59 -8.55 -11.77
N TYR B 507 -14.26 -8.08 -12.97
CA TYR B 507 -12.87 -8.13 -13.39
C TYR B 507 -12.04 -7.06 -12.73
N ALA B 508 -12.61 -5.89 -12.46
CA ALA B 508 -11.85 -4.86 -11.77
C ALA B 508 -11.67 -5.20 -10.30
N MET B 509 -12.60 -5.98 -9.74
CA MET B 509 -12.38 -6.48 -8.39
C MET B 509 -11.38 -7.62 -8.38
N PHE B 510 -11.16 -8.27 -9.52
CA PHE B 510 -10.15 -9.31 -9.58
C PHE B 510 -8.75 -8.71 -9.60
N ILE B 511 -8.59 -7.55 -10.24
CA ILE B 511 -7.30 -6.87 -10.23
C ILE B 511 -7.02 -6.31 -8.85
N GLY B 512 -8.08 -5.93 -8.14
CA GLY B 512 -7.90 -5.40 -6.79
C GLY B 512 -7.44 -6.44 -5.80
N HIS B 513 -7.95 -7.67 -5.92
CA HIS B 513 -7.49 -8.71 -5.02
C HIS B 513 -6.12 -9.24 -5.43
N ALA B 514 -5.83 -9.27 -6.73
CA ALA B 514 -4.54 -9.76 -7.18
C ALA B 514 -3.43 -8.79 -6.81
N THR B 515 -3.75 -7.50 -6.73
CA THR B 515 -2.74 -6.53 -6.30
C THR B 515 -2.49 -6.64 -4.80
N ALA B 516 -3.54 -6.83 -4.02
CA ALA B 516 -3.40 -6.95 -2.57
C ALA B 516 -2.71 -8.25 -2.19
N LEU B 517 -2.85 -9.29 -3.00
CA LEU B 517 -2.12 -10.53 -2.76
C LEU B 517 -0.63 -10.37 -3.02
N ILE B 518 -0.26 -9.65 -4.08
CA ILE B 518 1.14 -9.50 -4.44
C ILE B 518 1.86 -8.62 -3.45
N GLN B 519 1.21 -7.58 -2.94
CA GLN B 519 1.85 -6.71 -1.97
C GLN B 519 1.98 -7.32 -0.58
N SER B 520 1.62 -8.58 -0.37
CA SER B 520 1.87 -9.27 0.89
C SER B 520 2.37 -10.67 0.61
N LEU B 521 3.29 -10.79 -0.35
CA LEU B 521 3.92 -12.07 -0.64
C LEU B 521 5.24 -12.23 0.11
N ASP B 522 6.13 -11.28 -0.05
CA ASP B 522 7.53 -11.43 0.35
C ASP B 522 7.91 -10.18 1.12
N SER B 523 7.74 -10.24 2.44
CA SER B 523 7.65 -9.02 3.25
C SER B 523 8.99 -8.65 3.87
N SER B 524 9.60 -9.62 4.53
CA SER B 524 10.88 -9.39 5.24
C SER B 524 11.87 -8.83 4.24
N ARG B 525 12.02 -9.52 3.11
CA ARG B 525 13.02 -9.07 2.13
C ARG B 525 12.61 -7.67 1.70
N ARG B 526 11.32 -7.47 1.48
CA ARG B 526 10.86 -6.12 1.12
C ARG B 526 11.32 -5.18 2.22
N GLN B 527 11.22 -5.63 3.45
CA GLN B 527 11.53 -4.73 4.56
C GLN B 527 13.03 -4.53 4.70
N TYR B 528 13.81 -5.53 4.32
CA TYR B 528 15.27 -5.38 4.26
C TYR B 528 15.66 -4.39 3.17
N GLN B 529 15.02 -4.46 2.01
CA GLN B 529 15.44 -3.63 0.89
C GLN B 529 14.92 -2.21 1.01
N GLU B 530 13.73 -2.03 1.60
CA GLU B 530 13.22 -0.69 1.82
C GLU B 530 14.04 0.05 2.86
N LYS B 531 14.61 -0.69 3.81
CA LYS B 531 15.50 -0.05 4.76
C LYS B 531 16.84 0.27 4.11
N TYR B 532 17.36 -0.64 3.30
CA TYR B 532 18.67 -0.43 2.69
C TYR B 532 18.61 0.61 1.57
N LYS B 533 17.43 0.80 0.96
CA LYS B 533 17.29 1.90 0.02
C LYS B 533 17.35 3.25 0.72
N GLN B 534 16.86 3.31 1.95
CA GLN B 534 17.05 4.51 2.76
C GLN B 534 18.50 4.66 3.17
N VAL B 535 19.22 3.55 3.29
CA VAL B 535 20.65 3.64 3.56
C VAL B 535 21.38 4.16 2.33
N GLU B 536 20.98 3.69 1.13
CA GLU B 536 21.63 4.10 -0.10
C GLU B 536 21.44 5.59 -0.37
N GLN B 537 20.24 6.10 -0.16
CA GLN B 537 19.98 7.51 -0.42
C GLN B 537 20.59 8.39 0.65
N TYR B 538 20.81 7.84 1.85
CA TYR B 538 21.49 8.61 2.88
C TYR B 538 22.97 8.76 2.55
N MET B 539 23.55 7.76 1.90
CA MET B 539 24.98 7.83 1.60
C MET B 539 25.24 8.77 0.43
N SER B 540 24.28 8.90 -0.49
CA SER B 540 24.46 9.81 -1.61
C SER B 540 24.07 11.25 -1.24
N PHE B 541 23.27 11.41 -0.20
CA PHE B 541 22.92 12.75 0.26
C PHE B 541 24.10 13.44 0.91
N HIS B 542 24.92 12.68 1.62
CA HIS B 542 26.10 13.22 2.26
C HIS B 542 27.37 12.98 1.48
N LYS B 543 27.27 12.28 0.34
CA LYS B 543 28.36 12.07 -0.62
C LYS B 543 29.56 11.38 0.02
N LEU B 544 29.34 10.15 0.48
CA LEU B 544 30.42 9.39 1.09
C LEU B 544 31.41 8.94 0.02
N PRO B 545 32.66 8.65 0.39
CA PRO B 545 33.58 8.03 -0.54
C PRO B 545 33.13 6.63 -0.90
N PRO B 546 33.50 6.14 -2.09
CA PRO B 546 33.02 4.82 -2.51
C PRO B 546 33.61 3.65 -1.74
N ASP B 547 34.70 3.86 -1.01
CA ASP B 547 35.22 2.78 -0.16
C ASP B 547 34.36 2.60 1.08
N THR B 548 33.93 3.71 1.68
CA THR B 548 33.03 3.62 2.82
C THR B 548 31.65 3.19 2.40
N ARG B 549 31.26 3.45 1.15
CA ARG B 549 30.00 2.88 0.66
C ARG B 549 30.13 1.39 0.47
N GLN B 550 31.34 0.90 0.18
CA GLN B 550 31.52 -0.52 -0.01
C GLN B 550 31.51 -1.26 1.32
N ARG B 551 32.09 -0.66 2.35
CA ARG B 551 32.14 -1.30 3.67
C ARG B 551 30.76 -1.37 4.30
N ILE B 552 29.98 -0.30 4.17
CA ILE B 552 28.62 -0.31 4.69
C ILE B 552 27.75 -1.28 3.90
N HIS B 553 28.01 -1.43 2.61
CA HIS B 553 27.24 -2.49 1.91
C HIS B 553 27.76 -3.85 2.35
N ASP B 554 29.05 -3.97 2.69
CA ASP B 554 29.50 -5.25 3.24
C ASP B 554 28.96 -5.48 4.64
N TYR B 555 28.49 -4.42 5.30
CA TYR B 555 27.99 -4.59 6.66
C TYR B 555 26.65 -5.31 6.66
N TYR B 556 25.67 -4.77 5.93
CA TYR B 556 24.29 -5.24 6.02
C TYR B 556 24.11 -6.68 5.57
N GLU B 557 24.85 -7.12 4.56
CA GLU B 557 24.72 -8.49 4.12
C GLU B 557 25.47 -9.46 5.02
N HIS B 558 26.38 -8.98 5.86
CA HIS B 558 26.98 -9.81 6.90
C HIS B 558 26.24 -9.69 8.23
N ARG B 559 25.66 -8.53 8.52
CA ARG B 559 24.90 -8.39 9.75
C ARG B 559 23.52 -8.98 9.61
N TYR B 560 22.79 -8.63 8.55
CA TYR B 560 21.40 -9.02 8.43
C TYR B 560 21.15 -10.18 7.49
N GLN B 561 22.07 -10.42 6.55
CA GLN B 561 22.03 -11.53 5.60
C GLN B 561 20.76 -11.53 4.75
N GLY B 562 20.33 -10.34 4.33
CA GLY B 562 19.27 -10.22 3.36
C GLY B 562 17.86 -10.18 3.92
N LYS B 563 17.67 -10.61 5.17
CA LYS B 563 16.35 -10.55 5.78
C LYS B 563 16.45 -9.78 7.09
N MET B 564 15.60 -8.77 7.25
CA MET B 564 15.63 -7.91 8.41
C MET B 564 14.39 -8.14 9.26
N PHE B 565 14.59 -8.76 10.42
CA PHE B 565 13.54 -9.01 11.37
C PHE B 565 13.63 -7.96 12.47
N ASP B 566 12.53 -7.74 13.17
CA ASP B 566 12.56 -6.95 14.39
C ASP B 566 12.54 -7.94 15.55
N GLU B 567 13.74 -8.35 15.98
CA GLU B 567 13.88 -9.45 16.91
C GLU B 567 13.38 -9.07 18.30
N GLU B 568 13.37 -7.79 18.63
CA GLU B 568 12.97 -7.37 19.97
C GLU B 568 11.47 -7.55 20.18
N SER B 569 10.65 -7.19 19.20
CA SER B 569 9.21 -7.32 19.36
C SER B 569 8.76 -8.76 19.20
N ILE B 570 9.42 -9.51 18.31
CA ILE B 570 9.02 -10.90 18.06
C ILE B 570 9.29 -11.75 19.30
N LEU B 571 10.40 -11.50 19.98
CA LEU B 571 10.62 -12.15 21.26
C LEU B 571 9.70 -11.63 22.35
N GLY B 572 9.47 -10.31 22.37
CA GLY B 572 8.77 -9.71 23.50
C GLY B 572 7.29 -10.04 23.57
N GLU B 573 6.69 -10.42 22.44
CA GLU B 573 5.28 -10.80 22.47
C GLU B 573 5.10 -12.20 23.03
N LEU B 574 6.15 -13.00 23.02
CA LEU B 574 6.04 -14.38 23.48
C LEU B 574 6.00 -14.45 24.99
N SER B 575 5.78 -15.66 25.50
CA SER B 575 5.82 -15.91 26.97
C SER B 575 7.27 -16.09 27.41
N GLU B 576 7.55 -15.91 28.70
CA GLU B 576 8.94 -16.02 29.20
C GLU B 576 9.44 -17.44 28.97
N PRO B 577 8.62 -18.48 29.24
CA PRO B 577 9.06 -19.86 29.09
C PRO B 577 9.41 -20.19 27.62
N LEU B 578 9.08 -19.29 26.69
CA LEU B 578 9.44 -19.48 25.29
C LEU B 578 10.65 -18.65 24.91
N ARG B 579 10.82 -17.47 25.52
CA ARG B 579 12.06 -16.73 25.34
C ARG B 579 13.23 -17.45 25.99
N GLU B 580 12.95 -18.23 27.03
CA GLU B 580 14.02 -19.04 27.61
C GLU B 580 14.35 -20.22 26.71
N GLU B 581 13.41 -20.64 25.87
CA GLU B 581 13.63 -21.83 25.08
C GLU B 581 14.26 -21.50 23.73
N ILE B 582 13.88 -20.37 23.14
CA ILE B 582 14.44 -19.97 21.85
C ILE B 582 15.89 -19.52 22.01
N ILE B 583 16.17 -18.70 23.02
CA ILE B 583 17.50 -18.16 23.20
C ILE B 583 18.46 -19.24 23.66
N ASN B 584 17.92 -20.25 24.35
CA ASN B 584 18.75 -21.44 24.70
C ASN B 584 18.97 -22.33 23.47
N PHE B 585 18.20 -22.13 22.39
CA PHE B 585 18.46 -22.86 21.15
C PHE B 585 19.38 -22.06 20.24
N ASN B 586 19.21 -20.75 20.19
CA ASN B 586 20.03 -19.92 19.30
C ASN B 586 21.48 -19.80 19.77
N CYS B 587 21.76 -20.11 21.03
CA CYS B 587 23.09 -19.90 21.58
C CYS B 587 23.74 -21.22 21.98
N ARG B 588 23.25 -22.33 21.41
CA ARG B 588 23.84 -23.63 21.69
C ARG B 588 25.25 -23.75 21.13
N LYS B 589 25.58 -23.02 20.07
CA LYS B 589 26.94 -23.03 19.55
C LYS B 589 27.87 -22.23 20.44
N LEU B 590 27.31 -21.29 21.21
CA LEU B 590 28.11 -20.54 22.16
C LEU B 590 28.26 -21.30 23.47
N VAL B 591 27.17 -21.92 23.93
CA VAL B 591 27.19 -22.62 25.21
C VAL B 591 28.06 -23.86 25.15
N ALA B 592 27.94 -24.65 24.08
CA ALA B 592 28.69 -25.90 23.99
C ALA B 592 30.17 -25.65 23.72
N SER B 593 30.51 -24.49 23.17
CA SER B 593 31.90 -24.24 22.82
C SER B 593 32.65 -23.54 23.95
N MET B 594 31.96 -22.75 24.76
CA MET B 594 32.66 -22.09 25.87
C MET B 594 32.91 -23.08 26.99
N PRO B 595 34.05 -22.99 27.69
CA PRO B 595 34.27 -23.82 28.86
C PRO B 595 33.55 -23.30 30.10
N LEU B 596 33.06 -22.07 30.03
CA LEU B 596 32.37 -21.47 31.16
C LEU B 596 30.98 -22.06 31.35
N PHE B 597 30.22 -22.22 30.27
CA PHE B 597 28.80 -22.53 30.37
C PHE B 597 28.53 -24.01 30.59
N ALA B 598 29.47 -24.89 30.23
CA ALA B 598 29.26 -26.32 30.44
C ALA B 598 29.45 -26.72 31.89
N ASN B 599 29.99 -25.83 32.73
CA ASN B 599 30.19 -26.11 34.14
C ASN B 599 29.45 -25.10 35.01
N ALA B 600 28.19 -24.81 34.70
CA ALA B 600 27.47 -23.77 35.40
C ALA B 600 26.03 -24.20 35.68
N ASP B 601 25.36 -23.41 36.50
CA ASP B 601 23.96 -23.62 36.82
C ASP B 601 23.10 -23.30 35.61
N PRO B 602 22.08 -24.10 35.31
CA PRO B 602 21.26 -23.83 34.11
C PRO B 602 20.38 -22.61 34.22
N ASN B 603 20.06 -22.15 35.43
CA ASN B 603 19.37 -20.86 35.55
C ASN B 603 20.32 -19.72 35.28
N PHE B 604 21.59 -19.89 35.65
CA PHE B 604 22.61 -18.88 35.39
C PHE B 604 22.85 -18.72 33.89
N VAL B 605 22.82 -19.82 33.15
CA VAL B 605 23.04 -19.76 31.71
C VAL B 605 21.86 -19.08 31.03
N THR B 606 20.65 -19.34 31.51
CA THR B 606 19.49 -18.72 30.89
C THR B 606 19.39 -17.25 31.26
N SER B 607 19.82 -16.90 32.48
CA SER B 607 19.78 -15.49 32.88
C SER B 607 20.89 -14.69 32.21
N MET B 608 21.96 -15.35 31.78
CA MET B 608 23.01 -14.67 31.03
C MET B 608 22.58 -14.41 29.59
N LEU B 609 22.01 -15.41 28.93
CA LEU B 609 21.75 -15.34 27.50
C LEU B 609 20.60 -14.40 27.15
N THR B 610 19.76 -14.02 28.11
CA THR B 610 18.69 -13.08 27.82
C THR B 610 19.20 -11.65 27.76
N LYS B 611 20.40 -11.38 28.24
CA LYS B 611 20.93 -10.03 28.31
C LYS B 611 21.74 -9.64 27.08
N LEU B 612 22.20 -10.61 26.30
CA LEU B 612 23.21 -10.37 25.28
C LEU B 612 22.61 -9.71 24.04
N ARG B 613 23.45 -9.00 23.29
CA ARG B 613 23.08 -8.36 22.05
C ARG B 613 24.12 -8.64 21.00
N PHE B 614 23.68 -8.75 19.75
CA PHE B 614 24.47 -9.32 18.68
C PHE B 614 25.15 -8.24 17.87
N GLU B 615 26.47 -8.36 17.68
CA GLU B 615 27.25 -7.33 17.00
C GLU B 615 28.16 -7.95 15.96
N VAL B 616 28.44 -7.19 14.91
CA VAL B 616 29.27 -7.61 13.79
C VAL B 616 30.37 -6.58 13.56
N PHE B 617 31.62 -7.04 13.48
CA PHE B 617 32.76 -6.19 13.22
C PHE B 617 33.51 -6.70 12.00
N GLN B 618 33.77 -5.81 11.05
CA GLN B 618 34.52 -6.16 9.87
C GLN B 618 36.01 -6.21 10.20
N PRO B 619 36.84 -6.89 9.40
CA PRO B 619 38.28 -6.93 9.68
C PRO B 619 38.94 -5.57 9.54
N GLY B 620 39.89 -5.30 10.42
CA GLY B 620 40.55 -4.01 10.49
C GLY B 620 39.94 -3.07 11.51
N ASP B 621 38.71 -3.34 11.96
CA ASP B 621 38.05 -2.45 12.90
C ASP B 621 38.65 -2.61 14.29
N TYR B 622 38.73 -1.50 15.03
CA TYR B 622 39.15 -1.54 16.41
C TYR B 622 37.92 -1.65 17.30
N ILE B 623 37.72 -2.84 17.88
CA ILE B 623 36.57 -3.06 18.75
C ILE B 623 36.75 -2.33 20.06
N ILE B 624 37.91 -2.48 20.67
CA ILE B 624 38.23 -1.83 21.93
C ILE B 624 39.54 -1.09 21.77
N ARG B 625 39.51 0.22 22.02
CA ARG B 625 40.71 1.05 21.98
C ARG B 625 41.25 1.19 23.39
N GLU B 626 42.55 1.02 23.53
CA GLU B 626 43.20 1.11 24.84
C GLU B 626 43.21 2.55 25.34
N GLY B 627 42.84 2.73 26.60
CA GLY B 627 42.84 4.05 27.20
C GLY B 627 41.49 4.73 27.22
N THR B 628 40.40 3.98 27.11
CA THR B 628 39.05 4.52 27.23
C THR B 628 38.36 3.87 28.42
N ILE B 629 37.15 4.33 28.72
CA ILE B 629 36.37 3.80 29.82
C ILE B 629 35.55 2.62 29.31
N GLY B 630 35.70 1.47 29.95
CA GLY B 630 35.03 0.27 29.49
C GLY B 630 33.56 0.24 29.84
N LYS B 631 32.72 -0.21 28.90
CA LYS B 631 31.25 -0.17 29.14
C LYS B 631 30.59 -1.49 28.72
N LYS B 632 31.32 -2.39 28.06
CA LYS B 632 30.68 -3.62 27.54
C LYS B 632 31.61 -4.84 27.67
N MET B 633 31.02 -6.04 27.62
CA MET B 633 31.83 -7.30 27.68
C MET B 633 31.47 -8.12 26.43
N TYR B 634 32.46 -8.79 25.84
CA TYR B 634 32.30 -9.43 24.55
C TYR B 634 32.50 -10.95 24.65
N PHE B 635 31.61 -11.69 24.00
CA PHE B 635 31.76 -13.12 23.79
C PHE B 635 31.92 -13.39 22.31
N ILE B 636 32.86 -14.27 21.96
CA ILE B 636 33.23 -14.49 20.57
C ILE B 636 32.45 -15.68 20.03
N GLN B 637 31.49 -15.42 19.15
CA GLN B 637 30.85 -16.54 18.47
C GLN B 637 31.65 -17.00 17.27
N HIS B 638 31.96 -16.09 16.35
CA HIS B 638 32.69 -16.48 15.15
C HIS B 638 34.01 -15.73 15.08
N GLY B 639 35.04 -16.43 14.64
CA GLY B 639 36.27 -15.81 14.19
C GLY B 639 37.26 -15.57 15.31
N VAL B 640 38.35 -14.91 14.94
CA VAL B 640 39.45 -14.62 15.86
C VAL B 640 39.69 -13.11 15.91
N VAL B 641 40.19 -12.65 17.05
CA VAL B 641 40.56 -11.25 17.26
C VAL B 641 42.00 -11.20 17.71
N SER B 642 42.55 -9.99 17.75
CA SER B 642 43.94 -9.76 18.10
C SER B 642 44.00 -8.80 19.28
N VAL B 643 44.35 -9.32 20.45
CA VAL B 643 44.56 -8.46 21.62
C VAL B 643 45.94 -7.83 21.47
N LEU B 644 45.98 -6.53 21.18
CA LEU B 644 47.22 -5.79 21.02
C LEU B 644 47.60 -5.20 22.37
N THR B 645 48.78 -5.56 22.85
CA THR B 645 49.21 -5.21 24.19
C THR B 645 50.36 -4.20 24.10
N LYS B 646 50.27 -3.16 24.92
CA LYS B 646 51.32 -2.15 25.02
C LYS B 646 52.60 -2.77 25.56
N GLY B 647 53.59 -2.94 24.69
CA GLY B 647 54.88 -3.47 25.10
C GLY B 647 54.98 -4.98 25.16
N ASN B 648 53.97 -5.71 24.68
CA ASN B 648 54.02 -7.16 24.67
C ASN B 648 53.57 -7.69 23.32
N LYS B 649 53.73 -8.99 23.14
CA LYS B 649 53.36 -9.67 21.91
C LYS B 649 51.85 -9.76 21.79
N GLU B 650 51.36 -9.65 20.55
CA GLU B 650 49.95 -9.85 20.28
C GLU B 650 49.56 -11.31 20.48
N THR B 651 48.31 -11.54 20.86
CA THR B 651 47.76 -12.87 21.05
C THR B 651 46.37 -12.96 20.45
N LYS B 652 45.99 -14.18 20.07
CA LYS B 652 44.69 -14.40 19.44
C LYS B 652 43.73 -15.04 20.44
N LEU B 653 42.44 -14.80 20.20
CA LEU B 653 41.37 -15.44 20.96
C LEU B 653 40.43 -16.12 19.98
N ALA B 654 39.89 -17.26 20.37
CA ALA B 654 39.16 -18.12 19.44
C ALA B 654 37.68 -18.13 19.76
N ASP B 655 36.94 -18.97 19.04
CA ASP B 655 35.50 -19.08 19.22
C ASP B 655 35.18 -19.68 20.58
N GLY B 656 34.76 -18.83 21.51
CA GLY B 656 34.46 -19.27 22.85
C GLY B 656 35.26 -18.58 23.93
N SER B 657 36.34 -17.88 23.57
CA SER B 657 37.01 -17.03 24.55
C SER B 657 36.27 -15.72 24.67
N TYR B 658 36.48 -15.03 25.77
CA TYR B 658 35.77 -13.79 26.06
C TYR B 658 36.75 -12.73 26.55
N PHE B 659 36.44 -11.48 26.21
CA PHE B 659 37.31 -10.37 26.56
C PHE B 659 36.44 -9.18 26.96
N GLY B 660 37.05 -8.29 27.73
CA GLY B 660 36.35 -7.12 28.22
C GLY B 660 35.67 -7.37 29.55
N GLU B 661 36.42 -7.92 30.50
CA GLU B 661 35.91 -8.15 31.85
C GLU B 661 36.80 -7.58 32.93
N ILE B 662 38.04 -7.21 32.60
CA ILE B 662 38.95 -6.64 33.60
C ILE B 662 38.48 -5.25 34.01
N CYS B 663 37.97 -4.48 33.06
CA CYS B 663 37.56 -3.11 33.31
C CYS B 663 36.24 -3.04 34.06
N LEU B 664 35.44 -4.10 34.01
CA LEU B 664 34.15 -4.12 34.69
C LEU B 664 34.26 -4.52 36.14
N LEU B 665 35.32 -5.24 36.52
CA LEU B 665 35.50 -5.63 37.91
C LEU B 665 36.18 -4.55 38.73
N THR B 666 36.91 -3.64 38.09
CA THR B 666 37.66 -2.61 38.79
C THR B 666 37.11 -1.21 38.57
N ARG B 667 36.20 -1.02 37.61
CA ARG B 667 35.68 0.27 37.17
C ARG B 667 36.80 1.21 36.72
N GLY B 668 37.84 0.63 36.15
CA GLY B 668 38.96 1.40 35.65
C GLY B 668 38.80 1.71 34.16
N ARG B 669 39.93 1.92 33.50
CA ARG B 669 39.93 2.24 32.09
C ARG B 669 40.46 1.04 31.31
N ARG B 670 40.40 1.14 29.98
CA ARG B 670 40.80 0.03 29.13
C ARG B 670 42.30 -0.19 29.21
N THR B 671 42.71 -1.46 29.12
CA THR B 671 44.09 -1.85 29.34
C THR B 671 44.79 -2.33 28.07
N ALA B 672 44.04 -2.62 27.01
CA ALA B 672 44.66 -3.14 25.79
C ALA B 672 43.77 -2.86 24.59
N SER B 673 44.36 -2.95 23.41
CA SER B 673 43.60 -2.80 22.18
C SER B 673 43.11 -4.15 21.68
N VAL B 674 41.90 -4.15 21.12
CA VAL B 674 41.33 -5.33 20.49
C VAL B 674 40.95 -4.96 19.07
N ARG B 675 41.44 -5.72 18.09
CA ARG B 675 41.25 -5.43 16.69
C ARG B 675 40.77 -6.67 15.97
N ALA B 676 39.76 -6.49 15.12
CA ALA B 676 39.17 -7.62 14.42
C ALA B 676 40.08 -8.10 13.29
N ASP B 677 40.03 -9.41 13.04
CA ASP B 677 40.80 -10.03 11.97
C ASP B 677 39.92 -10.71 10.94
N THR B 678 38.80 -11.31 11.35
CA THR B 678 37.83 -11.91 10.46
C THR B 678 36.52 -11.16 10.63
N TYR B 679 35.47 -11.66 10.00
CA TYR B 679 34.14 -11.07 10.16
C TYR B 679 33.55 -11.55 11.47
N CYS B 680 33.99 -10.94 12.57
CA CYS B 680 33.64 -11.39 13.90
C CYS B 680 32.19 -11.08 14.21
N ARG B 681 31.44 -12.09 14.62
CA ARG B 681 30.09 -11.93 15.13
C ARG B 681 30.16 -12.09 16.64
N LEU B 682 30.02 -11.00 17.37
CA LEU B 682 30.23 -11.03 18.80
C LEU B 682 28.90 -10.90 19.52
N TYR B 683 28.96 -11.08 20.85
CA TYR B 683 27.83 -10.82 21.73
C TYR B 683 28.25 -9.78 22.74
N SER B 684 27.40 -8.78 22.97
CA SER B 684 27.73 -7.71 23.89
C SER B 684 26.97 -7.87 25.18
N LEU B 685 27.63 -7.50 26.29
CA LEU B 685 27.01 -7.51 27.61
C LEU B 685 27.37 -6.20 28.29
N SER B 686 26.36 -5.42 28.67
CA SER B 686 26.61 -4.11 29.25
C SER B 686 27.06 -4.23 30.70
N VAL B 687 27.48 -3.10 31.26
CA VAL B 687 27.92 -3.06 32.66
C VAL B 687 26.74 -3.29 33.59
N ASP B 688 25.62 -2.59 33.33
CA ASP B 688 24.47 -2.61 34.24
C ASP B 688 23.85 -4.00 34.30
N ASN B 689 23.91 -4.75 33.21
CA ASN B 689 23.47 -6.12 33.25
C ASN B 689 24.49 -7.00 33.96
N PHE B 690 25.78 -6.68 33.83
CA PHE B 690 26.82 -7.54 34.40
C PHE B 690 26.84 -7.43 35.92
N ASN B 691 26.59 -6.24 36.45
CA ASN B 691 26.52 -6.09 37.90
C ASN B 691 25.25 -6.71 38.45
N GLU B 692 24.19 -6.78 37.65
CA GLU B 692 22.92 -7.29 38.12
C GLU B 692 22.94 -8.81 38.22
N VAL B 693 23.59 -9.47 37.25
CA VAL B 693 23.61 -10.93 37.23
C VAL B 693 24.50 -11.47 38.36
N LEU B 694 25.60 -10.79 38.67
CA LEU B 694 26.48 -11.25 39.73
C LEU B 694 25.90 -11.06 41.13
N GLU B 695 24.97 -10.11 41.30
CA GLU B 695 24.31 -9.99 42.59
C GLU B 695 23.34 -11.13 42.83
N GLU B 696 22.83 -11.73 41.76
CA GLU B 696 22.05 -12.96 41.90
C GLU B 696 22.96 -14.13 42.19
N TYR B 697 24.05 -14.24 41.44
CA TYR B 697 24.97 -15.38 41.53
C TYR B 697 26.36 -14.89 41.87
N PRO B 698 26.69 -14.70 43.14
CA PRO B 698 28.04 -14.24 43.50
C PRO B 698 29.09 -15.33 43.40
N MET B 699 28.69 -16.58 43.24
CA MET B 699 29.66 -17.67 43.13
C MET B 699 30.35 -17.69 41.78
N MET B 700 29.70 -17.21 40.72
CA MET B 700 30.32 -17.11 39.41
C MET B 700 31.11 -15.82 39.23
N ARG B 701 31.10 -14.94 40.24
CA ARG B 701 31.91 -13.73 40.18
C ARG B 701 33.38 -14.05 40.28
N ARG B 702 33.74 -15.08 41.05
CA ARG B 702 35.13 -15.37 41.32
C ARG B 702 35.83 -16.03 40.15
N ALA B 703 35.06 -16.65 39.25
CA ALA B 703 35.66 -17.30 38.08
C ALA B 703 36.20 -16.26 37.11
N PHE B 704 35.47 -15.16 36.93
CA PHE B 704 35.99 -14.07 36.09
C PHE B 704 37.15 -13.36 36.76
N GLU B 705 37.17 -13.35 38.10
CA GLU B 705 38.28 -12.76 38.82
C GLU B 705 39.54 -13.60 38.67
N THR B 706 39.38 -14.92 38.47
CA THR B 706 40.52 -15.78 38.25
C THR B 706 41.16 -15.53 36.89
N VAL B 707 40.33 -15.41 35.85
CA VAL B 707 40.86 -15.20 34.50
C VAL B 707 41.43 -13.80 34.37
N ALA B 708 40.83 -12.82 35.05
CA ALA B 708 41.37 -11.47 35.03
C ALA B 708 42.67 -11.38 35.83
N LEU B 709 42.89 -12.30 36.77
CA LEU B 709 44.17 -12.37 37.44
C LEU B 709 45.26 -12.89 36.51
N ASP B 710 44.89 -13.73 35.56
CA ASP B 710 45.88 -14.31 34.65
C ASP B 710 46.41 -13.28 33.66
N ARG B 711 45.52 -12.51 33.07
CA ARG B 711 46.00 -11.52 32.06
C ARG B 711 46.88 -10.50 32.80
N LEU B 712 46.40 -9.93 33.90
CA LEU B 712 47.18 -8.92 34.58
C LEU B 712 48.52 -9.46 35.06
N ASP B 713 48.57 -10.79 35.23
CA ASP B 713 49.85 -11.51 35.46
C ASP B 713 50.68 -11.44 34.18
N ARG B 714 50.10 -11.85 33.05
CA ARG B 714 50.82 -11.82 31.75
C ARG B 714 51.18 -10.37 31.42
N ILE B 715 50.26 -9.44 31.69
CA ILE B 715 50.53 -7.99 31.44
C ILE B 715 51.78 -7.57 32.23
N MET C 215 44.25 -37.86 -13.97
CA MET C 215 44.23 -37.10 -12.73
C MET C 215 42.92 -37.29 -11.97
N GLN C 216 42.97 -37.04 -10.67
CA GLN C 216 41.78 -37.10 -9.83
C GLN C 216 41.67 -35.88 -8.92
N ARG C 217 42.68 -35.01 -8.93
CA ARG C 217 42.71 -33.90 -7.99
C ARG C 217 41.97 -32.68 -8.51
N GLN C 218 42.21 -32.31 -9.78
CA GLN C 218 41.81 -30.99 -10.28
C GLN C 218 40.30 -30.90 -10.46
N PHE C 219 39.63 -32.03 -10.63
CA PHE C 219 38.17 -32.05 -10.73
C PHE C 219 37.51 -32.06 -9.35
N GLY C 220 38.28 -32.34 -8.30
CA GLY C 220 37.73 -32.30 -6.96
C GLY C 220 37.58 -30.88 -6.47
N ALA C 221 38.37 -29.97 -7.06
CA ALA C 221 38.29 -28.56 -6.71
C ALA C 221 37.05 -27.90 -7.27
N MET C 222 36.42 -28.51 -8.29
CA MET C 222 35.17 -28.00 -8.81
C MET C 222 33.97 -28.52 -8.04
N LEU C 223 34.09 -29.67 -7.40
CA LEU C 223 32.97 -30.30 -6.70
C LEU C 223 32.75 -29.72 -5.31
N GLN C 224 33.76 -29.08 -4.74
CA GLN C 224 33.70 -28.54 -3.39
C GLN C 224 33.56 -27.02 -3.49
N PRO C 225 32.83 -26.40 -2.56
CA PRO C 225 32.55 -24.96 -2.69
C PRO C 225 33.78 -24.10 -2.45
N GLY C 226 34.17 -23.35 -3.47
CA GLY C 226 35.35 -22.52 -3.39
C GLY C 226 35.13 -21.27 -2.55
N VAL C 227 36.20 -20.50 -2.40
CA VAL C 227 36.21 -19.30 -1.56
C VAL C 227 35.94 -18.09 -2.44
N ASN C 228 34.86 -17.38 -2.13
CA ASN C 228 34.53 -16.13 -2.79
C ASN C 228 33.71 -15.30 -1.82
N LYS C 229 32.93 -14.36 -2.34
CA LYS C 229 32.03 -13.66 -1.41
C LYS C 229 30.86 -14.55 -1.02
N PHE C 230 30.28 -15.29 -1.97
CA PHE C 230 29.05 -16.06 -1.64
C PHE C 230 29.38 -17.12 -0.60
N SER C 231 30.50 -17.79 -0.74
CA SER C 231 30.79 -18.89 0.21
C SER C 231 30.89 -18.28 1.59
N LEU C 232 31.58 -17.14 1.69
CA LEU C 232 31.78 -16.50 3.00
C LEU C 232 30.42 -16.10 3.57
N ARG C 233 29.56 -15.52 2.73
CA ARG C 233 28.24 -15.04 3.21
C ARG C 233 27.47 -16.24 3.74
N MET C 234 27.56 -17.39 3.07
CA MET C 234 26.74 -18.55 3.49
C MET C 234 27.26 -19.19 4.78
N PHE C 235 28.52 -18.98 5.15
CA PHE C 235 29.10 -19.80 6.19
C PHE C 235 29.79 -19.00 7.29
N GLY C 236 30.10 -17.73 7.04
CA GLY C 236 30.78 -16.92 8.05
C GLY C 236 32.25 -16.75 7.74
N SER C 237 33.10 -17.23 8.63
CA SER C 237 34.54 -17.12 8.43
C SER C 237 35.00 -18.10 7.37
N GLN C 238 36.24 -17.89 6.89
CA GLN C 238 36.84 -18.77 5.89
C GLN C 238 37.07 -20.17 6.44
N LYS C 239 37.34 -20.29 7.74
CA LYS C 239 37.51 -21.60 8.36
C LYS C 239 36.23 -22.44 8.28
N ALA C 240 35.06 -21.77 8.34
CA ALA C 240 33.80 -22.48 8.19
C ALA C 240 33.62 -23.01 6.77
N VAL C 241 34.20 -22.33 5.78
CA VAL C 241 34.25 -22.88 4.43
C VAL C 241 35.22 -24.04 4.37
N GLU C 242 36.36 -23.92 5.07
CA GLU C 242 37.37 -24.96 5.05
C GLU C 242 36.90 -26.23 5.75
N ARG C 243 36.02 -26.10 6.73
CA ARG C 243 35.40 -27.27 7.32
C ARG C 243 34.33 -27.84 6.39
N GLU C 244 33.73 -27.00 5.56
CA GLU C 244 32.73 -27.48 4.62
C GLU C 244 33.39 -28.19 3.45
N GLN C 245 34.57 -27.72 3.04
CA GLN C 245 35.29 -28.36 1.94
C GLN C 245 35.81 -29.73 2.32
N GLU C 246 35.96 -29.99 3.61
CA GLU C 246 36.37 -31.32 4.03
C GLU C 246 35.17 -32.24 4.22
N ARG C 247 33.98 -31.68 4.40
CA ARG C 247 32.79 -32.53 4.49
C ARG C 247 32.40 -33.06 3.11
N VAL C 248 32.74 -32.32 2.05
CA VAL C 248 32.51 -32.80 0.68
C VAL C 248 33.38 -34.01 0.39
N LYS C 249 34.69 -33.90 0.66
CA LYS C 249 35.63 -34.98 0.38
C LYS C 249 35.39 -36.21 1.25
N SER C 250 34.83 -36.01 2.45
CA SER C 250 34.53 -37.11 3.35
C SER C 250 33.11 -37.64 3.17
N ALA C 251 32.44 -37.27 2.09
CA ALA C 251 31.07 -37.73 1.83
C ALA C 251 31.03 -38.87 0.82
N GLY C 252 32.17 -39.43 0.48
CA GLY C 252 32.24 -40.44 -0.57
C GLY C 252 32.98 -39.92 -1.79
N PHE C 253 33.02 -40.77 -2.81
CA PHE C 253 33.74 -40.45 -4.03
C PHE C 253 32.84 -39.71 -5.01
N TRP C 254 33.37 -38.60 -5.54
CA TRP C 254 32.81 -37.85 -6.66
C TRP C 254 31.43 -37.28 -6.35
N ILE C 255 31.31 -36.50 -5.27
CA ILE C 255 30.03 -35.95 -4.84
C ILE C 255 30.03 -34.45 -5.09
N ILE C 256 28.88 -33.91 -5.51
CA ILE C 256 28.75 -32.52 -5.92
C ILE C 256 28.15 -31.71 -4.79
N HIS C 257 28.83 -30.63 -4.40
CA HIS C 257 28.23 -29.71 -3.48
C HIS C 257 27.46 -28.65 -4.25
N PRO C 258 26.23 -28.31 -3.82
CA PRO C 258 25.38 -27.44 -4.64
C PRO C 258 25.85 -26.02 -4.77
N TYR C 259 26.68 -25.53 -3.86
CA TYR C 259 27.20 -24.16 -3.93
C TYR C 259 28.51 -24.09 -4.69
N SER C 260 29.00 -25.21 -5.18
CA SER C 260 30.33 -25.26 -5.79
C SER C 260 30.30 -24.65 -7.18
N ASP C 261 31.48 -24.51 -7.78
CA ASP C 261 31.60 -23.84 -9.07
C ASP C 261 31.27 -24.75 -10.23
N PHE C 262 31.27 -26.07 -10.04
CA PHE C 262 30.80 -26.96 -11.09
C PHE C 262 29.29 -26.85 -11.25
N ARG C 263 28.56 -26.91 -10.14
CA ARG C 263 27.11 -26.94 -10.19
C ARG C 263 26.54 -25.59 -10.63
N PHE C 264 27.28 -24.51 -10.39
CA PHE C 264 26.82 -23.22 -10.89
C PHE C 264 26.98 -23.12 -12.40
N TYR C 265 28.11 -23.60 -12.92
CA TYR C 265 28.31 -23.47 -14.36
C TYR C 265 27.78 -24.66 -15.14
N TRP C 266 27.39 -25.74 -14.47
CA TRP C 266 26.58 -26.75 -15.14
C TRP C 266 25.17 -26.27 -15.34
N ASP C 267 24.57 -25.70 -14.29
CA ASP C 267 23.18 -25.28 -14.37
C ASP C 267 23.01 -24.02 -15.19
N LEU C 268 24.11 -23.31 -15.47
CA LEU C 268 24.01 -22.18 -16.39
C LEU C 268 23.91 -22.66 -17.82
N THR C 269 24.60 -23.75 -18.16
CA THR C 269 24.51 -24.27 -19.52
C THR C 269 23.18 -24.95 -19.77
N MET C 270 22.57 -25.50 -18.72
CA MET C 270 21.27 -26.13 -18.90
C MET C 270 20.17 -25.08 -19.08
N LEU C 271 20.34 -23.90 -18.50
CA LEU C 271 19.40 -22.81 -18.79
C LEU C 271 19.55 -22.34 -20.23
N LEU C 272 20.75 -22.43 -20.79
CA LEU C 272 20.91 -22.03 -22.17
C LEU C 272 20.55 -23.17 -23.11
N LEU C 273 20.20 -24.33 -22.55
CA LEU C 273 19.76 -25.44 -23.39
C LEU C 273 18.26 -25.65 -23.30
N MET C 274 17.67 -25.42 -22.11
CA MET C 274 16.23 -25.54 -21.95
C MET C 274 15.49 -24.45 -22.68
N VAL C 275 16.02 -23.22 -22.68
CA VAL C 275 15.39 -22.13 -23.42
C VAL C 275 15.52 -22.38 -24.92
N GLY C 276 16.55 -23.11 -25.33
CA GLY C 276 16.57 -23.61 -26.69
C GLY C 276 15.50 -24.65 -26.95
N ASN C 277 15.31 -25.58 -26.03
CA ASN C 277 14.42 -26.71 -26.30
C ASN C 277 13.00 -26.45 -25.83
N LEU C 278 12.75 -25.36 -25.12
CA LEU C 278 11.35 -25.01 -24.89
C LEU C 278 10.84 -24.03 -25.93
N ILE C 279 11.68 -23.64 -26.89
CA ILE C 279 11.20 -22.83 -27.99
C ILE C 279 11.18 -23.64 -29.28
N ILE C 280 12.22 -24.42 -29.53
CA ILE C 280 12.36 -25.09 -30.82
C ILE C 280 11.49 -26.33 -30.89
N ILE C 281 11.33 -27.04 -29.78
CA ILE C 281 10.51 -28.26 -29.77
C ILE C 281 9.02 -28.01 -30.03
N PRO C 282 8.32 -27.08 -29.36
CA PRO C 282 6.90 -26.92 -29.71
C PRO C 282 6.66 -26.28 -31.07
N VAL C 283 7.70 -25.77 -31.73
CA VAL C 283 7.56 -25.28 -33.09
C VAL C 283 7.78 -26.40 -34.08
N GLY C 284 8.84 -27.18 -33.90
CA GLY C 284 9.20 -28.17 -34.91
C GLY C 284 8.29 -29.38 -34.93
N ILE C 285 7.47 -29.56 -33.90
CA ILE C 285 6.50 -30.64 -33.92
C ILE C 285 5.29 -30.27 -34.77
N THR C 286 4.74 -29.07 -34.54
CA THR C 286 3.48 -28.73 -35.18
C THR C 286 3.69 -28.29 -36.62
N PHE C 287 4.47 -27.23 -36.83
CA PHE C 287 4.49 -26.56 -38.12
C PHE C 287 5.22 -27.34 -39.21
N PHE C 288 5.83 -28.47 -38.89
CA PHE C 288 6.44 -29.32 -39.89
C PHE C 288 5.73 -30.67 -39.87
N LYS C 289 4.93 -30.93 -40.90
CA LYS C 289 4.01 -32.06 -40.93
C LYS C 289 4.73 -33.40 -40.98
N ASP C 290 5.96 -33.40 -41.45
CA ASP C 290 6.86 -34.54 -41.24
C ASP C 290 8.29 -34.04 -41.26
N GLU C 291 8.93 -34.00 -40.09
CA GLU C 291 10.32 -33.65 -40.02
C GLU C 291 11.06 -34.75 -39.27
N ASN C 292 11.58 -35.71 -40.01
CA ASN C 292 12.51 -36.70 -39.48
C ASN C 292 13.81 -36.68 -40.25
N THR C 293 14.29 -35.49 -40.61
CA THR C 293 15.55 -35.37 -41.31
C THR C 293 16.72 -35.60 -40.36
N THR C 294 17.91 -35.70 -40.94
CA THR C 294 19.11 -35.85 -40.13
C THR C 294 19.41 -34.65 -39.21
N PRO C 295 19.30 -33.37 -39.62
CA PRO C 295 19.57 -32.30 -38.63
C PRO C 295 18.55 -32.21 -37.51
N TRP C 296 17.34 -32.76 -37.67
CA TRP C 296 16.38 -32.68 -36.60
C TRP C 296 16.58 -33.78 -35.57
N ILE C 297 16.83 -35.01 -36.02
CA ILE C 297 16.93 -36.13 -35.08
C ILE C 297 18.22 -36.04 -34.28
N VAL C 298 19.29 -35.56 -34.93
CA VAL C 298 20.55 -35.30 -34.23
C VAL C 298 20.36 -34.22 -33.17
N PHE C 299 19.52 -33.22 -33.47
CA PHE C 299 19.22 -32.19 -32.48
C PHE C 299 18.47 -32.74 -31.29
N ASN C 300 17.68 -33.79 -31.48
CA ASN C 300 16.94 -34.35 -30.35
C ASN C 300 17.78 -35.37 -29.58
N VAL C 301 18.69 -36.04 -30.27
CA VAL C 301 19.53 -37.02 -29.58
C VAL C 301 20.60 -36.33 -28.75
N VAL C 302 21.20 -35.26 -29.28
CA VAL C 302 22.15 -34.47 -28.51
C VAL C 302 21.48 -33.83 -27.31
N SER C 303 20.25 -33.34 -27.49
CA SER C 303 19.52 -32.77 -26.36
C SER C 303 19.13 -33.83 -25.34
N ASP C 304 18.81 -35.04 -25.79
CA ASP C 304 18.46 -36.09 -24.84
C ASP C 304 19.68 -36.62 -24.09
N THR C 305 20.89 -36.33 -24.59
CA THR C 305 22.08 -36.75 -23.86
C THR C 305 22.28 -35.92 -22.61
N PHE C 306 22.14 -34.59 -22.74
CA PHE C 306 22.37 -33.71 -21.60
C PHE C 306 21.27 -33.87 -20.55
N PHE C 307 20.05 -34.16 -20.98
CA PHE C 307 18.98 -34.30 -19.99
C PHE C 307 18.97 -35.68 -19.34
N LEU C 308 19.84 -36.59 -19.79
CA LEU C 308 20.11 -37.77 -18.98
C LEU C 308 21.26 -37.53 -18.01
N ILE C 309 22.31 -36.83 -18.47
CA ILE C 309 23.44 -36.52 -17.60
C ILE C 309 23.01 -35.60 -16.46
N ASP C 310 22.13 -34.64 -16.77
CA ASP C 310 21.54 -33.82 -15.72
C ASP C 310 20.69 -34.67 -14.77
N LEU C 311 20.07 -35.73 -15.28
CA LEU C 311 19.32 -36.62 -14.41
C LEU C 311 20.25 -37.47 -13.56
N VAL C 312 21.43 -37.80 -14.09
CA VAL C 312 22.39 -38.57 -13.31
C VAL C 312 23.02 -37.71 -12.23
N LEU C 313 23.38 -36.47 -12.56
CA LEU C 313 24.06 -35.61 -11.60
C LEU C 313 23.15 -35.12 -10.49
N ASN C 314 21.84 -35.29 -10.60
CA ASN C 314 20.95 -34.92 -9.51
C ASN C 314 20.99 -35.92 -8.37
N PHE C 315 21.57 -37.10 -8.57
CA PHE C 315 21.75 -38.05 -7.48
C PHE C 315 23.07 -37.85 -6.75
N ARG C 316 23.86 -36.86 -7.14
CA ARG C 316 25.14 -36.57 -6.50
C ARG C 316 25.23 -35.16 -5.97
N THR C 317 24.20 -34.35 -6.16
CA THR C 317 24.18 -32.97 -5.71
C THR C 317 23.58 -32.92 -4.32
N GLY C 318 24.20 -32.13 -3.43
CA GLY C 318 23.64 -31.94 -2.10
C GLY C 318 22.33 -31.18 -2.15
N ILE C 319 21.41 -31.58 -1.28
CA ILE C 319 20.07 -31.02 -1.24
C ILE C 319 19.98 -30.07 -0.06
N VAL C 320 19.57 -28.83 -0.33
CA VAL C 320 19.39 -27.85 0.74
C VAL C 320 18.08 -28.14 1.45
N VAL C 321 18.18 -28.38 2.76
CA VAL C 321 17.01 -28.62 3.60
C VAL C 321 16.71 -27.34 4.37
N GLU C 322 15.47 -26.89 4.29
CA GLU C 322 15.01 -25.69 4.99
C GLU C 322 14.43 -26.02 6.36
N ASP C 323 14.91 -27.10 6.97
CA ASP C 323 14.47 -27.52 8.30
C ASP C 323 15.65 -27.83 9.22
N ASN C 324 16.86 -27.91 8.69
CA ASN C 324 18.05 -28.10 9.50
C ASN C 324 19.14 -27.13 9.05
N THR C 325 20.25 -27.12 9.79
CA THR C 325 21.38 -26.28 9.44
C THR C 325 22.40 -27.01 8.58
N ASP C 326 22.11 -28.25 8.19
CA ASP C 326 23.05 -29.05 7.44
C ASP C 326 22.58 -29.25 6.01
N ILE C 327 23.54 -29.38 5.10
CA ILE C 327 23.29 -29.76 3.72
C ILE C 327 23.65 -31.22 3.57
N ILE C 328 22.68 -32.03 3.15
CA ILE C 328 22.85 -33.48 3.10
C ILE C 328 23.81 -33.85 1.99
N LEU C 329 24.89 -34.53 2.34
CA LEU C 329 25.81 -35.04 1.34
C LEU C 329 25.97 -36.56 1.40
N ASP C 330 25.13 -37.24 2.17
CA ASP C 330 25.08 -38.70 2.13
C ASP C 330 24.36 -39.12 0.86
N PRO C 331 24.99 -39.89 -0.03
CA PRO C 331 24.36 -40.17 -1.34
C PRO C 331 23.11 -41.02 -1.28
N ARG C 332 22.86 -41.74 -0.19
CA ARG C 332 21.60 -42.47 -0.11
C ARG C 332 20.45 -41.55 0.26
N ARG C 333 20.69 -40.60 1.17
CA ARG C 333 19.63 -39.68 1.56
C ARG C 333 19.33 -38.67 0.47
N ILE C 334 20.31 -38.38 -0.40
CA ILE C 334 20.04 -37.61 -1.61
C ILE C 334 19.15 -38.40 -2.54
N LYS C 335 19.39 -39.71 -2.64
CA LYS C 335 18.62 -40.56 -3.54
C LYS C 335 17.17 -40.70 -3.08
N MET C 336 16.95 -40.78 -1.78
CA MET C 336 15.61 -41.05 -1.28
C MET C 336 14.76 -39.78 -1.25
N LYS C 337 15.39 -38.61 -1.35
CA LYS C 337 14.62 -37.38 -1.42
C LYS C 337 14.30 -36.99 -2.85
N TYR C 338 15.19 -37.33 -3.80
CA TYR C 338 14.97 -36.95 -5.18
C TYR C 338 13.86 -37.76 -5.83
N LEU C 339 13.75 -39.04 -5.45
CA LEU C 339 12.71 -39.90 -6.00
C LEU C 339 11.31 -39.52 -5.54
N LYS C 340 11.20 -38.81 -4.41
CA LYS C 340 9.89 -38.58 -3.84
C LYS C 340 9.28 -37.28 -4.35
N SER C 341 10.11 -36.32 -4.74
CA SER C 341 9.64 -34.97 -5.00
C SER C 341 9.65 -34.60 -6.48
N TRP C 342 10.82 -34.62 -7.13
CA TRP C 342 10.91 -34.32 -8.55
C TRP C 342 11.76 -35.39 -9.22
N PHE C 343 11.14 -36.52 -9.54
CA PHE C 343 11.86 -37.54 -10.30
C PHE C 343 11.17 -37.91 -11.58
N VAL C 344 9.88 -38.26 -11.52
CA VAL C 344 9.19 -38.80 -12.68
C VAL C 344 8.96 -37.70 -13.71
N VAL C 345 8.78 -36.46 -13.24
CA VAL C 345 8.74 -35.33 -14.16
C VAL C 345 10.12 -35.09 -14.77
N ASP C 346 11.18 -35.47 -14.08
CA ASP C 346 12.50 -35.34 -14.68
C ASP C 346 12.96 -36.64 -15.30
N PHE C 347 12.15 -37.69 -15.21
CA PHE C 347 12.49 -38.93 -15.90
C PHE C 347 11.72 -39.08 -17.20
N VAL C 348 10.47 -38.62 -17.23
CA VAL C 348 9.70 -38.64 -18.47
C VAL C 348 10.30 -37.66 -19.47
N SER C 349 10.65 -36.46 -19.01
CA SER C 349 11.23 -35.45 -19.89
C SER C 349 12.68 -35.72 -20.25
N SER C 350 13.29 -36.77 -19.68
CA SER C 350 14.68 -37.07 -19.99
C SER C 350 14.80 -38.05 -21.14
N ILE C 351 14.20 -39.23 -20.99
CA ILE C 351 14.31 -40.28 -22.00
C ILE C 351 13.53 -39.88 -23.24
N PRO C 352 13.99 -40.24 -24.43
CA PRO C 352 13.17 -39.98 -25.63
C PRO C 352 11.99 -40.93 -25.68
N VAL C 353 10.81 -40.41 -25.36
CA VAL C 353 9.65 -41.29 -25.23
C VAL C 353 9.10 -41.63 -26.60
N ASP C 354 9.13 -40.67 -27.53
CA ASP C 354 8.62 -40.89 -28.88
C ASP C 354 9.47 -41.86 -29.66
N TYR C 355 10.78 -41.84 -29.44
CA TYR C 355 11.67 -42.71 -30.21
C TYR C 355 11.66 -44.14 -29.68
N ILE C 356 11.26 -44.32 -28.42
CA ILE C 356 11.04 -45.68 -27.91
C ILE C 356 9.80 -46.28 -28.53
N PHE C 357 8.72 -45.50 -28.63
CA PHE C 357 7.42 -46.01 -29.04
C PHE C 357 7.41 -46.46 -30.50
N LEU C 358 8.26 -45.87 -31.34
CA LEU C 358 8.36 -46.34 -32.71
C LEU C 358 9.10 -47.67 -32.80
N ILE C 359 10.07 -47.88 -31.91
CA ILE C 359 10.79 -49.15 -31.87
C ILE C 359 9.90 -50.23 -31.26
N VAL C 360 9.10 -49.88 -30.25
CA VAL C 360 8.19 -50.83 -29.62
C VAL C 360 7.08 -51.22 -30.58
N GLU C 361 6.51 -50.25 -31.31
CA GLU C 361 5.44 -50.56 -32.25
C GLU C 361 5.98 -51.30 -33.48
N THR C 362 7.29 -51.19 -33.74
CA THR C 362 7.91 -52.03 -34.76
C THR C 362 7.91 -53.49 -34.33
N ARG C 363 8.11 -53.74 -33.03
CA ARG C 363 8.07 -55.10 -32.51
C ARG C 363 6.64 -55.60 -32.33
N ILE C 364 5.68 -54.70 -32.11
CA ILE C 364 4.28 -55.10 -32.00
C ILE C 364 3.75 -55.55 -33.35
N ASP C 365 3.90 -54.72 -34.38
CA ASP C 365 3.43 -55.05 -35.70
C ASP C 365 4.41 -54.51 -36.73
N SER C 366 4.87 -55.40 -37.61
CA SER C 366 5.80 -54.99 -38.65
C SER C 366 5.11 -54.15 -39.72
N GLU C 367 3.84 -54.45 -40.01
CA GLU C 367 3.05 -53.66 -40.94
C GLU C 367 2.18 -52.71 -40.12
N VAL C 368 2.76 -51.57 -39.74
CA VAL C 368 2.05 -50.54 -39.00
C VAL C 368 2.33 -49.24 -39.72
N TYR C 369 2.82 -49.35 -40.96
CA TYR C 369 3.21 -48.21 -41.77
C TYR C 369 2.37 -48.15 -43.04
N LYS C 370 1.55 -49.17 -43.30
CA LYS C 370 0.80 -49.25 -44.54
C LYS C 370 -0.70 -49.07 -44.33
N THR C 371 -1.25 -49.55 -43.22
CA THR C 371 -2.68 -49.54 -42.99
C THR C 371 -3.18 -48.16 -42.61
N ALA C 372 -4.48 -48.09 -42.31
CA ALA C 372 -5.09 -46.85 -41.83
C ALA C 372 -4.79 -46.59 -40.36
N ARG C 373 -4.25 -47.58 -39.65
CA ARG C 373 -3.76 -47.37 -38.29
C ARG C 373 -2.53 -46.48 -38.28
N ALA C 374 -1.78 -46.47 -39.38
CA ALA C 374 -0.52 -45.71 -39.47
C ALA C 374 -0.75 -44.22 -39.35
N LEU C 375 -1.89 -43.72 -39.81
CA LEU C 375 -2.21 -42.31 -39.63
C LEU C 375 -2.49 -42.01 -38.16
N ARG C 376 -3.10 -42.95 -37.45
CA ARG C 376 -3.39 -42.73 -36.03
C ARG C 376 -2.12 -42.74 -35.20
N ILE C 377 -1.12 -43.53 -35.60
CA ILE C 377 0.12 -43.62 -34.85
C ILE C 377 0.92 -42.32 -34.95
N VAL C 378 0.94 -41.70 -36.14
CA VAL C 378 1.66 -40.46 -36.31
C VAL C 378 0.98 -39.32 -35.55
N ARG C 379 -0.36 -39.35 -35.48
CA ARG C 379 -1.07 -38.41 -34.62
C ARG C 379 -0.85 -38.76 -33.15
N PHE C 380 -0.53 -40.03 -32.85
CA PHE C 380 -0.21 -40.40 -31.48
C PHE C 380 1.25 -40.12 -31.16
N THR C 381 2.10 -40.03 -32.18
CA THR C 381 3.52 -39.83 -31.95
C THR C 381 3.83 -38.42 -31.49
N LYS C 382 3.19 -37.42 -32.12
CA LYS C 382 3.43 -36.03 -31.76
C LYS C 382 2.88 -35.68 -30.38
N ILE C 383 1.96 -36.46 -29.84
CA ILE C 383 1.50 -36.24 -28.48
C ILE C 383 2.57 -36.69 -27.48
N LEU C 384 3.28 -37.78 -27.80
CA LEU C 384 4.30 -38.29 -26.89
C LEU C 384 5.53 -37.39 -26.87
N SER C 385 5.87 -36.75 -27.99
CA SER C 385 7.04 -35.90 -28.00
C SER C 385 6.79 -34.57 -27.32
N LEU C 386 5.56 -34.27 -26.93
CA LEU C 386 5.28 -33.11 -26.10
C LEU C 386 5.47 -33.39 -24.62
N LEU C 387 5.90 -34.60 -24.27
CA LEU C 387 6.34 -34.86 -22.90
C LEU C 387 7.64 -34.14 -22.58
N ARG C 388 8.39 -33.71 -23.58
CA ARG C 388 9.60 -32.94 -23.38
C ARG C 388 9.34 -31.52 -22.91
N LEU C 389 8.09 -31.08 -22.86
CA LEU C 389 7.79 -29.77 -22.29
C LEU C 389 7.74 -29.81 -20.77
N LEU C 390 7.97 -30.95 -20.15
CA LEU C 390 8.10 -31.05 -18.71
C LEU C 390 9.44 -30.54 -18.21
N ARG C 391 10.33 -30.16 -19.11
CA ARG C 391 11.59 -29.51 -18.75
C ARG C 391 11.39 -28.08 -18.30
N LEU C 392 10.16 -27.56 -18.35
CA LEU C 392 9.84 -26.31 -17.67
C LEU C 392 9.99 -26.46 -16.17
N SER C 393 9.72 -27.65 -15.63
CA SER C 393 9.91 -27.89 -14.21
C SER C 393 11.38 -27.82 -13.83
N ARG C 394 12.26 -28.19 -14.76
CA ARG C 394 13.68 -27.95 -14.52
C ARG C 394 14.09 -26.55 -14.92
N LEU C 395 13.31 -25.87 -15.77
CA LEU C 395 13.60 -24.48 -16.08
C LEU C 395 13.31 -23.58 -14.90
N ILE C 396 12.20 -23.83 -14.21
CA ILE C 396 11.78 -22.97 -13.11
C ILE C 396 12.70 -23.17 -11.91
N ARG C 397 13.03 -24.42 -11.59
CA ARG C 397 13.87 -24.69 -10.43
C ARG C 397 15.29 -24.18 -10.63
N TYR C 398 15.81 -24.26 -11.85
CA TYR C 398 17.18 -23.83 -12.07
C TYR C 398 17.28 -22.34 -12.31
N ILE C 399 16.18 -21.60 -12.20
CA ILE C 399 16.27 -20.15 -12.24
C ILE C 399 16.16 -19.58 -10.83
N HIS C 400 15.31 -20.19 -9.99
CA HIS C 400 15.25 -19.77 -8.59
C HIS C 400 16.55 -20.07 -7.86
N GLN C 401 17.22 -21.16 -8.22
CA GLN C 401 18.52 -21.44 -7.61
C GLN C 401 19.60 -20.56 -8.22
N TRP C 402 19.39 -20.09 -9.45
CA TRP C 402 20.41 -19.26 -10.09
C TRP C 402 20.31 -17.82 -9.63
N GLU C 403 19.08 -17.30 -9.51
CA GLU C 403 18.92 -15.88 -9.25
C GLU C 403 19.25 -15.49 -7.82
N GLU C 404 19.31 -16.46 -6.92
CA GLU C 404 19.75 -16.16 -5.56
C GLU C 404 21.26 -16.15 -5.44
N ILE C 405 21.93 -17.09 -6.12
CA ILE C 405 23.38 -17.17 -6.07
C ILE C 405 24.02 -16.04 -6.86
N PHE C 406 23.46 -15.71 -8.02
CA PHE C 406 24.03 -14.66 -8.86
C PHE C 406 23.81 -13.30 -8.21
N HIS C 407 24.92 -12.61 -7.94
CA HIS C 407 24.91 -11.49 -7.00
C HIS C 407 24.28 -10.23 -7.58
N MET C 408 24.31 -10.05 -8.90
CA MET C 408 23.68 -8.86 -9.46
C MET C 408 22.16 -8.99 -9.48
N THR C 409 21.64 -10.20 -9.46
CA THR C 409 20.20 -10.39 -9.28
C THR C 409 19.82 -10.50 -7.80
N TYR C 410 20.77 -10.79 -6.93
CA TYR C 410 20.48 -10.80 -5.51
C TYR C 410 20.40 -9.40 -4.94
N ASP C 411 21.05 -8.44 -5.61
CA ASP C 411 21.03 -7.05 -5.16
C ASP C 411 19.89 -6.23 -5.78
N LEU C 412 19.22 -6.76 -6.80
CA LEU C 412 18.05 -6.07 -7.33
C LEU C 412 16.87 -6.24 -6.39
N ALA C 413 15.89 -5.37 -6.55
CA ALA C 413 14.67 -5.46 -5.77
C ALA C 413 13.87 -6.69 -6.19
N SER C 414 13.10 -7.23 -5.25
CA SER C 414 12.31 -8.43 -5.55
C SER C 414 11.16 -8.13 -6.47
N ALA C 415 10.70 -6.88 -6.53
CA ALA C 415 9.67 -6.52 -7.49
C ALA C 415 10.24 -6.45 -8.91
N VAL C 416 11.54 -6.20 -9.03
CA VAL C 416 12.16 -6.19 -10.36
C VAL C 416 12.45 -7.60 -10.82
N VAL C 417 12.77 -8.49 -9.87
CA VAL C 417 13.09 -9.86 -10.23
C VAL C 417 11.84 -10.62 -10.63
N ARG C 418 10.75 -10.47 -9.86
CA ARG C 418 9.54 -11.21 -10.16
C ARG C 418 8.86 -10.70 -11.43
N ILE C 419 9.08 -9.44 -11.78
CA ILE C 419 8.45 -8.94 -13.00
C ILE C 419 9.24 -9.34 -14.23
N VAL C 420 10.49 -9.76 -14.07
CA VAL C 420 11.22 -10.30 -15.22
C VAL C 420 10.87 -11.77 -15.43
N ASN C 421 10.66 -12.51 -14.33
CA ASN C 421 10.23 -13.90 -14.43
C ASN C 421 8.82 -14.00 -15.00
N LEU C 422 7.99 -12.99 -14.77
CA LEU C 422 6.65 -13.01 -15.33
C LEU C 422 6.68 -12.74 -16.83
N ILE C 423 7.47 -11.76 -17.26
CA ILE C 423 7.56 -11.42 -18.68
C ILE C 423 8.20 -12.57 -19.46
N GLY C 424 9.13 -13.28 -18.84
CA GLY C 424 9.65 -14.48 -19.47
C GLY C 424 8.63 -15.59 -19.52
N MET C 425 7.66 -15.57 -18.60
CA MET C 425 6.63 -16.60 -18.61
C MET C 425 5.47 -16.20 -19.51
N MET C 426 5.16 -14.91 -19.58
CA MET C 426 4.09 -14.46 -20.46
C MET C 426 4.47 -14.61 -21.93
N LEU C 427 5.73 -14.41 -22.26
CA LEU C 427 6.15 -14.61 -23.65
C LEU C 427 6.21 -16.10 -23.98
N LEU C 428 6.50 -16.93 -23.00
CA LEU C 428 6.59 -18.36 -23.28
C LEU C 428 5.21 -18.98 -23.37
N LEU C 429 4.28 -18.55 -22.51
CA LEU C 429 2.92 -19.05 -22.59
C LEU C 429 2.21 -18.57 -23.85
N CYS C 430 2.52 -17.36 -24.31
CA CYS C 430 1.95 -16.86 -25.55
C CYS C 430 2.56 -17.59 -26.76
N HIS C 431 3.77 -18.10 -26.61
CA HIS C 431 4.41 -18.83 -27.69
C HIS C 431 3.88 -20.26 -27.78
N TRP C 432 3.68 -20.92 -26.63
CA TRP C 432 3.06 -22.24 -26.64
C TRP C 432 1.62 -22.17 -27.07
N ASP C 433 0.90 -21.13 -26.65
CA ASP C 433 -0.48 -20.94 -27.07
C ASP C 433 -0.56 -20.66 -28.55
N GLY C 434 0.43 -19.96 -29.09
CA GLY C 434 0.46 -19.73 -30.53
C GLY C 434 0.67 -20.99 -31.33
N CYS C 435 1.40 -21.95 -30.77
CA CYS C 435 1.54 -23.22 -31.44
C CYS C 435 0.36 -24.12 -31.17
N LEU C 436 -0.36 -23.88 -30.06
CA LEU C 436 -1.47 -24.73 -29.72
C LEU C 436 -2.71 -24.37 -30.54
N GLN C 437 -2.80 -23.12 -30.99
CA GLN C 437 -3.90 -22.73 -31.88
C GLN C 437 -3.74 -23.36 -33.25
N PHE C 438 -2.54 -23.84 -33.58
CA PHE C 438 -2.32 -24.50 -34.87
C PHE C 438 -2.18 -25.99 -34.73
N LEU C 439 -1.81 -26.49 -33.54
CA LEU C 439 -1.64 -27.93 -33.35
C LEU C 439 -2.96 -28.66 -33.38
N VAL C 440 -3.93 -28.18 -32.62
CA VAL C 440 -5.22 -28.86 -32.42
C VAL C 440 -6.04 -28.89 -33.71
N PRO C 441 -6.08 -27.86 -34.56
CA PRO C 441 -6.60 -28.10 -35.92
C PRO C 441 -5.75 -29.01 -36.76
N MET C 442 -4.43 -29.08 -36.55
CA MET C 442 -3.61 -29.94 -37.40
C MET C 442 -3.81 -31.41 -37.05
N LEU C 443 -3.99 -31.71 -35.77
CA LEU C 443 -4.29 -33.06 -35.33
C LEU C 443 -5.67 -33.52 -35.77
N GLN C 444 -6.57 -32.59 -36.07
CA GLN C 444 -7.90 -32.94 -36.54
C GLN C 444 -8.00 -32.87 -38.05
N ASP C 445 -6.88 -32.90 -38.77
CA ASP C 445 -6.79 -32.94 -40.23
C ASP C 445 -7.44 -31.72 -40.88
N PHE C 446 -7.37 -30.58 -40.18
CA PHE C 446 -7.88 -29.28 -40.62
C PHE C 446 -9.34 -29.33 -41.05
N PRO C 447 -10.27 -29.38 -40.09
CA PRO C 447 -11.70 -29.42 -40.44
C PRO C 447 -12.14 -28.13 -41.11
N ASP C 448 -13.27 -28.19 -41.80
CA ASP C 448 -13.69 -27.11 -42.70
C ASP C 448 -14.23 -25.89 -41.94
N ASP C 449 -14.24 -25.97 -40.61
CA ASP C 449 -14.72 -24.83 -39.78
C ASP C 449 -13.55 -24.23 -38.98
N CYS C 450 -12.39 -24.88 -39.01
CA CYS C 450 -11.23 -24.41 -38.17
C CYS C 450 -10.68 -23.08 -38.68
N TRP C 451 -10.15 -22.25 -37.78
CA TRP C 451 -9.61 -20.92 -38.16
C TRP C 451 -8.66 -21.08 -39.35
N VAL C 452 -7.82 -22.12 -39.34
CA VAL C 452 -6.84 -22.27 -40.45
C VAL C 452 -7.56 -22.37 -41.78
N SER C 453 -8.64 -23.13 -41.89
CA SER C 453 -9.23 -23.28 -43.24
C SER C 453 -9.83 -21.96 -43.70
N LEU C 454 -10.80 -21.47 -42.94
CA LEU C 454 -11.53 -20.25 -43.35
C LEU C 454 -10.50 -19.20 -43.73
N ASN C 455 -9.44 -19.05 -42.95
CA ASN C 455 -8.49 -17.97 -43.28
C ASN C 455 -7.65 -18.39 -44.49
N ASN C 456 -7.78 -19.64 -44.91
CA ASN C 456 -6.99 -20.17 -46.04
C ASN C 456 -5.50 -20.06 -45.73
N MET C 457 -5.03 -20.81 -44.73
CA MET C 457 -3.65 -20.85 -44.29
C MET C 457 -3.16 -22.28 -44.16
N VAL C 458 -3.63 -23.16 -45.04
CA VAL C 458 -3.21 -24.55 -45.02
C VAL C 458 -1.88 -24.71 -45.75
N ASN C 459 -1.72 -24.03 -46.87
CA ASN C 459 -0.54 -24.20 -47.70
C ASN C 459 0.29 -22.93 -47.81
N ASN C 460 0.46 -22.21 -46.71
CA ASN C 460 1.41 -21.12 -46.68
C ASN C 460 2.73 -21.61 -46.11
N SER C 461 3.70 -20.70 -46.01
CA SER C 461 4.96 -21.03 -45.38
C SER C 461 4.79 -21.18 -43.87
N TRP C 462 5.78 -21.78 -43.23
CA TRP C 462 5.68 -21.94 -41.79
C TRP C 462 6.06 -20.67 -41.06
N GLY C 463 6.36 -19.65 -41.83
CA GLY C 463 6.52 -18.34 -41.20
C GLY C 463 5.20 -17.72 -40.91
N LYS C 464 4.33 -17.68 -41.91
CA LYS C 464 2.99 -17.10 -41.70
C LYS C 464 2.20 -17.97 -40.73
N GLN C 465 2.07 -19.28 -40.98
CA GLN C 465 1.23 -20.09 -40.07
C GLN C 465 1.52 -19.66 -38.64
N TYR C 466 2.79 -19.75 -38.23
CA TYR C 466 3.16 -19.42 -36.83
C TYR C 466 2.83 -17.96 -36.56
N SER C 467 3.12 -17.05 -37.48
CA SER C 467 2.91 -15.61 -37.17
C SER C 467 1.41 -15.37 -36.92
N TYR C 468 0.56 -15.90 -37.78
CA TYR C 468 -0.90 -15.66 -37.64
C TYR C 468 -1.39 -16.30 -36.34
N ALA C 469 -0.88 -17.49 -36.01
CA ALA C 469 -1.29 -18.18 -34.77
C ALA C 469 -0.87 -17.36 -33.55
N LEU C 470 0.33 -16.80 -33.56
CA LEU C 470 0.82 -15.96 -32.43
C LEU C 470 -0.08 -14.74 -32.32
N PHE C 471 -0.47 -14.16 -33.46
CA PHE C 471 -1.43 -13.03 -33.42
C PHE C 471 -2.68 -13.48 -32.66
N LYS C 472 -3.30 -14.59 -33.07
CA LYS C 472 -4.60 -15.00 -32.50
C LYS C 472 -4.42 -15.14 -31.00
N ALA C 473 -3.35 -15.78 -30.57
CA ALA C 473 -3.14 -16.03 -29.13
C ALA C 473 -2.99 -14.71 -28.39
N MET C 474 -2.21 -13.80 -28.94
CA MET C 474 -1.96 -12.51 -28.27
C MET C 474 -3.28 -11.70 -28.23
N SER C 475 -4.08 -11.75 -29.28
CA SER C 475 -5.39 -11.05 -29.25
C SER C 475 -6.22 -11.64 -28.11
N HIS C 476 -6.31 -12.96 -28.01
CA HIS C 476 -7.18 -13.59 -26.97
C HIS C 476 -6.64 -13.23 -25.59
N MET C 477 -5.33 -13.16 -25.43
CA MET C 477 -4.73 -12.92 -24.10
C MET C 477 -4.73 -11.43 -23.76
N LEU C 478 -4.23 -10.60 -24.67
CA LEU C 478 -3.92 -9.19 -24.28
C LEU C 478 -5.21 -8.38 -24.20
N CYS C 479 -6.38 -9.01 -24.33
CA CYS C 479 -7.70 -8.34 -24.17
C CYS C 479 -8.28 -7.80 -25.48
N ILE C 480 -7.60 -7.97 -26.60
CA ILE C 480 -8.17 -7.52 -27.90
C ILE C 480 -9.15 -8.58 -28.41
N GLY C 481 -9.86 -8.29 -29.50
CA GLY C 481 -10.82 -9.24 -30.09
C GLY C 481 -10.31 -9.84 -31.39
N TYR C 482 -10.60 -11.12 -31.65
CA TYR C 482 -10.06 -11.80 -32.86
C TYR C 482 -10.72 -11.24 -34.12
N GLY C 483 -10.19 -11.55 -35.31
CA GLY C 483 -10.66 -10.88 -36.53
C GLY C 483 -11.97 -11.36 -37.12
N ARG C 484 -13.09 -11.20 -36.40
CA ARG C 484 -14.43 -11.50 -36.97
C ARG C 484 -14.62 -13.01 -37.12
N GLN C 485 -13.60 -13.78 -36.77
CA GLN C 485 -13.76 -15.25 -36.80
C GLN C 485 -14.31 -15.65 -35.44
N ALA C 486 -15.60 -15.42 -35.22
CA ALA C 486 -16.19 -15.87 -33.95
C ALA C 486 -16.00 -17.38 -33.91
N PRO C 487 -15.37 -17.94 -32.86
CA PRO C 487 -15.10 -19.36 -32.83
C PRO C 487 -16.34 -20.12 -33.31
N MET C 488 -16.23 -20.86 -34.42
CA MET C 488 -17.46 -21.50 -34.96
C MET C 488 -17.40 -23.01 -34.81
N GLY C 489 -16.28 -23.53 -34.32
CA GLY C 489 -16.13 -24.99 -34.12
C GLY C 489 -15.84 -25.31 -32.67
N MET C 490 -16.49 -26.32 -32.12
CA MET C 490 -16.32 -26.59 -30.67
C MET C 490 -14.85 -26.52 -30.27
N SER C 491 -13.93 -27.14 -31.04
CA SER C 491 -12.51 -27.12 -30.63
C SER C 491 -12.08 -25.67 -30.49
N ASP C 492 -12.46 -24.84 -31.45
CA ASP C 492 -11.99 -23.46 -31.48
C ASP C 492 -12.61 -22.64 -30.36
N VAL C 493 -13.87 -22.93 -30.00
CA VAL C 493 -14.51 -22.20 -28.92
C VAL C 493 -13.83 -22.50 -27.59
N TRP C 494 -13.52 -23.76 -27.33
CA TRP C 494 -12.92 -24.10 -26.06
C TRP C 494 -11.42 -23.75 -26.00
N LEU C 495 -10.76 -23.64 -27.15
CA LEU C 495 -9.37 -23.16 -27.11
C LEU C 495 -9.32 -21.66 -26.89
N THR C 496 -10.22 -20.92 -27.53
CA THR C 496 -10.26 -19.47 -27.32
C THR C 496 -10.65 -19.14 -25.89
N MET C 497 -11.62 -19.86 -25.35
CA MET C 497 -11.99 -19.69 -23.95
C MET C 497 -10.89 -20.14 -23.00
N LEU C 498 -10.06 -21.09 -23.43
CA LEU C 498 -8.88 -21.41 -22.66
C LEU C 498 -7.89 -20.26 -22.68
N SER C 499 -7.69 -19.66 -23.86
CA SER C 499 -6.66 -18.63 -23.97
C SER C 499 -7.13 -17.31 -23.40
N MET C 500 -8.44 -17.07 -23.37
CA MET C 500 -8.96 -15.86 -22.76
C MET C 500 -8.77 -15.87 -21.25
N ILE C 501 -8.96 -17.03 -20.63
CA ILE C 501 -8.84 -17.12 -19.18
C ILE C 501 -7.37 -17.12 -18.78
N VAL C 502 -6.54 -17.84 -19.53
CA VAL C 502 -5.10 -17.85 -19.27
C VAL C 502 -4.49 -16.49 -19.54
N GLY C 503 -4.93 -15.82 -20.61
CA GLY C 503 -4.34 -14.55 -20.95
C GLY C 503 -4.77 -13.40 -20.05
N ALA C 504 -6.02 -13.39 -19.63
CA ALA C 504 -6.48 -12.31 -18.76
C ALA C 504 -6.01 -12.50 -17.33
N THR C 505 -5.65 -13.72 -16.96
CA THR C 505 -5.09 -13.95 -15.63
C THR C 505 -3.64 -13.50 -15.58
N CYS C 506 -2.88 -13.78 -16.64
CA CYS C 506 -1.49 -13.34 -16.68
C CYS C 506 -1.39 -11.84 -16.86
N TYR C 507 -2.37 -11.22 -17.53
CA TYR C 507 -2.34 -9.78 -17.67
C TYR C 507 -2.74 -9.07 -16.39
N ALA C 508 -3.66 -9.65 -15.62
CA ALA C 508 -4.03 -9.05 -14.35
C ALA C 508 -2.93 -9.21 -13.32
N MET C 509 -2.13 -10.25 -13.44
CA MET C 509 -0.95 -10.37 -12.60
C MET C 509 0.15 -9.43 -13.06
N PHE C 510 0.11 -8.99 -14.31
CA PHE C 510 1.10 -8.02 -14.76
C PHE C 510 0.81 -6.63 -14.22
N ILE C 511 -0.48 -6.30 -14.06
CA ILE C 511 -0.84 -5.02 -13.46
C ILE C 511 -0.52 -5.04 -11.98
N GLY C 512 -0.62 -6.22 -11.36
CA GLY C 512 -0.32 -6.33 -9.93
C GLY C 512 1.16 -6.14 -9.64
N HIS C 513 2.03 -6.65 -10.50
CA HIS C 513 3.46 -6.44 -10.27
C HIS C 513 3.88 -5.03 -10.66
N ALA C 514 3.26 -4.46 -11.69
CA ALA C 514 3.62 -3.12 -12.11
C ALA C 514 3.18 -2.10 -11.08
N THR C 515 2.11 -2.37 -10.36
CA THR C 515 1.68 -1.46 -9.30
C THR C 515 2.61 -1.55 -8.10
N ALA C 516 3.02 -2.77 -7.74
CA ALA C 516 3.93 -2.94 -6.61
C ALA C 516 5.32 -2.41 -6.91
N LEU C 517 5.72 -2.39 -8.17
CA LEU C 517 6.99 -1.79 -8.54
C LEU C 517 6.95 -0.27 -8.41
N ILE C 518 5.85 0.35 -8.81
CA ILE C 518 5.74 1.80 -8.79
C ILE C 518 5.65 2.32 -7.37
N GLN C 519 4.96 1.60 -6.49
CA GLN C 519 4.85 2.04 -5.10
C GLN C 519 6.12 1.83 -4.29
N SER C 520 7.23 1.39 -4.88
CA SER C 520 8.51 1.32 -4.19
C SER C 520 9.61 1.82 -5.11
N LEU C 521 9.33 2.93 -5.81
CA LEU C 521 10.34 3.57 -6.64
C LEU C 521 11.08 4.66 -5.91
N ASP C 522 10.33 5.62 -5.36
CA ASP C 522 10.88 6.88 -4.89
C ASP C 522 10.32 7.12 -3.49
N SER C 523 11.05 6.65 -2.48
CA SER C 523 10.46 6.43 -1.17
C SER C 523 10.68 7.61 -0.23
N SER C 524 11.95 8.02 -0.13
CA SER C 524 12.33 9.10 0.80
C SER C 524 11.48 10.32 0.46
N ARG C 525 11.47 10.69 -0.81
CA ARG C 525 10.73 11.91 -1.21
C ARG C 525 9.27 11.66 -0.85
N ARG C 526 8.79 10.46 -1.12
CA ARG C 526 7.39 10.14 -0.75
C ARG C 526 7.28 10.37 0.75
N GLN C 527 8.30 9.99 1.49
CA GLN C 527 8.19 10.06 2.94
C GLN C 527 8.34 11.50 3.42
N TYR C 528 9.09 12.31 2.68
CA TYR C 528 9.14 13.74 2.96
C TYR C 528 7.80 14.42 2.70
N GLN C 529 7.14 14.04 1.61
CA GLN C 529 5.91 14.72 1.22
C GLN C 529 4.72 14.24 2.03
N GLU C 530 4.70 12.97 2.41
CA GLU C 530 3.62 12.46 3.24
C GLU C 530 3.69 13.05 4.64
N LYS C 531 4.90 13.37 5.10
CA LYS C 531 5.03 14.05 6.37
C LYS C 531 4.61 15.50 6.25
N TYR C 532 5.02 16.17 5.17
CA TYR C 532 4.71 17.58 5.02
C TYR C 532 3.24 17.80 4.67
N LYS C 533 2.58 16.81 4.08
CA LYS C 533 1.13 16.92 3.90
C LYS C 533 0.41 16.86 5.23
N GLN C 534 0.94 16.11 6.19
CA GLN C 534 0.40 16.16 7.54
C GLN C 534 0.72 17.48 8.21
N VAL C 535 1.81 18.13 7.80
CA VAL C 535 2.10 19.45 8.31
C VAL C 535 1.12 20.46 7.72
N GLU C 536 0.82 20.32 6.43
CA GLU C 536 -0.09 21.26 5.76
C GLU C 536 -1.50 21.18 6.33
N GLN C 537 -2.00 19.97 6.59
CA GLN C 537 -3.34 19.84 7.11
C GLN C 537 -3.41 20.21 8.58
N TYR C 538 -2.28 20.14 9.28
CA TYR C 538 -2.26 20.61 10.67
C TYR C 538 -2.32 22.12 10.74
N MET C 539 -1.77 22.81 9.74
CA MET C 539 -1.77 24.26 9.77
C MET C 539 -3.13 24.81 9.40
N SER C 540 -3.87 24.09 8.56
CA SER C 540 -5.21 24.55 8.18
C SER C 540 -6.26 24.14 9.21
N PHE C 541 -5.96 23.13 10.02
CA PHE C 541 -6.88 22.72 11.07
C PHE C 541 -6.92 23.74 12.18
N HIS C 542 -5.79 24.37 12.48
CA HIS C 542 -5.71 25.38 13.51
C HIS C 542 -5.74 26.80 12.94
N LYS C 543 -5.78 26.93 11.61
CA LYS C 543 -5.96 28.19 10.90
C LYS C 543 -4.85 29.20 11.24
N LEU C 544 -3.62 28.84 10.88
CA LEU C 544 -2.50 29.73 11.14
C LEU C 544 -2.54 30.91 10.19
N PRO C 545 -1.91 32.04 10.54
CA PRO C 545 -1.76 33.13 9.59
C PRO C 545 -0.86 32.71 8.44
N PRO C 546 -1.03 33.33 7.27
CA PRO C 546 -0.23 32.90 6.10
C PRO C 546 1.24 33.28 6.19
N ASP C 547 1.64 34.18 7.09
CA ASP C 547 3.06 34.45 7.26
C ASP C 547 3.74 33.33 8.03
N THR C 548 3.07 32.82 9.07
CA THR C 548 3.62 31.69 9.79
C THR C 548 3.55 30.41 8.97
N ARG C 549 2.60 30.32 8.03
CA ARG C 549 2.61 29.20 7.11
C ARG C 549 3.77 29.30 6.14
N GLN C 550 4.21 30.53 5.84
CA GLN C 550 5.32 30.70 4.92
C GLN C 550 6.64 30.37 5.60
N ARG C 551 6.78 30.72 6.87
CA ARG C 551 8.03 30.45 7.58
C ARG C 551 8.21 28.96 7.83
N ILE C 552 7.14 28.26 8.20
CA ILE C 552 7.21 26.82 8.39
C ILE C 552 7.46 26.12 7.06
N HIS C 553 6.94 26.66 5.95
CA HIS C 553 7.32 26.03 4.67
C HIS C 553 8.77 26.40 4.36
N ASP C 554 9.24 27.57 4.79
CA ASP C 554 10.67 27.84 4.60
C ASP C 554 11.53 26.99 5.52
N TYR C 555 10.94 26.42 6.57
CA TYR C 555 11.72 25.62 7.50
C TYR C 555 12.12 24.29 6.88
N TYR C 556 11.13 23.52 6.41
CA TYR C 556 11.35 22.14 5.99
C TYR C 556 12.29 22.02 4.80
N GLU C 557 12.21 22.95 3.85
CA GLU C 557 13.10 22.88 2.72
C GLU C 557 14.51 23.37 3.03
N HIS C 558 14.70 24.09 4.13
CA HIS C 558 16.04 24.39 4.62
C HIS C 558 16.53 23.40 5.65
N ARG C 559 15.63 22.80 6.43
CA ARG C 559 16.05 21.79 7.39
C ARG C 559 16.26 20.45 6.70
N TYR C 560 15.29 20.00 5.92
CA TYR C 560 15.34 18.65 5.38
C TYR C 560 15.76 18.58 3.92
N GLN C 561 15.60 19.67 3.17
CA GLN C 561 16.00 19.81 1.77
C GLN C 561 15.35 18.76 0.87
N GLY C 562 14.07 18.49 1.11
CA GLY C 562 13.30 17.68 0.21
C GLY C 562 13.35 16.19 0.46
N LYS C 563 14.34 15.70 1.20
CA LYS C 563 14.43 14.28 1.52
C LYS C 563 14.48 14.11 3.02
N MET C 564 13.61 13.28 3.56
CA MET C 564 13.52 13.08 5.00
C MET C 564 13.99 11.67 5.36
N PHE C 565 15.15 11.59 5.98
CA PHE C 565 15.71 10.33 6.45
C PHE C 565 15.43 10.21 7.94
N ASP C 566 15.46 9.00 8.45
CA ASP C 566 15.46 8.77 9.89
C ASP C 566 16.90 8.46 10.27
N GLU C 567 17.65 9.51 10.60
CA GLU C 567 19.09 9.40 10.77
C GLU C 567 19.44 8.61 12.02
N GLU C 568 18.55 8.59 13.00
CA GLU C 568 18.85 7.90 14.26
C GLU C 568 18.89 6.39 14.08
N SER C 569 17.94 5.83 13.35
CA SER C 569 17.92 4.39 13.16
C SER C 569 18.95 3.94 12.15
N ILE C 570 19.21 4.74 11.12
CA ILE C 570 20.17 4.36 10.09
C ILE C 570 21.57 4.33 10.66
N LEU C 571 21.89 5.26 11.55
CA LEU C 571 23.17 5.16 12.26
C LEU C 571 23.16 4.04 13.28
N GLY C 572 22.04 3.85 13.99
CA GLY C 572 22.04 2.94 15.13
C GLY C 572 22.14 1.47 14.75
N GLU C 573 21.75 1.13 13.53
CA GLU C 573 21.86 -0.26 13.10
C GLU C 573 23.30 -0.61 12.74
N LEU C 574 24.13 0.38 12.47
CA LEU C 574 25.48 0.12 12.06
C LEU C 574 26.35 -0.26 13.25
N SER C 575 27.60 -0.64 12.95
CA SER C 575 28.59 -0.93 14.01
C SER C 575 29.21 0.38 14.51
N GLU C 576 29.79 0.36 15.71
CA GLU C 576 30.36 1.60 16.30
C GLU C 576 31.49 2.09 15.39
N PRO C 577 32.37 1.20 14.91
CA PRO C 577 33.51 1.60 14.07
C PRO C 577 33.05 2.28 12.77
N LEU C 578 31.76 2.19 12.45
CA LEU C 578 31.22 2.85 11.27
C LEU C 578 30.52 4.14 11.62
N ARG C 579 29.89 4.21 12.80
CA ARG C 579 29.36 5.49 13.28
C ARG C 579 30.48 6.44 13.60
N GLU C 580 31.65 5.92 13.97
CA GLU C 580 32.79 6.81 14.17
C GLU C 580 33.34 7.28 12.84
N GLU C 581 33.10 6.54 11.77
CA GLU C 581 33.70 6.90 10.49
C GLU C 581 32.80 7.82 9.69
N ILE C 582 31.49 7.62 9.77
CA ILE C 582 30.55 8.47 9.04
C ILE C 582 30.49 9.87 9.66
N ILE C 583 30.38 9.94 10.99
CA ILE C 583 30.24 11.22 11.66
C ILE C 583 31.54 12.01 11.59
N ASN C 584 32.66 11.30 11.49
CA ASN C 584 33.96 11.97 11.27
C ASN C 584 34.07 12.45 9.81
N PHE C 585 33.22 11.95 8.91
CA PHE C 585 33.19 12.44 7.54
C PHE C 585 32.19 13.58 7.39
N ASN C 586 31.04 13.46 8.05
CA ASN C 586 30.01 14.50 7.94
C ASN C 586 30.38 15.80 8.62
N CYS C 587 31.35 15.78 9.53
CA CYS C 587 31.67 16.97 10.31
C CYS C 587 33.08 17.45 10.01
N ARG C 588 33.62 17.07 8.85
CA ARG C 588 34.95 17.54 8.45
C ARG C 588 34.97 19.04 8.17
N LYS C 589 33.83 19.62 7.76
CA LYS C 589 33.77 21.06 7.56
C LYS C 589 33.73 21.78 8.89
N LEU C 590 33.28 21.11 9.95
CA LEU C 590 33.29 21.70 11.27
C LEU C 590 34.64 21.52 11.95
N VAL C 591 35.25 20.34 11.78
CA VAL C 591 36.51 20.04 12.44
C VAL C 591 37.64 20.86 11.85
N ALA C 592 37.69 20.95 10.52
CA ALA C 592 38.81 21.66 9.88
C ALA C 592 38.69 23.16 10.04
N SER C 593 37.48 23.67 10.30
CA SER C 593 37.30 25.11 10.40
C SER C 593 37.43 25.61 11.83
N MET C 594 37.11 24.79 12.81
CA MET C 594 37.26 25.24 14.19
C MET C 594 38.72 25.19 14.60
N PRO C 595 39.19 26.15 15.41
CA PRO C 595 40.55 26.08 15.94
C PRO C 595 40.67 25.12 17.11
N LEU C 596 39.53 24.69 17.66
CA LEU C 596 39.53 23.78 18.80
C LEU C 596 39.91 22.37 18.39
N PHE C 597 39.35 21.87 17.30
CA PHE C 597 39.44 20.45 16.96
C PHE C 597 40.76 20.09 16.28
N ALA C 598 41.44 21.05 15.65
CA ALA C 598 42.70 20.75 15.00
C ALA C 598 43.85 20.60 15.99
N ASN C 599 43.64 20.96 17.24
CA ASN C 599 44.65 20.83 18.29
C ASN C 599 44.16 19.95 19.42
N ALA C 600 43.56 18.81 19.12
CA ALA C 600 42.95 17.97 20.14
C ALA C 600 43.25 16.51 19.90
N ASP C 601 42.92 15.69 20.89
CA ASP C 601 43.06 14.25 20.80
C ASP C 601 42.00 13.69 19.84
N PRO C 602 42.36 12.74 18.98
CA PRO C 602 41.38 12.23 18.02
C PRO C 602 40.28 11.38 18.63
N ASN C 603 40.49 10.82 19.82
CA ASN C 603 39.39 10.16 20.51
C ASN C 603 38.43 11.18 21.09
N PHE C 604 38.97 12.34 21.51
CA PHE C 604 38.15 13.42 22.03
C PHE C 604 37.25 14.01 20.96
N VAL C 605 37.76 14.10 19.73
CA VAL C 605 36.98 14.63 18.63
C VAL C 605 35.87 13.68 18.25
N THR C 606 36.15 12.38 18.29
CA THR C 606 35.13 11.40 17.94
C THR C 606 34.10 11.28 19.05
N SER C 607 34.51 11.43 20.30
CA SER C 607 33.56 11.35 21.40
C SER C 607 32.71 12.61 21.48
N MET C 608 33.19 13.73 20.95
CA MET C 608 32.38 14.95 20.89
C MET C 608 31.33 14.85 19.80
N LEU C 609 31.72 14.40 18.61
CA LEU C 609 30.85 14.47 17.44
C LEU C 609 29.71 13.48 17.48
N THR C 610 29.79 12.45 18.33
CA THR C 610 28.68 11.52 18.43
C THR C 610 27.53 12.06 19.27
N LYS C 611 27.76 13.14 20.01
CA LYS C 611 26.75 13.68 20.91
C LYS C 611 25.89 14.77 20.26
N LEU C 612 26.35 15.36 19.17
CA LEU C 612 25.75 16.58 18.64
C LEU C 612 24.46 16.29 17.89
N ARG C 613 23.60 17.30 17.82
CA ARG C 613 22.34 17.24 17.11
C ARG C 613 22.16 18.49 16.26
N PHE C 614 21.53 18.33 15.12
CA PHE C 614 21.57 19.33 14.06
C PHE C 614 20.32 20.20 14.12
N GLU C 615 20.52 21.53 14.12
CA GLU C 615 19.41 22.47 14.27
C GLU C 615 19.52 23.58 13.24
N VAL C 616 18.36 24.12 12.85
CA VAL C 616 18.24 25.16 11.83
C VAL C 616 17.44 26.32 12.42
N PHE C 617 17.96 27.53 12.30
CA PHE C 617 17.30 28.74 12.76
C PHE C 617 17.18 29.72 11.61
N GLN C 618 15.97 30.21 11.36
CA GLN C 618 15.74 31.21 10.34
C GLN C 618 16.20 32.58 10.83
N PRO C 619 16.45 33.54 9.94
CA PRO C 619 16.86 34.88 10.40
C PRO C 619 15.75 35.60 11.14
N GLY C 620 16.15 36.33 12.17
CA GLY C 620 15.22 37.01 13.05
C GLY C 620 14.89 36.22 14.30
N ASP C 621 15.16 34.92 14.32
CA ASP C 621 14.83 34.09 15.46
C ASP C 621 15.79 34.35 16.60
N TYR C 622 15.28 34.30 17.83
CA TYR C 622 16.13 34.41 19.02
C TYR C 622 16.50 33.01 19.46
N ILE C 623 17.76 32.63 19.24
CA ILE C 623 18.24 31.31 19.63
C ILE C 623 18.36 31.21 21.14
N ILE C 624 18.99 32.20 21.75
CA ILE C 624 19.18 32.25 23.19
C ILE C 624 18.68 33.59 23.69
N ARG C 625 17.72 33.56 24.61
CA ARG C 625 17.20 34.75 25.24
C ARG C 625 17.91 34.97 26.57
N GLU C 626 18.33 36.21 26.81
CA GLU C 626 19.05 36.55 28.03
C GLU C 626 18.12 36.49 29.23
N GLY C 627 18.60 35.85 30.30
CA GLY C 627 17.82 35.76 31.52
C GLY C 627 17.06 34.46 31.68
N THR C 628 17.46 33.40 31.00
CA THR C 628 16.87 32.09 31.17
C THR C 628 17.94 31.11 31.67
N ILE C 629 17.52 29.89 31.96
CA ILE C 629 18.44 28.87 32.42
C ILE C 629 19.02 28.14 31.21
N GLY C 630 20.35 28.09 31.12
CA GLY C 630 21.00 27.51 29.96
C GLY C 630 20.98 25.99 30.00
N LYS C 631 20.71 25.38 28.84
CA LYS C 631 20.59 23.90 28.81
C LYS C 631 21.36 23.30 27.62
N LYS C 632 21.86 24.13 26.70
CA LYS C 632 22.51 23.58 25.48
C LYS C 632 23.74 24.40 25.07
N MET C 633 24.62 23.81 24.26
CA MET C 633 25.81 24.54 23.75
C MET C 633 25.78 24.45 22.22
N TYR C 634 26.17 25.52 21.53
CA TYR C 634 25.98 25.63 20.09
C TYR C 634 27.32 25.74 19.36
N PHE C 635 27.46 24.99 18.28
CA PHE C 635 28.56 25.14 17.34
C PHE C 635 28.01 25.62 16.01
N ILE C 636 28.71 26.58 15.40
CA ILE C 636 28.21 27.25 14.20
C ILE C 636 28.78 26.57 12.97
N GLN C 637 27.94 25.85 12.23
CA GLN C 637 28.41 25.34 10.95
C GLN C 637 28.27 26.37 9.85
N HIS C 638 27.07 26.91 9.66
CA HIS C 638 26.86 27.87 8.59
C HIS C 638 26.40 29.20 9.17
N GLY C 639 26.92 30.28 8.60
CA GLY C 639 26.35 31.59 8.79
C GLY C 639 26.89 32.32 10.00
N VAL C 640 26.31 33.49 10.25
CA VAL C 640 26.73 34.35 11.35
C VAL C 640 25.55 34.62 12.26
N VAL C 641 25.85 34.89 13.54
CA VAL C 641 24.86 35.24 14.54
C VAL C 641 25.28 36.55 15.17
N SER C 642 24.38 37.12 15.97
CA SER C 642 24.60 38.40 16.62
C SER C 642 24.43 38.22 18.13
N VAL C 643 25.54 38.28 18.85
CA VAL C 643 25.49 38.26 20.31
C VAL C 643 25.09 39.66 20.77
N LEU C 644 23.87 39.79 21.27
CA LEU C 644 23.36 41.07 21.75
C LEU C 644 23.64 41.16 23.24
N THR C 645 24.38 42.19 23.63
CA THR C 645 24.88 42.33 24.99
C THR C 645 24.17 43.49 25.67
N LYS C 646 23.74 43.27 26.91
CA LYS C 646 23.11 44.30 27.72
C LYS C 646 24.10 45.40 28.04
N GLY C 647 23.93 46.55 27.40
CA GLY C 647 24.79 47.69 27.66
C GLY C 647 26.09 47.73 26.89
N ASN C 648 26.28 46.83 25.92
CA ASN C 648 27.49 46.82 25.11
C ASN C 648 27.13 46.68 23.64
N LYS C 649 28.16 46.82 22.80
CA LYS C 649 28.00 46.72 21.36
C LYS C 649 27.78 45.27 20.95
N GLU C 650 26.94 45.07 19.93
CA GLU C 650 26.75 43.75 19.36
C GLU C 650 28.01 43.29 18.64
N THR C 651 28.21 41.97 18.61
CA THR C 651 29.34 41.35 17.94
C THR C 651 28.88 40.13 17.17
N LYS C 652 29.62 39.80 16.11
CA LYS C 652 29.28 38.67 15.25
C LYS C 652 30.18 37.48 15.55
N LEU C 653 29.68 36.28 15.28
CA LEU C 653 30.45 35.06 15.36
C LEU C 653 30.34 34.33 14.03
N ALA C 654 31.42 33.69 13.61
CA ALA C 654 31.52 33.16 12.26
C ALA C 654 31.46 31.64 12.26
N ASP C 655 31.67 31.04 11.08
CA ASP C 655 31.64 29.60 10.93
C ASP C 655 32.81 28.97 11.66
N GLY C 656 32.54 28.38 12.81
CA GLY C 656 33.57 27.77 13.61
C GLY C 656 33.70 28.33 15.01
N SER C 657 33.10 29.48 15.28
CA SER C 657 33.02 29.94 16.66
C SER C 657 31.87 29.25 17.36
N TYR C 658 31.93 29.22 18.69
CA TYR C 658 30.95 28.52 19.48
C TYR C 658 30.48 29.40 20.64
N PHE C 659 29.22 29.21 21.00
CA PHE C 659 28.61 30.01 22.06
C PHE C 659 27.70 29.13 22.90
N GLY C 660 27.47 29.57 24.12
CA GLY C 660 26.66 28.82 25.05
C GLY C 660 27.46 27.85 25.88
N GLU C 661 28.55 28.34 26.47
CA GLU C 661 29.38 27.55 27.35
C GLU C 661 29.62 28.19 28.71
N ILE C 662 29.33 29.48 28.86
CA ILE C 662 29.53 30.16 30.13
C ILE C 662 28.53 29.65 31.16
N CYS C 663 27.30 29.40 30.73
CA CYS C 663 26.24 28.99 31.62
C CYS C 663 26.37 27.54 32.05
N LEU C 664 27.11 26.74 31.30
CA LEU C 664 27.28 25.34 31.62
C LEU C 664 28.42 25.10 32.60
N LEU C 665 29.37 26.01 32.67
CA LEU C 665 30.47 25.88 33.62
C LEU C 665 30.12 26.37 35.01
N THR C 666 29.13 27.27 35.11
CA THR C 666 28.76 27.87 36.38
C THR C 666 27.40 27.44 36.90
N ARG C 667 26.59 26.78 36.05
CA ARG C 667 25.20 26.41 36.33
C ARG C 667 24.36 27.64 36.68
N GLY C 668 24.68 28.77 36.06
CA GLY C 668 23.96 30.00 36.27
C GLY C 668 22.88 30.18 35.21
N ARG C 669 22.52 31.44 34.98
CA ARG C 669 21.49 31.77 34.01
C ARG C 669 22.15 32.41 32.80
N ARG C 670 21.36 32.65 31.76
CA ARG C 670 21.89 33.20 30.51
C ARG C 670 22.34 34.64 30.71
N THR C 671 23.41 35.01 30.00
CA THR C 671 24.06 36.29 30.19
C THR C 671 23.88 37.24 29.02
N ALA C 672 23.44 36.74 27.86
CA ALA C 672 23.33 37.60 26.69
C ALA C 672 22.31 37.02 25.72
N SER C 673 21.84 37.85 24.80
CA SER C 673 20.93 37.39 23.75
C SER C 673 21.71 36.98 22.51
N VAL C 674 21.23 35.93 21.85
CA VAL C 674 21.79 35.47 20.58
C VAL C 674 20.66 35.44 19.57
N ARG C 675 20.85 36.10 18.44
CA ARG C 675 19.82 36.26 17.43
C ARG C 675 20.39 35.91 16.06
N ALA C 676 19.64 35.11 15.31
CA ALA C 676 20.11 34.66 14.01
C ALA C 676 20.04 35.77 12.98
N ASP C 677 20.99 35.73 12.04
CA ASP C 677 21.05 36.70 10.95
C ASP C 677 20.92 36.05 9.58
N THR C 678 21.47 34.86 9.41
CA THR C 678 21.34 34.11 8.18
C THR C 678 20.61 32.81 8.51
N TYR C 679 20.54 31.90 7.54
CA TYR C 679 19.92 30.60 7.77
C TYR C 679 20.93 29.71 8.48
N CYS C 680 21.08 29.92 9.78
CA CYS C 680 22.12 29.26 10.56
C CYS C 680 21.79 27.78 10.75
N ARG C 681 22.74 26.92 10.39
CA ARG C 681 22.67 25.50 10.67
C ARG C 681 23.63 25.23 11.82
N LEU C 682 23.09 24.96 13.00
CA LEU C 682 23.92 24.85 14.18
C LEU C 682 24.00 23.39 14.62
N TYR C 683 24.86 23.14 15.60
CA TYR C 683 24.94 21.86 16.27
C TYR C 683 24.68 22.07 17.75
N SER C 684 23.85 21.23 18.35
CA SER C 684 23.50 21.39 19.74
C SER C 684 24.21 20.35 20.59
N LEU C 685 24.60 20.75 21.79
CA LEU C 685 25.21 19.85 22.77
C LEU C 685 24.55 20.10 24.11
N SER C 686 23.95 19.07 24.68
CA SER C 686 23.21 19.21 25.92
C SER C 686 24.14 19.32 27.11
N VAL C 687 23.58 19.65 28.27
CA VAL C 687 24.36 19.75 29.50
C VAL C 687 24.86 18.39 29.94
N ASP C 688 23.98 17.39 29.93
CA ASP C 688 24.31 16.07 30.46
C ASP C 688 25.40 15.39 29.64
N ASN C 689 25.44 15.67 28.34
CA ASN C 689 26.55 15.18 27.54
C ASN C 689 27.81 15.99 27.79
N PHE C 690 27.67 17.29 28.08
CA PHE C 690 28.84 18.14 28.25
C PHE C 690 29.57 17.82 29.54
N ASN C 691 28.83 17.51 30.60
CA ASN C 691 29.47 17.12 31.84
C ASN C 691 30.09 15.72 31.74
N GLU C 692 29.55 14.88 30.86
CA GLU C 692 30.05 13.50 30.76
C GLU C 692 31.35 13.45 29.99
N VAL C 693 31.49 14.28 28.95
CA VAL C 693 32.69 14.27 28.13
C VAL C 693 33.88 14.85 28.89
N LEU C 694 33.64 15.87 29.70
CA LEU C 694 34.73 16.48 30.46
C LEU C 694 35.22 15.60 31.60
N GLU C 695 34.40 14.70 32.13
CA GLU C 695 34.88 13.76 33.14
C GLU C 695 35.81 12.73 32.53
N GLU C 696 35.66 12.45 31.23
CA GLU C 696 36.63 11.62 30.54
C GLU C 696 37.90 12.40 30.27
N TYR C 697 37.77 13.63 29.77
CA TYR C 697 38.90 14.46 29.38
C TYR C 697 38.88 15.76 30.16
N PRO C 698 39.45 15.79 31.36
CA PRO C 698 39.48 17.04 32.13
C PRO C 698 40.48 18.06 31.62
N MET C 699 41.38 17.65 30.72
CA MET C 699 42.37 18.58 30.20
C MET C 699 41.77 19.57 29.20
N MET C 700 40.70 19.18 28.50
CA MET C 700 40.01 20.09 27.60
C MET C 700 38.97 20.94 28.29
N ARG C 701 38.77 20.73 29.60
CA ARG C 701 37.86 21.57 30.36
C ARG C 701 38.41 22.98 30.52
N ARG C 702 39.72 23.12 30.63
CA ARG C 702 40.34 24.41 30.93
C ARG C 702 40.36 25.32 29.72
N ALA C 703 40.27 24.76 28.51
CA ALA C 703 40.28 25.58 27.30
C ALA C 703 38.98 26.35 27.17
N PHE C 704 37.85 25.73 27.53
CA PHE C 704 36.59 26.46 27.53
C PHE C 704 36.53 27.46 28.67
N GLU C 705 37.24 27.18 29.77
CA GLU C 705 37.31 28.13 30.87
C GLU C 705 38.13 29.36 30.49
N THR C 706 39.07 29.19 29.58
CA THR C 706 39.86 30.33 29.10
C THR C 706 39.02 31.27 28.24
N VAL C 707 38.24 30.70 27.32
CA VAL C 707 37.42 31.52 26.43
C VAL C 707 36.27 32.16 27.20
N ALA C 708 35.73 31.45 28.19
CA ALA C 708 34.68 32.03 29.02
C ALA C 708 35.23 33.12 29.94
N LEU C 709 36.52 33.08 30.23
CA LEU C 709 37.16 34.18 30.96
C LEU C 709 37.24 35.43 30.11
N ASP C 710 37.38 35.26 28.78
CA ASP C 710 37.53 36.41 27.89
C ASP C 710 36.22 37.19 27.75
N ARG C 711 35.12 36.48 27.55
CA ARG C 711 33.84 37.20 27.36
C ARG C 711 33.52 37.93 28.66
N LEU C 712 33.57 37.23 29.80
CA LEU C 712 33.21 37.88 31.05
C LEU C 712 34.13 39.06 31.35
N ASP C 713 35.33 39.01 30.77
CA ASP C 713 36.25 40.18 30.78
C ASP C 713 35.63 41.28 29.91
N ARG C 714 35.27 40.96 28.67
CA ARG C 714 34.66 41.95 27.74
C ARG C 714 33.35 42.44 28.35
N ILE C 715 32.56 41.52 28.92
CA ILE C 715 31.27 41.88 29.58
C ILE C 715 31.54 42.93 30.66
N MET D 215 30.64 44.91 -25.04
CA MET D 215 30.67 44.66 -23.62
C MET D 215 31.04 43.21 -23.32
N GLN D 216 31.55 42.97 -22.11
CA GLN D 216 31.86 41.62 -21.65
C GLN D 216 31.32 41.35 -20.26
N ARG D 217 30.73 42.36 -19.61
CA ARG D 217 30.33 42.22 -18.22
C ARG D 217 28.92 41.66 -18.10
N GLN D 218 27.97 42.19 -18.89
CA GLN D 218 26.56 41.94 -18.61
C GLN D 218 26.14 40.53 -18.97
N PHE D 219 26.89 39.86 -19.85
CA PHE D 219 26.64 38.47 -20.19
C PHE D 219 27.28 37.53 -19.18
N GLY D 220 28.19 38.02 -18.35
CA GLY D 220 28.80 37.18 -17.33
C GLY D 220 27.86 36.98 -16.16
N ALA D 221 26.91 37.92 -16.00
CA ALA D 221 25.91 37.81 -14.95
C ALA D 221 24.87 36.75 -15.25
N MET D 222 24.73 36.34 -16.51
CA MET D 222 23.84 35.25 -16.88
C MET D 222 24.50 33.90 -16.73
N LEU D 223 25.83 33.83 -16.83
CA LEU D 223 26.55 32.57 -16.79
C LEU D 223 26.79 32.07 -15.38
N GLN D 224 26.71 32.95 -14.39
CA GLN D 224 26.98 32.60 -13.00
C GLN D 224 25.65 32.53 -12.27
N PRO D 225 25.51 31.64 -11.28
CA PRO D 225 24.20 31.44 -10.64
C PRO D 225 23.80 32.62 -9.75
N GLY D 226 22.69 33.25 -10.10
CA GLY D 226 22.22 34.41 -9.37
C GLY D 226 21.60 34.05 -8.04
N VAL D 227 21.21 35.08 -7.31
CA VAL D 227 20.67 34.95 -5.96
C VAL D 227 19.15 34.92 -6.04
N ASN D 228 18.57 33.84 -5.57
CA ASN D 228 17.12 33.69 -5.48
C ASN D 228 16.82 32.70 -4.36
N LYS D 229 15.65 32.09 -4.40
CA LYS D 229 15.43 31.03 -3.39
C LYS D 229 16.21 29.78 -3.77
N PHE D 230 16.21 29.39 -5.04
CA PHE D 230 16.85 28.11 -5.41
C PHE D 230 18.34 28.14 -5.10
N SER D 231 18.99 29.27 -5.40
CA SER D 231 20.45 29.29 -5.20
C SER D 231 20.71 29.10 -3.70
N LEU D 232 19.92 29.79 -2.88
CA LEU D 232 20.12 29.71 -1.42
C LEU D 232 19.88 28.27 -0.97
N ARG D 233 18.83 27.64 -1.47
CA ARG D 233 18.48 26.27 -1.04
C ARG D 233 19.65 25.35 -1.40
N MET D 234 20.25 25.56 -2.56
CA MET D 234 21.32 24.62 -3.01
C MET D 234 22.61 24.82 -2.23
N PHE D 235 22.83 25.98 -1.60
CA PHE D 235 24.16 26.28 -1.11
C PHE D 235 24.19 26.73 0.34
N GLY D 236 23.05 27.14 0.91
CA GLY D 236 23.02 27.60 2.28
C GLY D 236 22.93 29.10 2.38
N SER D 237 23.94 29.72 2.98
CA SER D 237 23.96 31.17 3.11
C SER D 237 24.28 31.83 1.78
N GLN D 238 24.03 33.14 1.71
CA GLN D 238 24.31 33.92 0.52
C GLN D 238 25.80 33.98 0.21
N LYS D 239 26.65 33.94 1.25
CA LYS D 239 28.09 33.92 1.05
C LYS D 239 28.55 32.67 0.32
N ALA D 240 27.86 31.55 0.53
CA ALA D 240 28.17 30.33 -0.19
C ALA D 240 27.82 30.46 -1.67
N VAL D 241 26.82 31.26 -2.00
CA VAL D 241 26.55 31.58 -3.39
C VAL D 241 27.63 32.52 -3.93
N GLU D 242 28.09 33.45 -3.10
CA GLU D 242 29.08 34.43 -3.53
C GLU D 242 30.45 33.77 -3.74
N ARG D 243 30.72 32.68 -3.02
CA ARG D 243 31.93 31.92 -3.29
C ARG D 243 31.75 31.06 -4.55
N GLU D 244 30.50 30.69 -4.85
CA GLU D 244 30.25 29.90 -6.05
C GLU D 244 30.30 30.79 -7.29
N GLN D 245 29.87 32.05 -7.17
CA GLN D 245 29.92 32.97 -8.29
C GLN D 245 31.35 33.35 -8.66
N GLU D 246 32.28 33.20 -7.72
CA GLU D 246 33.67 33.45 -8.06
C GLU D 246 34.35 32.21 -8.62
N ARG D 247 33.80 31.03 -8.36
CA ARG D 247 34.38 29.83 -8.96
C ARG D 247 34.02 29.74 -10.44
N VAL D 248 32.88 30.32 -10.83
CA VAL D 248 32.52 30.39 -12.25
C VAL D 248 33.50 31.27 -13.02
N LYS D 249 33.75 32.49 -12.52
CA LYS D 249 34.64 33.42 -13.20
C LYS D 249 36.09 32.95 -13.20
N SER D 250 36.49 32.15 -12.22
CA SER D 250 37.84 31.61 -12.15
C SER D 250 37.96 30.25 -12.81
N ALA D 251 36.98 29.85 -13.61
CA ALA D 251 37.01 28.56 -14.30
C ALA D 251 37.41 28.71 -15.76
N GLY D 252 37.87 29.89 -16.17
CA GLY D 252 38.16 30.15 -17.56
C GLY D 252 37.18 31.16 -18.15
N PHE D 253 37.35 31.40 -19.45
CA PHE D 253 36.53 32.38 -20.15
C PHE D 253 35.26 31.74 -20.67
N TRP D 254 34.13 32.41 -20.40
CA TRP D 254 32.82 32.15 -20.99
C TRP D 254 32.31 30.75 -20.64
N ILE D 255 32.21 30.43 -19.35
CA ILE D 255 31.80 29.10 -18.91
C ILE D 255 30.41 29.21 -18.28
N ILE D 256 29.57 28.19 -18.52
CA ILE D 256 28.18 28.21 -18.10
C ILE D 256 28.03 27.40 -16.82
N HIS D 257 27.44 28.01 -15.81
CA HIS D 257 27.07 27.25 -14.62
C HIS D 257 25.66 26.70 -14.81
N PRO D 258 25.43 25.44 -14.47
CA PRO D 258 24.14 24.80 -14.80
C PRO D 258 22.95 25.34 -14.03
N TYR D 259 23.16 25.97 -12.88
CA TYR D 259 22.08 26.53 -12.09
C TYR D 259 21.80 27.98 -12.44
N SER D 260 22.55 28.54 -13.39
CA SER D 260 22.46 29.95 -13.69
C SER D 260 21.20 30.26 -14.49
N ASP D 261 20.94 31.55 -14.69
CA ASP D 261 19.72 31.98 -15.36
C ASP D 261 19.79 31.88 -16.87
N PHE D 262 20.99 31.79 -17.44
CA PHE D 262 21.10 31.54 -18.87
C PHE D 262 20.70 30.12 -19.20
N ARG D 263 21.23 29.15 -18.45
CA ARG D 263 21.00 27.74 -18.75
C ARG D 263 19.57 27.34 -18.46
N PHE D 264 18.90 28.04 -17.53
CA PHE D 264 17.49 27.75 -17.30
C PHE D 264 16.62 28.24 -18.44
N TYR D 265 16.91 29.44 -18.94
CA TYR D 265 16.07 29.97 -20.01
C TYR D 265 16.56 29.58 -21.40
N TRP D 266 17.76 29.01 -21.52
CA TRP D 266 18.11 28.34 -22.77
C TRP D 266 17.41 27.01 -22.89
N ASP D 267 17.39 26.23 -21.82
CA ASP D 267 16.80 24.90 -21.88
C ASP D 267 15.28 24.96 -21.87
N LEU D 268 14.71 26.12 -21.53
CA LEU D 268 13.26 26.26 -21.67
C LEU D 268 12.88 26.47 -23.12
N THR D 269 13.70 27.18 -23.89
CA THR D 269 13.40 27.39 -25.29
C THR D 269 13.63 26.12 -26.10
N MET D 270 14.55 25.27 -25.65
CA MET D 270 14.77 24.03 -26.36
C MET D 270 13.65 23.03 -26.12
N LEU D 271 13.00 23.09 -24.95
CA LEU D 271 11.80 22.29 -24.74
C LEU D 271 10.66 22.77 -25.63
N LEU D 272 10.61 24.06 -25.93
CA LEU D 272 9.57 24.55 -26.81
C LEU D 272 9.96 24.35 -28.27
N LEU D 273 11.16 23.85 -28.52
CA LEU D 273 11.57 23.57 -29.89
C LEU D 273 11.57 22.08 -30.17
N MET D 274 11.92 21.26 -29.18
CA MET D 274 11.89 19.81 -29.36
C MET D 274 10.48 19.29 -29.47
N VAL D 275 9.54 19.85 -28.69
CA VAL D 275 8.15 19.44 -28.80
C VAL D 275 7.57 19.88 -30.14
N GLY D 276 8.12 20.95 -30.71
CA GLY D 276 7.80 21.26 -32.09
C GLY D 276 8.36 20.25 -33.07
N ASN D 277 9.61 19.82 -32.85
CA ASN D 277 10.25 18.98 -33.86
C ASN D 277 10.08 17.49 -33.57
N LEU D 278 9.52 17.13 -32.42
CA LEU D 278 9.14 15.74 -32.28
C LEU D 278 7.69 15.50 -32.65
N ILE D 279 6.99 16.54 -33.08
CA ILE D 279 5.64 16.35 -33.61
C ILE D 279 5.62 16.59 -35.11
N ILE D 280 6.29 17.63 -35.58
CA ILE D 280 6.18 18.03 -36.98
C ILE D 280 7.04 17.15 -37.87
N ILE D 281 8.20 16.73 -37.38
CA ILE D 281 9.09 15.89 -38.19
C ILE D 281 8.53 14.50 -38.51
N PRO D 282 8.00 13.69 -37.57
CA PRO D 282 7.47 12.39 -38.01
C PRO D 282 6.18 12.49 -38.79
N VAL D 283 5.55 13.67 -38.87
CA VAL D 283 4.40 13.84 -39.72
C VAL D 283 4.83 14.25 -41.13
N GLY D 284 5.74 15.22 -41.24
CA GLY D 284 6.08 15.75 -42.54
C GLY D 284 6.93 14.83 -43.39
N ILE D 285 7.50 13.80 -42.78
CA ILE D 285 8.24 12.82 -43.56
C ILE D 285 7.29 11.85 -44.25
N THR D 286 6.33 11.30 -43.50
CA THR D 286 5.52 10.23 -44.03
C THR D 286 4.42 10.76 -44.92
N PHE D 287 3.54 11.61 -44.39
CA PHE D 287 2.30 11.94 -45.06
C PHE D 287 2.47 12.86 -46.25
N PHE D 288 3.67 13.35 -46.52
CA PHE D 288 3.94 14.14 -47.71
C PHE D 288 4.96 13.40 -48.55
N LYS D 289 4.51 12.83 -49.67
CA LYS D 289 5.29 11.90 -50.47
C LYS D 289 6.48 12.57 -51.15
N ASP D 290 6.43 13.89 -51.32
CA ASP D 290 7.60 14.67 -51.64
C ASP D 290 7.40 16.09 -51.14
N GLU D 291 8.08 16.44 -50.05
CA GLU D 291 8.04 17.81 -49.57
C GLU D 291 9.47 18.32 -49.44
N ASN D 292 9.95 18.96 -50.51
CA ASN D 292 11.20 19.70 -50.46
C ASN D 292 10.98 21.15 -50.86
N THR D 293 9.87 21.73 -50.41
CA THR D 293 9.58 23.12 -50.70
C THR D 293 10.45 24.04 -49.86
N THR D 294 10.41 25.32 -50.20
CA THR D 294 11.14 26.32 -49.42
C THR D 294 10.69 26.45 -47.95
N PRO D 295 9.39 26.47 -47.59
CA PRO D 295 9.07 26.55 -46.15
C PRO D 295 9.44 25.31 -45.35
N TRP D 296 9.63 24.16 -45.99
CA TRP D 296 9.99 22.97 -45.23
C TRP D 296 11.49 22.91 -44.97
N ILE D 297 12.31 23.20 -45.98
CA ILE D 297 13.75 23.06 -45.82
C ILE D 297 14.30 24.15 -44.91
N VAL D 298 13.72 25.36 -44.98
CA VAL D 298 14.07 26.42 -44.06
C VAL D 298 13.72 26.04 -42.63
N PHE D 299 12.60 25.33 -42.45
CA PHE D 299 12.22 24.84 -41.13
C PHE D 299 13.21 23.82 -40.59
N ASN D 300 13.86 23.07 -41.47
CA ASN D 300 14.81 22.08 -40.98
C ASN D 300 16.19 22.68 -40.78
N VAL D 301 16.53 23.71 -41.56
CA VAL D 301 17.83 24.34 -41.41
C VAL D 301 17.87 25.22 -40.16
N VAL D 302 16.79 25.95 -39.91
CA VAL D 302 16.68 26.75 -38.68
C VAL D 302 16.70 25.84 -37.46
N SER D 303 16.02 24.70 -37.54
CA SER D 303 16.02 23.76 -36.42
C SER D 303 17.40 23.12 -36.24
N ASP D 304 18.11 22.85 -37.33
CA ASP D 304 19.44 22.27 -37.20
C ASP D 304 20.47 23.27 -36.70
N THR D 305 20.16 24.57 -36.74
CA THR D 305 21.07 25.56 -36.18
C THR D 305 21.07 25.50 -34.65
N PHE D 306 19.88 25.45 -34.04
CA PHE D 306 19.80 25.43 -32.58
C PHE D 306 20.33 24.13 -32.00
N PHE D 307 20.15 23.02 -32.72
CA PHE D 307 20.63 21.76 -32.18
C PHE D 307 22.13 21.56 -32.41
N LEU D 308 22.77 22.47 -33.14
CA LEU D 308 24.23 22.52 -33.09
C LEU D 308 24.72 23.43 -31.97
N ILE D 309 24.06 24.57 -31.78
CA ILE D 309 24.44 25.50 -30.72
C ILE D 309 24.22 24.86 -29.36
N ASP D 310 23.12 24.10 -29.21
CA ASP D 310 22.91 23.32 -28.01
C ASP D 310 24.00 22.25 -27.85
N LEU D 311 24.51 21.73 -28.95
CA LEU D 311 25.60 20.76 -28.86
C LEU D 311 26.91 21.46 -28.49
N VAL D 312 27.07 22.71 -28.91
CA VAL D 312 28.28 23.45 -28.54
C VAL D 312 28.24 23.84 -27.07
N LEU D 313 27.09 24.33 -26.60
CA LEU D 313 26.99 24.80 -25.22
C LEU D 313 27.04 23.68 -24.19
N ASN D 314 26.93 22.42 -24.62
CA ASN D 314 27.07 21.34 -23.66
C ASN D 314 28.51 21.08 -23.28
N PHE D 315 29.48 21.65 -24.00
CA PHE D 315 30.87 21.54 -23.61
C PHE D 315 31.30 22.68 -22.69
N ARG D 316 30.39 23.57 -22.33
CA ARG D 316 30.69 24.68 -21.43
C ARG D 316 29.80 24.69 -20.20
N THR D 317 28.87 23.76 -20.08
CA THR D 317 27.97 23.69 -18.94
C THR D 317 28.58 22.80 -17.87
N GLY D 318 28.50 23.23 -16.61
CA GLY D 318 28.97 22.40 -15.52
C GLY D 318 28.12 21.16 -15.36
N ILE D 319 28.78 20.05 -15.03
CA ILE D 319 28.13 18.75 -14.91
C ILE D 319 27.96 18.43 -13.43
N VAL D 320 26.73 18.14 -13.02
CA VAL D 320 26.45 17.77 -11.65
C VAL D 320 26.88 16.32 -11.44
N VAL D 321 27.79 16.11 -10.49
CA VAL D 321 28.27 14.78 -10.14
C VAL D 321 27.57 14.36 -8.85
N GLU D 322 26.97 13.17 -8.87
CA GLU D 322 26.27 12.62 -7.71
C GLU D 322 27.20 11.74 -6.87
N ASP D 323 28.50 12.04 -6.90
CA ASP D 323 29.49 11.31 -6.12
C ASP D 323 30.41 12.23 -5.35
N ASN D 324 30.38 13.53 -5.62
CA ASN D 324 31.16 14.50 -4.86
C ASN D 324 30.27 15.69 -4.51
N THR D 325 30.83 16.61 -3.73
CA THR D 325 30.11 17.82 -3.34
C THR D 325 30.42 18.98 -4.29
N ASP D 326 31.19 18.73 -5.34
CA ASP D 326 31.60 19.79 -6.25
C ASP D 326 30.93 19.65 -7.60
N ILE D 327 30.69 20.79 -8.25
CA ILE D 327 30.23 20.84 -9.63
C ILE D 327 31.42 21.17 -10.50
N ILE D 328 31.71 20.29 -11.45
CA ILE D 328 32.91 20.42 -12.27
C ILE D 328 32.76 21.59 -13.22
N LEU D 329 33.69 22.54 -13.14
CA LEU D 329 33.73 23.64 -14.08
C LEU D 329 35.03 23.73 -14.85
N ASP D 330 35.89 22.72 -14.75
CA ASP D 330 37.08 22.63 -15.59
C ASP D 330 36.63 22.20 -16.98
N PRO D 331 36.89 22.98 -18.03
CA PRO D 331 36.32 22.66 -19.35
C PRO D 331 36.86 21.39 -19.99
N ARG D 332 38.01 20.88 -19.54
CA ARG D 332 38.48 19.61 -20.10
C ARG D 332 37.74 18.44 -19.47
N ARG D 333 37.48 18.50 -18.16
CA ARG D 333 36.75 17.41 -17.51
C ARG D 333 35.28 17.40 -17.89
N ILE D 334 34.74 18.56 -18.27
CA ILE D 334 33.40 18.59 -18.87
C ILE D 334 33.42 17.90 -20.22
N LYS D 335 34.48 18.11 -20.99
CA LYS D 335 34.60 17.53 -22.32
C LYS D 335 34.74 16.01 -22.27
N MET D 336 35.48 15.51 -21.29
CA MET D 336 35.76 14.08 -21.26
C MET D 336 34.59 13.29 -20.67
N LYS D 337 33.67 13.97 -19.99
CA LYS D 337 32.50 13.27 -19.49
C LYS D 337 31.35 13.29 -20.50
N TYR D 338 31.27 14.35 -21.31
CA TYR D 338 30.16 14.47 -22.25
C TYR D 338 30.34 13.50 -23.42
N LEU D 339 31.57 13.26 -23.84
CA LEU D 339 31.84 12.35 -24.95
C LEU D 339 31.56 10.90 -24.59
N LYS D 340 31.56 10.56 -23.31
CA LYS D 340 31.47 9.16 -22.92
C LYS D 340 30.04 8.73 -22.71
N SER D 341 29.15 9.66 -22.36
CA SER D 341 27.81 9.30 -21.90
C SER D 341 26.72 9.65 -22.90
N TRP D 342 26.57 10.93 -23.25
CA TRP D 342 25.56 11.34 -24.22
C TRP D 342 26.23 12.29 -25.22
N PHE D 343 26.90 11.71 -26.21
CA PHE D 343 27.44 12.56 -27.27
C PHE D 343 26.96 12.16 -28.64
N VAL D 344 27.09 10.87 -29.00
CA VAL D 344 26.81 10.44 -30.36
C VAL D 344 25.31 10.49 -30.62
N VAL D 345 24.51 10.25 -29.59
CA VAL D 345 23.07 10.44 -29.71
C VAL D 345 22.75 11.93 -29.84
N ASP D 346 23.60 12.81 -29.31
CA ASP D 346 23.37 14.23 -29.51
C ASP D 346 24.19 14.78 -30.66
N PHE D 347 24.98 13.93 -31.31
CA PHE D 347 25.70 14.37 -32.50
C PHE D 347 25.00 13.91 -33.78
N VAL D 348 24.42 12.70 -33.75
CA VAL D 348 23.65 12.24 -34.90
C VAL D 348 22.39 13.07 -35.06
N SER D 349 21.69 13.35 -33.97
CA SER D 349 20.47 14.14 -34.02
C SER D 349 20.73 15.62 -34.24
N SER D 350 21.99 16.06 -34.25
CA SER D 350 22.28 17.48 -34.43
C SER D 350 22.50 17.81 -35.89
N ILE D 351 23.47 17.16 -36.53
CA ILE D 351 23.82 17.46 -37.92
C ILE D 351 22.71 16.98 -38.84
N PRO D 352 22.43 17.69 -39.93
CA PRO D 352 21.46 17.16 -40.89
C PRO D 352 22.04 15.99 -41.66
N VAL D 353 21.61 14.78 -41.30
CA VAL D 353 22.22 13.59 -41.88
C VAL D 353 21.68 13.35 -43.28
N ASP D 354 20.40 13.63 -43.49
CA ASP D 354 19.77 13.41 -44.79
C ASP D 354 20.29 14.39 -45.84
N TYR D 355 20.60 15.62 -45.43
CA TYR D 355 21.04 16.62 -46.39
C TYR D 355 22.50 16.45 -46.75
N ILE D 356 23.27 15.78 -45.90
CA ILE D 356 24.63 15.40 -46.27
C ILE D 356 24.61 14.32 -47.32
N PHE D 357 23.76 13.30 -47.14
CA PHE D 357 23.76 12.11 -47.99
C PHE D 357 23.35 12.41 -49.42
N LEU D 358 22.54 13.46 -49.63
CA LEU D 358 22.20 13.83 -51.00
C LEU D 358 23.38 14.54 -51.68
N ILE D 359 24.18 15.27 -50.91
CA ILE D 359 25.36 15.91 -51.47
C ILE D 359 26.46 14.89 -51.72
N VAL D 360 26.57 13.89 -50.84
CA VAL D 360 27.57 12.83 -51.00
C VAL D 360 27.21 11.94 -52.19
N GLU D 361 25.93 11.58 -52.33
CA GLU D 361 25.51 10.75 -53.46
C GLU D 361 25.57 11.52 -54.78
N THR D 362 25.52 12.86 -54.72
CA THR D 362 25.77 13.66 -55.91
C THR D 362 27.21 13.51 -56.37
N ARG D 363 28.15 13.42 -55.42
CA ARG D 363 29.55 13.21 -55.76
C ARG D 363 29.84 11.76 -56.13
N ILE D 364 29.07 10.81 -55.60
CA ILE D 364 29.25 9.41 -55.97
C ILE D 364 28.82 9.18 -57.41
N ASP D 365 27.59 9.58 -57.75
CA ASP D 365 27.09 9.39 -59.10
C ASP D 365 26.25 10.60 -59.47
N SER D 366 26.57 11.22 -60.61
CA SER D 366 25.82 12.38 -61.07
C SER D 366 24.44 11.97 -61.59
N GLU D 367 24.35 10.79 -62.21
CA GLU D 367 23.07 10.24 -62.65
C GLU D 367 22.60 9.25 -61.61
N VAL D 368 21.93 9.76 -60.58
CA VAL D 368 21.37 8.94 -59.51
C VAL D 368 19.94 9.43 -59.32
N TYR D 369 19.46 10.17 -60.32
CA TYR D 369 18.12 10.76 -60.28
C TYR D 369 17.26 10.23 -61.42
N LYS D 370 17.86 9.46 -62.33
CA LYS D 370 17.15 9.00 -63.51
C LYS D 370 16.88 7.50 -63.49
N THR D 371 17.79 6.71 -62.93
CA THR D 371 17.69 5.25 -63.00
C THR D 371 16.67 4.74 -61.99
N ALA D 372 16.57 3.41 -61.93
CA ALA D 372 15.72 2.74 -60.95
C ALA D 372 16.33 2.72 -59.56
N ARG D 373 17.62 3.05 -59.44
CA ARG D 373 18.24 3.22 -58.14
C ARG D 373 17.69 4.46 -57.42
N ALA D 374 17.21 5.45 -58.20
CA ALA D 374 16.73 6.71 -57.64
C ALA D 374 15.52 6.51 -56.74
N LEU D 375 14.69 5.52 -57.04
CA LEU D 375 13.56 5.20 -56.16
C LEU D 375 14.05 4.62 -54.84
N ARG D 376 15.13 3.84 -54.88
CA ARG D 376 15.66 3.24 -53.66
C ARG D 376 16.30 4.30 -52.77
N ILE D 377 16.88 5.34 -53.37
CA ILE D 377 17.56 6.38 -52.61
C ILE D 377 16.55 7.22 -51.83
N VAL D 378 15.40 7.52 -52.45
CA VAL D 378 14.38 8.31 -51.78
C VAL D 378 13.74 7.51 -50.65
N ARG D 379 13.61 6.20 -50.83
CA ARG D 379 13.19 5.34 -49.72
C ARG D 379 14.29 5.21 -48.68
N PHE D 380 15.54 5.42 -49.09
CA PHE D 380 16.64 5.41 -48.13
C PHE D 380 16.80 6.77 -47.47
N THR D 381 16.30 7.83 -48.10
CA THR D 381 16.48 9.17 -47.57
C THR D 381 15.60 9.41 -46.35
N LYS D 382 14.34 8.97 -46.42
CA LYS D 382 13.41 9.17 -45.31
C LYS D 382 13.78 8.33 -44.09
N ILE D 383 14.58 7.30 -44.25
CA ILE D 383 15.05 6.56 -43.08
C ILE D 383 16.13 7.36 -42.34
N LEU D 384 16.96 8.08 -43.09
CA LEU D 384 18.02 8.87 -42.46
C LEU D 384 17.49 10.08 -41.74
N SER D 385 16.40 10.68 -42.25
CA SER D 385 15.87 11.86 -41.58
C SER D 385 15.08 11.51 -40.33
N LEU D 386 14.87 10.23 -40.05
CA LEU D 386 14.30 9.80 -38.77
C LEU D 386 15.35 9.65 -37.70
N LEU D 387 16.61 9.96 -38.01
CA LEU D 387 17.63 10.07 -36.96
C LEU D 387 17.41 11.28 -36.08
N ARG D 388 16.61 12.26 -36.54
CA ARG D 388 16.27 13.42 -35.75
C ARG D 388 15.31 13.11 -34.62
N LEU D 389 14.78 11.89 -34.53
CA LEU D 389 13.96 11.52 -33.40
C LEU D 389 14.79 11.12 -32.19
N LEU D 390 16.11 11.18 -32.29
CA LEU D 390 16.98 10.98 -31.14
C LEU D 390 17.03 12.19 -30.22
N ARG D 391 16.36 13.28 -30.60
CA ARG D 391 16.21 14.45 -29.74
C ARG D 391 15.23 14.20 -28.60
N LEU D 392 14.58 13.03 -28.57
CA LEU D 392 13.87 12.61 -27.37
C LEU D 392 14.82 12.41 -26.21
N SER D 393 16.06 11.98 -26.48
CA SER D 393 17.04 11.85 -25.42
C SER D 393 17.40 13.20 -24.83
N ARG D 394 17.35 14.25 -25.64
CA ARG D 394 17.49 15.59 -25.07
C ARG D 394 16.17 16.13 -24.56
N LEU D 395 15.05 15.57 -25.00
CA LEU D 395 13.77 15.98 -24.43
C LEU D 395 13.60 15.46 -23.02
N ILE D 396 14.02 14.21 -22.79
CA ILE D 396 13.83 13.60 -21.47
C ILE D 396 14.77 14.21 -20.45
N ARG D 397 16.04 14.42 -20.83
CA ARG D 397 17.02 14.97 -19.89
C ARG D 397 16.69 16.41 -19.54
N TYR D 398 16.19 17.20 -20.49
CA TYR D 398 15.91 18.59 -20.21
C TYR D 398 14.56 18.80 -19.56
N ILE D 399 13.83 17.72 -19.25
CA ILE D 399 12.63 17.86 -18.44
C ILE D 399 12.89 17.46 -17.00
N HIS D 400 13.73 16.44 -16.79
CA HIS D 400 14.12 16.08 -15.44
C HIS D 400 14.95 17.16 -14.79
N GLN D 401 15.78 17.87 -15.58
CA GLN D 401 16.51 18.99 -15.02
C GLN D 401 15.63 20.21 -14.86
N TRP D 402 14.55 20.29 -15.62
CA TRP D 402 13.67 21.45 -15.51
C TRP D 402 12.70 21.30 -14.35
N GLU D 403 12.15 20.10 -14.17
CA GLU D 403 11.07 19.93 -13.20
C GLU D 403 11.58 19.94 -11.77
N GLU D 404 12.88 19.77 -11.56
CA GLU D 404 13.42 19.91 -10.21
C GLU D 404 13.70 21.36 -9.86
N ILE D 405 14.22 22.13 -10.82
CA ILE D 405 14.54 23.53 -10.58
C ILE D 405 13.28 24.37 -10.49
N PHE D 406 12.29 24.09 -11.35
CA PHE D 406 11.05 24.87 -11.35
C PHE D 406 10.24 24.55 -10.11
N HIS D 407 9.97 25.59 -9.31
CA HIS D 407 9.55 25.40 -7.92
C HIS D 407 8.10 24.96 -7.80
N MET D 408 7.25 25.30 -8.77
CA MET D 408 5.86 24.85 -8.67
C MET D 408 5.72 23.37 -9.01
N THR D 409 6.67 22.82 -9.76
CA THR D 409 6.71 21.37 -9.95
C THR D 409 7.53 20.66 -8.89
N TYR D 410 8.38 21.40 -8.17
CA TYR D 410 9.12 20.79 -7.07
C TYR D 410 8.23 20.64 -5.84
N ASP D 411 7.18 21.45 -5.74
CA ASP D 411 6.27 21.37 -4.60
C ASP D 411 5.09 20.43 -4.85
N LEU D 412 4.87 19.98 -6.08
CA LEU D 412 3.84 18.99 -6.33
C LEU D 412 4.30 17.63 -5.85
N ALA D 413 3.34 16.73 -5.66
CA ALA D 413 3.66 15.37 -5.29
C ALA D 413 4.33 14.64 -6.44
N SER D 414 5.16 13.66 -6.11
CA SER D 414 5.88 12.92 -7.14
C SER D 414 4.97 12.01 -7.92
N ALA D 415 3.83 11.62 -7.35
CA ALA D 415 2.86 10.84 -8.10
C ALA D 415 2.12 11.71 -9.12
N VAL D 416 2.05 13.02 -8.88
CA VAL D 416 1.42 13.91 -9.83
C VAL D 416 2.40 14.25 -10.94
N VAL D 417 3.68 14.33 -10.62
CA VAL D 417 4.69 14.67 -11.62
C VAL D 417 4.91 13.51 -12.58
N ARG D 418 5.03 12.29 -12.05
CA ARG D 418 5.30 11.15 -12.92
C ARG D 418 4.11 10.78 -13.77
N ILE D 419 2.89 11.12 -13.32
CA ILE D 419 1.73 10.80 -14.14
C ILE D 419 1.53 11.83 -15.24
N VAL D 420 2.16 13.00 -15.13
CA VAL D 420 2.09 13.94 -16.24
C VAL D 420 3.15 13.59 -17.28
N ASN D 421 4.32 13.13 -16.84
CA ASN D 421 5.34 12.69 -17.77
C ASN D 421 4.92 11.44 -18.52
N LEU D 422 4.07 10.61 -17.91
CA LEU D 422 3.59 9.43 -18.60
C LEU D 422 2.57 9.80 -19.66
N ILE D 423 1.64 10.69 -19.34
CA ILE D 423 0.61 11.11 -20.29
C ILE D 423 1.24 11.87 -21.45
N GLY D 424 2.31 12.61 -21.19
CA GLY D 424 3.04 13.22 -22.28
C GLY D 424 3.80 12.20 -23.11
N MET D 425 4.12 11.05 -22.52
CA MET D 425 4.81 10.02 -23.27
C MET D 425 3.83 9.10 -23.97
N MET D 426 2.66 8.87 -23.37
CA MET D 426 1.65 8.02 -24.01
C MET D 426 1.05 8.71 -25.23
N LEU D 427 0.89 10.03 -25.18
CA LEU D 427 0.39 10.74 -26.34
C LEU D 427 1.45 10.81 -27.44
N LEU D 428 2.71 10.85 -27.05
CA LEU D 428 3.76 10.96 -28.06
C LEU D 428 4.02 9.60 -28.71
N LEU D 429 3.97 8.52 -27.92
CA LEU D 429 4.15 7.20 -28.50
C LEU D 429 2.97 6.81 -29.37
N CYS D 430 1.76 7.25 -29.01
CA CYS D 430 0.60 7.00 -29.86
C CYS D 430 0.65 7.83 -31.14
N HIS D 431 1.34 8.96 -31.09
CA HIS D 431 1.46 9.79 -32.28
C HIS D 431 2.52 9.25 -33.23
N TRP D 432 3.64 8.78 -32.70
CA TRP D 432 4.65 8.13 -33.53
C TRP D 432 4.15 6.82 -34.09
N ASP D 433 3.40 6.06 -33.29
CA ASP D 433 2.81 4.83 -33.76
C ASP D 433 1.77 5.09 -34.83
N GLY D 434 1.05 6.20 -34.71
CA GLY D 434 0.08 6.54 -35.74
C GLY D 434 0.73 6.89 -37.06
N CYS D 435 1.95 7.45 -37.01
CA CYS D 435 2.66 7.69 -38.25
C CYS D 435 3.37 6.44 -38.72
N LEU D 436 3.65 5.52 -37.81
CA LEU D 436 4.38 4.32 -38.20
C LEU D 436 3.46 3.30 -38.86
N GLN D 437 2.15 3.36 -38.55
CA GLN D 437 1.19 2.51 -39.24
C GLN D 437 1.01 2.94 -40.68
N PHE D 438 1.40 4.16 -41.01
CA PHE D 438 1.29 4.65 -42.39
C PHE D 438 2.64 4.70 -43.08
N LEU D 439 3.74 4.78 -42.33
CA LEU D 439 5.06 4.87 -42.95
C LEU D 439 5.46 3.55 -43.60
N VAL D 440 5.31 2.44 -42.88
CA VAL D 440 5.80 1.14 -43.31
C VAL D 440 5.01 0.62 -44.51
N PRO D 441 3.68 0.80 -44.64
CA PRO D 441 3.08 0.59 -45.96
C PRO D 441 3.51 1.58 -47.02
N MET D 442 3.88 2.81 -46.67
CA MET D 442 4.26 3.76 -47.70
C MET D 442 5.64 3.44 -48.26
N LEU D 443 6.55 2.98 -47.42
CA LEU D 443 7.87 2.54 -47.85
C LEU D 443 7.81 1.28 -48.70
N GLN D 444 6.73 0.51 -48.59
CA GLN D 444 6.57 -0.69 -49.38
C GLN D 444 5.68 -0.47 -50.59
N ASP D 445 5.50 0.79 -50.99
CA ASP D 445 4.76 1.20 -52.20
C ASP D 445 3.30 0.76 -52.15
N PHE D 446 2.74 0.70 -50.94
CA PHE D 446 1.35 0.36 -50.67
C PHE D 446 0.94 -0.97 -51.28
N PRO D 447 1.35 -2.11 -50.69
CA PRO D 447 0.98 -3.41 -51.23
C PRO D 447 -0.52 -3.66 -51.13
N ASP D 448 -1.01 -4.61 -51.92
CA ASP D 448 -2.45 -4.78 -52.11
C ASP D 448 -3.13 -5.43 -50.92
N ASP D 449 -2.35 -5.73 -49.87
CA ASP D 449 -2.94 -6.34 -48.65
C ASP D 449 -2.82 -5.38 -47.47
N CYS D 450 -2.13 -4.25 -47.65
CA CYS D 450 -1.89 -3.30 -46.52
C CYS D 450 -3.19 -2.60 -46.11
N TRP D 451 -3.31 -2.26 -44.82
CA TRP D 451 -4.54 -1.60 -44.30
C TRP D 451 -4.89 -0.42 -45.20
N VAL D 452 -3.91 0.36 -45.63
CA VAL D 452 -4.24 1.56 -46.45
C VAL D 452 -4.96 1.15 -47.72
N SER D 453 -4.55 0.10 -48.41
CA SER D 453 -5.24 -0.18 -49.70
C SER D 453 -6.68 -0.62 -49.42
N LEU D 454 -6.83 -1.72 -48.69
CA LEU D 454 -8.17 -2.30 -48.48
C LEU D 454 -9.09 -1.17 -48.03
N ASN D 455 -8.63 -0.31 -47.13
CA ASN D 455 -9.58 0.73 -46.64
C ASN D 455 -9.73 1.80 -47.72
N ASN D 456 -8.94 1.72 -48.78
CA ASN D 456 -9.00 2.73 -49.86
C ASN D 456 -8.69 4.11 -49.29
N MET D 457 -7.46 4.32 -48.82
CA MET D 457 -6.98 5.58 -48.26
C MET D 457 -5.66 5.97 -48.87
N VAL D 458 -5.46 5.67 -50.15
CA VAL D 458 -4.24 6.04 -50.84
C VAL D 458 -4.29 7.49 -51.29
N ASN D 459 -5.44 7.92 -51.80
CA ASN D 459 -5.55 9.25 -52.38
C ASN D 459 -6.55 10.13 -51.63
N ASN D 460 -6.53 10.06 -50.30
CA ASN D 460 -7.29 11.03 -49.51
C ASN D 460 -6.36 12.17 -49.10
N SER D 461 -6.92 13.11 -48.34
CA SER D 461 -6.12 14.20 -47.81
C SER D 461 -5.21 13.69 -46.70
N TRP D 462 -4.22 14.50 -46.34
CA TRP D 462 -3.32 14.07 -45.27
C TRP D 462 -3.94 14.32 -43.91
N GLY D 463 -5.15 14.81 -43.92
CA GLY D 463 -5.87 14.88 -42.65
C GLY D 463 -6.44 13.55 -42.28
N LYS D 464 -7.13 12.92 -43.23
CA LYS D 464 -7.70 11.59 -42.97
C LYS D 464 -6.57 10.58 -42.78
N GLN D 465 -5.65 10.47 -43.74
CA GLN D 465 -4.62 9.41 -43.59
C GLN D 465 -4.15 9.39 -42.13
N TYR D 466 -3.67 10.53 -41.65
CA TYR D 466 -3.14 10.60 -40.26
C TYR D 466 -4.26 10.26 -39.27
N SER D 467 -5.46 10.78 -39.47
CA SER D 467 -6.52 10.55 -38.46
C SER D 467 -6.82 9.05 -38.36
N TYR D 468 -6.97 8.39 -39.51
CA TYR D 468 -7.31 6.95 -39.49
C TYR D 468 -6.16 6.16 -38.88
N ALA D 469 -4.92 6.54 -39.18
CA ALA D 469 -3.74 5.84 -38.63
C ALA D 469 -3.71 6.00 -37.10
N LEU D 470 -4.00 7.20 -36.60
CA LEU D 470 -4.00 7.46 -35.13
C LEU D 470 -5.10 6.60 -34.53
N PHE D 471 -6.25 6.48 -35.19
CA PHE D 471 -7.30 5.58 -34.69
C PHE D 471 -6.72 4.17 -34.53
N LYS D 472 -6.12 3.63 -35.59
CA LYS D 472 -5.67 2.21 -35.56
C LYS D 472 -4.72 2.05 -34.39
N ALA D 473 -3.79 2.99 -34.22
CA ALA D 473 -2.78 2.85 -33.15
C ALA D 473 -3.45 2.88 -31.79
N MET D 474 -4.38 3.80 -31.61
CA MET D 474 -5.07 3.93 -30.30
C MET D 474 -5.91 2.66 -30.04
N SER D 475 -6.56 2.12 -31.05
CA SER D 475 -7.31 0.86 -30.85
C SER D 475 -6.35 -0.23 -30.39
N HIS D 476 -5.21 -0.38 -31.06
CA HIS D 476 -4.26 -1.47 -30.71
C HIS D 476 -3.74 -1.25 -29.29
N MET D 477 -3.51 -0.01 -28.91
CA MET D 477 -2.91 0.29 -27.58
C MET D 477 -3.97 0.26 -26.49
N LEU D 478 -5.07 0.99 -26.69
CA LEU D 478 -5.98 1.24 -25.52
C LEU D 478 -6.81 -0.01 -25.22
N CYS D 479 -6.53 -1.13 -25.88
CA CYS D 479 -7.20 -2.43 -25.59
C CYS D 479 -8.44 -2.68 -26.45
N ILE D 480 -8.79 -1.78 -27.35
CA ILE D 480 -9.95 -2.04 -28.26
C ILE D 480 -9.49 -2.90 -29.42
N GLY D 481 -10.42 -3.35 -30.27
CA GLY D 481 -10.09 -4.19 -31.44
C GLY D 481 -10.22 -3.42 -32.74
N TYR D 482 -9.35 -3.68 -33.72
CA TYR D 482 -9.34 -2.91 -34.99
C TYR D 482 -10.58 -3.26 -35.81
N GLY D 483 -10.88 -2.49 -36.86
CA GLY D 483 -12.17 -2.66 -37.56
C GLY D 483 -12.27 -3.81 -38.53
N ARG D 484 -12.18 -5.05 -38.05
CA ARG D 484 -12.45 -6.25 -38.90
C ARG D 484 -11.31 -6.45 -39.88
N GLN D 485 -10.32 -5.56 -39.86
CA GLN D 485 -9.15 -5.76 -40.73
C GLN D 485 -8.17 -6.61 -39.94
N ALA D 486 -8.44 -7.91 -39.85
CA ALA D 486 -7.47 -8.79 -39.16
C ALA D 486 -6.17 -8.65 -39.94
N PRO D 487 -5.04 -8.30 -39.29
CA PRO D 487 -3.81 -8.09 -40.01
C PRO D 487 -3.63 -9.21 -41.03
N MET D 488 -3.58 -8.88 -42.32
CA MET D 488 -3.53 -9.98 -43.32
C MET D 488 -2.19 -10.01 -44.04
N GLY D 489 -1.32 -9.04 -43.74
CA GLY D 489 0.02 -9.00 -44.36
C GLY D 489 1.10 -9.05 -43.31
N MET D 490 2.15 -9.84 -43.53
CA MET D 490 3.17 -10.00 -42.47
C MET D 490 3.56 -8.65 -41.86
N SER D 491 3.79 -7.61 -42.68
CA SER D 491 4.22 -6.31 -42.10
C SER D 491 3.15 -5.88 -41.10
N ASP D 492 1.88 -6.00 -41.49
CA ASP D 492 0.79 -5.50 -40.67
C ASP D 492 0.62 -6.32 -39.40
N VAL D 493 0.86 -7.63 -39.48
CA VAL D 493 0.74 -8.48 -38.30
C VAL D 493 1.80 -8.11 -37.27
N TRP D 494 3.03 -7.91 -37.72
CA TRP D 494 4.09 -7.62 -36.76
C TRP D 494 4.05 -6.17 -36.28
N LEU D 495 3.46 -5.26 -37.04
CA LEU D 495 3.28 -3.91 -36.51
C LEU D 495 2.16 -3.87 -35.49
N THR D 496 1.06 -4.56 -35.74
CA THR D 496 -0.03 -4.60 -34.77
C THR D 496 0.40 -5.29 -33.49
N MET D 497 1.14 -6.38 -33.62
CA MET D 497 1.70 -7.05 -32.45
C MET D 497 2.74 -6.19 -31.74
N LEU D 498 3.44 -5.33 -32.48
CA LEU D 498 4.29 -4.35 -31.83
C LEU D 498 3.47 -3.35 -31.05
N SER D 499 2.38 -2.87 -31.64
CA SER D 499 1.61 -1.82 -30.99
C SER D 499 0.74 -2.35 -29.86
N MET D 500 0.36 -3.62 -29.92
CA MET D 500 -0.39 -4.22 -28.84
C MET D 500 0.46 -4.38 -27.59
N ILE D 501 1.73 -4.74 -27.75
CA ILE D 501 2.61 -4.95 -26.60
C ILE D 501 3.04 -3.60 -26.04
N VAL D 502 3.35 -2.65 -26.91
CA VAL D 502 3.72 -1.31 -26.47
C VAL D 502 2.53 -0.61 -25.83
N GLY D 503 1.35 -0.77 -26.40
CA GLY D 503 0.19 -0.08 -25.86
C GLY D 503 -0.34 -0.66 -24.57
N ALA D 504 -0.31 -1.98 -24.42
CA ALA D 504 -0.82 -2.58 -23.20
C ALA D 504 0.18 -2.44 -22.06
N THR D 505 1.44 -2.22 -22.38
CA THR D 505 2.43 -1.98 -21.33
C THR D 505 2.30 -0.56 -20.80
N CYS D 506 2.09 0.41 -21.68
CA CYS D 506 1.91 1.78 -21.23
C CYS D 506 0.58 1.97 -20.54
N TYR D 507 -0.44 1.19 -20.90
CA TYR D 507 -1.71 1.30 -20.21
C TYR D 507 -1.67 0.64 -18.84
N ALA D 508 -0.91 -0.44 -18.69
CA ALA D 508 -0.80 -1.08 -17.38
C ALA D 508 0.06 -0.23 -16.44
N MET D 509 0.99 0.55 -17.01
CA MET D 509 1.71 1.50 -16.17
C MET D 509 0.86 2.71 -15.84
N PHE D 510 -0.19 2.96 -16.63
CA PHE D 510 -1.08 4.06 -16.29
C PHE D 510 -1.99 3.70 -15.12
N ILE D 511 -2.38 2.43 -15.02
CA ILE D 511 -3.17 1.99 -13.88
C ILE D 511 -2.31 1.96 -12.63
N GLY D 512 -1.02 1.69 -12.80
CA GLY D 512 -0.12 1.67 -11.65
C GLY D 512 0.11 3.04 -11.06
N HIS D 513 0.21 4.07 -11.90
CA HIS D 513 0.36 5.41 -11.36
C HIS D 513 -0.95 5.95 -10.82
N ALA D 514 -2.07 5.60 -11.45
CA ALA D 514 -3.36 6.08 -10.98
C ALA D 514 -3.73 5.47 -9.65
N THR D 515 -3.26 4.25 -9.39
CA THR D 515 -3.53 3.64 -8.10
C THR D 515 -2.66 4.26 -7.02
N ALA D 516 -1.40 4.55 -7.33
CA ALA D 516 -0.51 5.17 -6.35
C ALA D 516 -0.90 6.61 -6.07
N LEU D 517 -1.53 7.29 -7.02
CA LEU D 517 -2.04 8.62 -6.77
C LEU D 517 -3.24 8.61 -5.83
N ILE D 518 -4.14 7.64 -6.01
CA ILE D 518 -5.34 7.58 -5.19
C ILE D 518 -5.02 7.19 -3.76
N GLN D 519 -4.06 6.30 -3.56
CA GLN D 519 -3.70 5.90 -2.20
C GLN D 519 -2.90 6.96 -1.45
N SER D 520 -2.68 8.15 -1.98
CA SER D 520 -2.06 9.24 -1.25
C SER D 520 -2.81 10.54 -1.54
N LEU D 521 -4.13 10.46 -1.54
CA LEU D 521 -4.97 11.65 -1.70
C LEU D 521 -5.37 12.24 -0.36
N ASP D 522 -5.98 11.42 0.49
CA ASP D 522 -6.68 11.89 1.66
C ASP D 522 -6.23 11.05 2.85
N SER D 523 -5.19 11.52 3.53
CA SER D 523 -4.40 10.64 4.38
C SER D 523 -4.83 10.69 5.84
N SER D 524 -4.93 11.91 6.36
CA SER D 524 -5.27 12.11 7.78
C SER D 524 -6.60 11.41 8.04
N ARG D 525 -7.58 11.69 7.20
CA ARG D 525 -8.91 11.09 7.43
C ARG D 525 -8.73 9.59 7.34
N ARG D 526 -7.96 9.14 6.37
CA ARG D 526 -7.70 7.68 6.27
C ARG D 526 -7.11 7.25 7.60
N GLN D 527 -6.24 8.07 8.16
CA GLN D 527 -5.55 7.63 9.36
C GLN D 527 -6.46 7.72 10.58
N TYR D 528 -7.42 8.64 10.55
CA TYR D 528 -8.45 8.68 11.58
C TYR D 528 -9.34 7.46 11.52
N GLN D 529 -9.72 7.05 10.31
CA GLN D 529 -10.68 5.95 10.18
C GLN D 529 -10.04 4.60 10.37
N GLU D 530 -8.77 4.46 9.96
CA GLU D 530 -8.07 3.20 10.18
C GLU D 530 -7.79 2.98 11.66
N LYS D 531 -7.63 4.06 12.41
CA LYS D 531 -7.49 3.92 13.85
C LYS D 531 -8.83 3.60 14.49
N TYR D 532 -9.90 4.26 14.05
CA TYR D 532 -11.20 4.03 14.65
C TYR D 532 -11.79 2.69 14.25
N LYS D 533 -11.39 2.14 13.11
CA LYS D 533 -11.80 0.78 12.77
C LYS D 533 -11.14 -0.23 13.71
N GLN D 534 -9.93 0.05 14.16
CA GLN D 534 -9.32 -0.78 15.20
C GLN D 534 -10.01 -0.57 16.53
N VAL D 535 -10.60 0.61 16.74
CA VAL D 535 -11.39 0.82 17.94
C VAL D 535 -12.69 0.04 17.86
N GLU D 536 -13.31 0.02 16.68
CA GLU D 536 -14.58 -0.68 16.50
C GLU D 536 -14.43 -2.18 16.69
N GLN D 537 -13.36 -2.77 16.14
CA GLN D 537 -13.18 -4.20 16.27
C GLN D 537 -12.71 -4.58 17.66
N TYR D 538 -12.09 -3.64 18.39
CA TYR D 538 -11.74 -3.91 19.78
C TYR D 538 -12.97 -3.94 20.66
N MET D 539 -13.99 -3.14 20.33
CA MET D 539 -15.18 -3.10 21.16
C MET D 539 -16.04 -4.33 20.93
N SER D 540 -16.00 -4.90 19.72
CA SER D 540 -16.79 -6.09 19.45
C SER D 540 -16.05 -7.36 19.89
N PHE D 541 -14.74 -7.28 20.03
CA PHE D 541 -13.98 -8.43 20.50
C PHE D 541 -14.24 -8.68 21.98
N HIS D 542 -14.43 -7.62 22.75
CA HIS D 542 -14.71 -7.75 24.16
C HIS D 542 -16.18 -7.59 24.49
N LYS D 543 -17.02 -7.34 23.47
CA LYS D 543 -18.48 -7.30 23.56
C LYS D 543 -18.96 -6.27 24.58
N LEU D 544 -18.67 -5.01 24.31
CA LEU D 544 -19.10 -3.94 25.19
C LEU D 544 -20.60 -3.73 25.07
N PRO D 545 -21.25 -3.16 26.09
CA PRO D 545 -22.64 -2.76 25.94
C PRO D 545 -22.78 -1.64 24.93
N PRO D 546 -23.94 -1.53 24.28
CA PRO D 546 -24.09 -0.50 23.24
C PRO D 546 -24.12 0.92 23.75
N ASP D 547 -24.34 1.14 25.06
CA ASP D 547 -24.26 2.50 25.59
C ASP D 547 -22.81 2.95 25.70
N THR D 548 -21.93 2.05 26.14
CA THR D 548 -20.52 2.39 26.19
C THR D 548 -19.91 2.46 24.81
N ARG D 549 -20.49 1.74 23.84
CA ARG D 549 -20.04 1.92 22.47
C ARG D 549 -20.48 3.27 21.93
N GLN D 550 -21.59 3.80 22.44
CA GLN D 550 -22.05 5.10 21.96
C GLN D 550 -21.21 6.23 22.55
N ARG D 551 -20.81 6.09 23.81
CA ARG D 551 -20.01 7.14 24.45
C ARG D 551 -18.62 7.21 23.86
N ILE D 552 -18.01 6.06 23.58
CA ILE D 552 -16.70 6.03 22.95
C ILE D 552 -16.79 6.55 21.52
N HIS D 553 -17.90 6.30 20.84
CA HIS D 553 -18.01 6.95 19.51
C HIS D 553 -18.26 8.44 19.70
N ASP D 554 -18.93 8.84 20.77
CA ASP D 554 -19.04 10.28 21.01
C ASP D 554 -17.71 10.89 21.43
N TYR D 555 -16.76 10.06 21.88
CA TYR D 555 -15.49 10.59 22.31
C TYR D 555 -14.66 11.06 21.14
N TYR D 556 -14.41 10.18 20.17
CA TYR D 556 -13.46 10.45 19.09
C TYR D 556 -13.86 11.61 18.21
N GLU D 557 -15.15 11.79 17.95
CA GLU D 557 -15.56 12.91 17.12
C GLU D 557 -15.59 14.22 17.88
N HIS D 558 -15.57 14.18 19.21
CA HIS D 558 -15.37 15.39 20.01
C HIS D 558 -13.90 15.61 20.37
N ARG D 559 -13.13 14.54 20.53
CA ARG D 559 -11.72 14.71 20.81
C ARG D 559 -10.93 15.02 19.55
N TYR D 560 -11.13 14.23 18.50
CA TYR D 560 -10.29 14.35 17.31
C TYR D 560 -10.95 15.08 16.16
N GLN D 561 -12.28 15.12 16.13
CA GLN D 561 -13.08 15.84 15.13
C GLN D 561 -12.80 15.36 13.71
N GLY D 562 -12.63 14.06 13.54
CA GLY D 562 -12.56 13.48 12.23
C GLY D 562 -11.18 13.43 11.61
N LYS D 563 -10.22 14.20 12.10
CA LYS D 563 -8.86 14.17 11.58
C LYS D 563 -7.91 13.89 12.73
N MET D 564 -7.06 12.89 12.56
CA MET D 564 -6.13 12.48 13.61
C MET D 564 -4.70 12.80 13.19
N PHE D 565 -4.13 13.79 13.86
CA PHE D 565 -2.75 14.19 13.63
C PHE D 565 -1.90 13.58 14.73
N ASP D 566 -0.60 13.46 14.46
CA ASP D 566 0.35 13.13 15.51
C ASP D 566 1.03 14.44 15.90
N GLU D 567 0.44 15.12 16.87
CA GLU D 567 0.85 16.50 17.18
C GLU D 567 2.22 16.53 17.83
N GLU D 568 2.65 15.44 18.46
CA GLU D 568 3.94 15.44 19.16
C GLU D 568 5.10 15.46 18.17
N SER D 569 5.01 14.67 17.11
CA SER D 569 6.13 14.64 16.15
C SER D 569 6.11 15.87 15.25
N ILE D 570 4.93 16.37 14.90
CA ILE D 570 4.82 17.52 14.01
C ILE D 570 5.38 18.77 14.69
N LEU D 571 5.13 18.92 15.98
CA LEU D 571 5.78 19.99 16.72
C LEU D 571 7.27 19.72 16.93
N GLY D 572 7.63 18.47 17.22
CA GLY D 572 9.00 18.18 17.64
C GLY D 572 10.03 18.31 16.54
N GLU D 573 9.60 18.19 15.28
CA GLU D 573 10.54 18.35 14.18
C GLU D 573 10.86 19.81 13.93
N LEU D 574 10.01 20.71 14.40
CA LEU D 574 10.21 22.13 14.14
C LEU D 574 11.29 22.69 15.04
N SER D 575 11.65 23.96 14.80
CA SER D 575 12.61 24.68 15.67
C SER D 575 11.89 25.21 16.91
N GLU D 576 12.62 25.52 17.97
CA GLU D 576 11.99 25.98 19.23
C GLU D 576 11.28 27.30 18.96
N PRO D 577 11.89 28.24 18.21
CA PRO D 577 11.27 29.54 17.95
C PRO D 577 9.95 29.42 17.19
N LEU D 578 9.66 28.21 16.67
CA LEU D 578 8.39 27.98 15.97
C LEU D 578 7.39 27.25 16.87
N ARG D 579 7.89 26.39 17.77
CA ARG D 579 7.00 25.81 18.77
C ARG D 579 6.54 26.87 19.76
N GLU D 580 7.35 27.90 19.96
CA GLU D 580 6.90 29.00 20.81
C GLU D 580 5.87 29.85 20.08
N GLU D 581 5.87 29.83 18.75
CA GLU D 581 4.99 30.71 18.01
C GLU D 581 3.65 30.04 17.72
N ILE D 582 3.67 28.72 17.45
CA ILE D 582 2.42 28.02 17.17
C ILE D 582 1.59 27.86 18.44
N ILE D 583 2.23 27.47 19.55
CA ILE D 583 1.51 27.22 20.78
C ILE D 583 1.01 28.52 21.39
N ASN D 584 1.72 29.62 21.09
CA ASN D 584 1.23 30.96 21.51
C ASN D 584 0.07 31.40 20.60
N PHE D 585 -0.12 30.75 19.44
CA PHE D 585 -1.28 31.06 18.60
C PHE D 585 -2.45 30.15 18.94
N ASN D 586 -2.18 28.87 19.22
CA ASN D 586 -3.25 27.93 19.53
C ASN D 586 -3.91 28.18 20.88
N CYS D 587 -3.27 28.93 21.77
CA CYS D 587 -3.78 29.11 23.12
C CYS D 587 -4.13 30.57 23.38
N ARG D 588 -4.36 31.34 22.31
CA ARG D 588 -4.76 32.73 22.46
C ARG D 588 -6.15 32.86 23.07
N LYS D 589 -7.02 31.87 22.88
CA LYS D 589 -8.33 31.91 23.51
C LYS D 589 -8.22 31.60 24.99
N LEU D 590 -7.17 30.90 25.38
CA LEU D 590 -6.95 30.63 26.79
C LEU D 590 -6.23 31.80 27.47
N VAL D 591 -5.24 32.38 26.78
CA VAL D 591 -4.45 33.46 27.36
C VAL D 591 -5.28 34.71 27.53
N ALA D 592 -6.06 35.07 26.51
CA ALA D 592 -6.83 36.31 26.57
C ALA D 592 -8.01 36.21 27.53
N SER D 593 -8.48 34.99 27.80
CA SER D 593 -9.65 34.85 28.65
C SER D 593 -9.28 34.68 30.12
N MET D 594 -8.11 34.11 30.41
CA MET D 594 -7.72 33.98 31.81
C MET D 594 -7.24 35.31 32.36
N PRO D 595 -7.54 35.61 33.62
CA PRO D 595 -6.97 36.81 34.25
C PRO D 595 -5.53 36.63 34.69
N LEU D 596 -5.07 35.39 34.71
CA LEU D 596 -3.70 35.11 35.13
C LEU D 596 -2.69 35.53 34.08
N PHE D 597 -2.94 35.20 32.81
CA PHE D 597 -1.93 35.32 31.77
C PHE D 597 -1.80 36.73 31.23
N ALA D 598 -2.82 37.57 31.37
CA ALA D 598 -2.75 38.94 30.88
C ALA D 598 -1.91 39.82 31.79
N ASN D 599 -1.57 39.36 32.98
CA ASN D 599 -0.76 40.11 33.93
C ASN D 599 0.52 39.35 34.29
N ALA D 600 1.21 38.79 33.29
CA ALA D 600 2.36 37.95 33.57
C ALA D 600 3.49 38.24 32.60
N ASP D 601 4.66 37.68 32.90
CA ASP D 601 5.82 37.78 32.04
C ASP D 601 5.61 36.95 30.78
N PRO D 602 6.00 37.45 29.60
CA PRO D 602 5.75 36.69 28.38
C PRO D 602 6.62 35.45 28.23
N ASN D 603 7.76 35.38 28.91
CA ASN D 603 8.51 34.13 28.93
C ASN D 603 7.83 33.10 29.82
N PHE D 604 7.18 33.57 30.88
CA PHE D 604 6.43 32.68 31.77
C PHE D 604 5.23 32.08 31.07
N VAL D 605 4.57 32.86 30.21
CA VAL D 605 3.41 32.35 29.48
C VAL D 605 3.85 31.32 28.45
N THR D 606 4.99 31.54 27.81
CA THR D 606 5.46 30.59 26.81
C THR D 606 6.00 29.33 27.47
N SER D 607 6.61 29.47 28.66
CA SER D 607 7.11 28.29 29.33
C SER D 607 5.98 27.47 29.97
N MET D 608 4.84 28.11 30.23
CA MET D 608 3.68 27.38 30.73
C MET D 608 3.01 26.59 29.61
N LEU D 609 2.80 27.22 28.46
CA LEU D 609 1.98 26.63 27.41
C LEU D 609 2.67 25.48 26.69
N THR D 610 3.98 25.34 26.83
CA THR D 610 4.66 24.20 26.21
C THR D 610 4.47 22.92 27.00
N LYS D 611 4.01 23.00 28.24
CA LYS D 611 3.88 21.84 29.10
C LYS D 611 2.51 21.19 29.03
N LEU D 612 1.50 21.90 28.55
CA LEU D 612 0.12 21.47 28.70
C LEU D 612 -0.24 20.38 27.72
N ARG D 613 -1.25 19.59 28.08
CA ARG D 613 -1.77 18.51 27.25
C ARG D 613 -3.28 18.58 27.23
N PHE D 614 -3.86 18.20 26.10
CA PHE D 614 -5.25 18.50 25.80
C PHE D 614 -6.15 17.31 26.13
N GLU D 615 -7.21 17.56 26.89
CA GLU D 615 -8.08 16.48 27.36
C GLU D 615 -9.53 16.85 27.15
N VAL D 616 -10.36 15.82 26.94
CA VAL D 616 -11.80 15.96 26.67
C VAL D 616 -12.56 15.09 27.65
N PHE D 617 -13.55 15.67 28.33
CA PHE D 617 -14.41 14.96 29.26
C PHE D 617 -15.86 15.14 28.85
N GLN D 618 -16.59 14.03 28.72
CA GLN D 618 -18.00 14.06 28.41
C GLN D 618 -18.81 14.43 29.65
N PRO D 619 -20.04 14.93 29.49
CA PRO D 619 -20.85 15.26 30.68
C PRO D 619 -21.22 14.04 31.50
N GLY D 620 -21.21 14.23 32.82
CA GLY D 620 -21.43 13.14 33.75
C GLY D 620 -20.17 12.51 34.27
N ASP D 621 -19.04 12.74 33.60
CA ASP D 621 -17.78 12.13 34.03
C ASP D 621 -17.25 12.83 35.26
N TYR D 622 -16.62 12.05 36.15
CA TYR D 622 -15.94 12.61 37.31
C TYR D 622 -14.48 12.83 36.97
N ILE D 623 -14.10 14.09 36.79
CA ILE D 623 -12.73 14.43 36.44
C ILE D 623 -11.82 14.21 37.64
N ILE D 624 -12.22 14.72 38.79
CA ILE D 624 -11.46 14.59 40.02
C ILE D 624 -12.37 14.04 41.09
N ARG D 625 -12.00 12.90 41.66
CA ARG D 625 -12.73 12.28 42.75
C ARG D 625 -12.09 12.70 44.07
N GLU D 626 -12.93 13.09 45.03
CA GLU D 626 -12.45 13.53 46.32
C GLU D 626 -11.90 12.36 47.12
N GLY D 627 -10.71 12.56 47.71
CA GLY D 627 -10.11 11.53 48.52
C GLY D 627 -9.06 10.70 47.82
N THR D 628 -8.49 11.22 46.74
CA THR D 628 -7.39 10.55 46.04
C THR D 628 -6.15 11.45 46.08
N ILE D 629 -5.04 10.94 45.58
CA ILE D 629 -3.79 11.70 45.53
C ILE D 629 -3.76 12.50 44.24
N GLY D 630 -3.58 13.82 44.37
CA GLY D 630 -3.62 14.69 43.20
C GLY D 630 -2.34 14.62 42.38
N LYS D 631 -2.48 14.59 41.05
CA LYS D 631 -1.29 14.43 40.18
C LYS D 631 -1.31 15.42 39.01
N LYS D 632 -2.42 16.14 38.81
CA LYS D 632 -2.52 17.03 37.62
C LYS D 632 -3.24 18.34 37.95
N MET D 633 -3.04 19.37 37.12
CA MET D 633 -3.74 20.66 37.29
C MET D 633 -4.50 20.97 35.99
N TYR D 634 -5.70 21.54 36.09
CA TYR D 634 -6.59 21.68 34.95
C TYR D 634 -6.87 23.15 34.65
N PHE D 635 -6.81 23.50 33.37
CA PHE D 635 -7.27 24.79 32.86
C PHE D 635 -8.47 24.57 31.96
N ILE D 636 -9.48 25.41 32.11
CA ILE D 636 -10.76 25.21 31.43
C ILE D 636 -10.77 26.02 30.15
N GLN D 637 -10.69 25.35 29.01
CA GLN D 637 -10.87 26.07 27.76
C GLN D 637 -12.34 26.21 27.40
N HIS D 638 -13.08 25.11 27.35
CA HIS D 638 -14.48 25.17 26.98
C HIS D 638 -15.35 24.64 28.11
N GLY D 639 -16.46 25.30 28.34
CA GLY D 639 -17.55 24.76 29.12
C GLY D 639 -17.42 25.04 30.60
N VAL D 640 -18.35 24.46 31.37
CA VAL D 640 -18.41 24.65 32.80
C VAL D 640 -18.32 23.31 33.50
N VAL D 641 -17.81 23.32 34.73
CA VAL D 641 -17.71 22.15 35.58
C VAL D 641 -18.40 22.46 36.91
N SER D 642 -18.58 21.43 37.72
CA SER D 642 -19.26 21.54 39.00
C SER D 642 -18.34 21.04 40.09
N VAL D 643 -17.82 21.96 40.91
CA VAL D 643 -17.04 21.57 42.07
C VAL D 643 -18.00 21.14 43.16
N LEU D 644 -18.04 19.84 43.43
CA LEU D 644 -18.92 19.28 44.45
C LEU D 644 -18.15 19.22 45.76
N THR D 645 -18.69 19.89 46.78
CA THR D 645 -17.99 20.08 48.04
C THR D 645 -18.70 19.28 49.13
N LYS D 646 -17.91 18.58 49.94
CA LYS D 646 -18.44 17.81 51.06
C LYS D 646 -19.03 18.76 52.09
N GLY D 647 -20.36 18.78 52.19
CA GLY D 647 -21.03 19.58 53.18
C GLY D 647 -21.28 21.01 52.78
N ASN D 648 -21.03 21.39 51.54
CA ASN D 648 -21.27 22.75 51.08
C ASN D 648 -21.99 22.73 49.73
N LYS D 649 -22.41 23.91 49.30
CA LYS D 649 -23.12 24.07 48.05
C LYS D 649 -22.17 23.90 46.87
N GLU D 650 -22.67 23.31 45.79
CA GLU D 650 -21.92 23.20 44.56
C GLU D 650 -21.72 24.57 43.92
N THR D 651 -20.61 24.73 43.21
CA THR D 651 -20.30 25.97 42.50
C THR D 651 -19.77 25.65 41.11
N LYS D 652 -19.94 26.59 40.19
CA LYS D 652 -19.52 26.41 38.82
C LYS D 652 -18.23 27.19 38.54
N LEU D 653 -17.46 26.71 37.58
CA LEU D 653 -16.28 27.41 37.09
C LEU D 653 -16.41 27.57 35.58
N ALA D 654 -15.94 28.69 35.06
CA ALA D 654 -16.20 29.06 33.68
C ALA D 654 -14.95 28.97 32.83
N ASP D 655 -15.05 29.41 31.57
CA ASP D 655 -13.94 29.36 30.64
C ASP D 655 -12.85 30.32 31.08
N GLY D 656 -11.78 29.79 31.64
CA GLY D 656 -10.69 30.59 32.13
C GLY D 656 -10.39 30.42 33.60
N SER D 657 -11.28 29.81 34.36
CA SER D 657 -10.94 29.45 35.73
C SER D 657 -10.16 28.15 35.72
N TYR D 658 -9.43 27.92 36.79
CA TYR D 658 -8.56 26.76 36.89
C TYR D 658 -8.75 26.07 38.23
N PHE D 659 -8.59 24.75 38.22
CA PHE D 659 -8.78 23.96 39.42
C PHE D 659 -7.73 22.85 39.46
N GLY D 660 -7.47 22.37 40.67
CA GLY D 660 -6.48 21.34 40.87
C GLY D 660 -5.11 21.91 41.15
N GLU D 661 -5.03 22.85 42.09
CA GLU D 661 -3.77 23.45 42.49
C GLU D 661 -3.54 23.40 44.00
N ILE D 662 -4.58 23.12 44.79
CA ILE D 662 -4.43 23.05 46.23
C ILE D 662 -3.60 21.83 46.62
N CYS D 663 -3.82 20.72 45.93
CA CYS D 663 -3.16 19.47 46.25
C CYS D 663 -1.71 19.47 45.82
N LEU D 664 -1.34 20.32 44.88
CA LEU D 664 0.04 20.37 44.39
C LEU D 664 0.93 21.25 45.24
N LEU D 665 0.35 22.20 45.98
CA LEU D 665 1.15 23.06 46.85
C LEU D 665 1.41 22.42 48.20
N THR D 666 0.58 21.46 48.62
CA THR D 666 0.71 20.84 49.93
C THR D 666 1.13 19.39 49.88
N ARG D 667 1.11 18.77 48.68
CA ARG D 667 1.35 17.33 48.48
C ARG D 667 0.39 16.47 49.30
N GLY D 668 -0.83 16.98 49.48
CA GLY D 668 -1.84 16.25 50.21
C GLY D 668 -2.73 15.45 49.28
N ARG D 669 -3.95 15.19 49.73
CA ARG D 669 -4.90 14.42 48.95
C ARG D 669 -5.99 15.36 48.43
N ARG D 670 -6.87 14.81 47.59
CA ARG D 670 -7.91 15.63 46.96
C ARG D 670 -8.93 16.08 48.00
N THR D 671 -9.45 17.28 47.80
CA THR D 671 -10.31 17.92 48.79
C THR D 671 -11.77 18.04 48.33
N ALA D 672 -12.04 17.86 47.03
CA ALA D 672 -13.39 18.02 46.53
C ALA D 672 -13.59 17.24 45.25
N SER D 673 -14.84 17.00 44.88
CA SER D 673 -15.15 16.35 43.63
C SER D 673 -15.36 17.37 42.52
N VAL D 674 -14.93 17.01 41.32
CA VAL D 674 -15.13 17.82 40.13
C VAL D 674 -15.82 16.94 39.10
N ARG D 675 -16.95 17.40 38.57
CA ARG D 675 -17.76 16.63 37.66
C ARG D 675 -18.12 17.48 36.46
N ALA D 676 -18.00 16.88 35.27
CA ALA D 676 -18.24 17.62 34.04
C ALA D 676 -19.73 17.82 33.81
N ASP D 677 -20.05 18.95 33.18
CA ASP D 677 -21.43 19.28 32.84
C ASP D 677 -21.64 19.44 31.34
N THR D 678 -20.67 19.97 30.64
CA THR D 678 -20.71 20.10 29.19
C THR D 678 -19.57 19.28 28.62
N TYR D 679 -19.35 19.38 27.31
CA TYR D 679 -18.24 18.68 26.67
C TYR D 679 -16.96 19.48 26.92
N CYS D 680 -16.42 19.35 28.13
CA CYS D 680 -15.30 20.16 28.56
C CYS D 680 -14.01 19.76 27.84
N ARG D 681 -13.36 20.73 27.23
CA ARG D 681 -12.04 20.54 26.65
C ARG D 681 -11.04 21.21 27.59
N LEU D 682 -10.27 20.43 28.32
CA LEU D 682 -9.41 20.96 29.36
C LEU D 682 -7.96 20.90 28.92
N TYR D 683 -7.10 21.50 29.72
CA TYR D 683 -5.66 21.39 29.57
C TYR D 683 -5.09 20.81 30.85
N SER D 684 -4.19 19.84 30.73
CA SER D 684 -3.63 19.20 31.89
C SER D 684 -2.20 19.66 32.12
N LEU D 685 -1.84 19.79 33.39
CA LEU D 685 -0.48 20.13 33.78
C LEU D 685 -0.05 19.20 34.91
N SER D 686 1.02 18.46 34.70
CA SER D 686 1.45 17.47 35.66
C SER D 686 2.14 18.12 36.85
N VAL D 687 2.40 17.32 37.88
CA VAL D 687 3.09 17.81 39.07
C VAL D 687 4.53 18.15 38.76
N ASP D 688 5.23 17.27 38.04
CA ASP D 688 6.66 17.42 37.79
C ASP D 688 6.94 18.64 36.93
N ASN D 689 6.03 18.98 36.04
CA ASN D 689 6.17 20.22 35.30
C ASN D 689 5.82 21.42 36.17
N PHE D 690 4.88 21.26 37.09
CA PHE D 690 4.44 22.40 37.90
C PHE D 690 5.50 22.81 38.90
N ASN D 691 6.22 21.85 39.46
CA ASN D 691 7.32 22.18 40.37
C ASN D 691 8.50 22.75 39.61
N GLU D 692 8.66 22.40 38.34
CA GLU D 692 9.82 22.85 37.58
C GLU D 692 9.64 24.30 37.14
N VAL D 693 8.42 24.69 36.77
CA VAL D 693 8.17 26.04 36.29
C VAL D 693 8.28 27.05 37.43
N LEU D 694 7.82 26.67 38.63
CA LEU D 694 7.89 27.59 39.77
C LEU D 694 9.31 27.78 40.30
N GLU D 695 10.21 26.83 40.07
CA GLU D 695 11.60 27.05 40.46
C GLU D 695 12.28 28.06 39.54
N GLU D 696 11.79 28.18 38.31
CA GLU D 696 12.26 29.26 37.44
C GLU D 696 11.66 30.58 37.87
N TYR D 697 10.35 30.60 38.13
CA TYR D 697 9.62 31.82 38.46
C TYR D 697 8.96 31.67 39.81
N PRO D 698 9.66 31.97 40.90
CA PRO D 698 9.04 31.86 42.24
C PRO D 698 8.07 32.99 42.55
N MET D 699 8.05 34.04 41.74
CA MET D 699 7.16 35.17 41.99
C MET D 699 5.71 34.83 41.63
N MET D 700 5.50 33.93 40.67
CA MET D 700 4.16 33.49 40.32
C MET D 700 3.67 32.35 41.19
N ARG D 701 4.51 31.86 42.10
CA ARG D 701 4.08 30.83 43.04
C ARG D 701 3.08 31.38 44.04
N ARG D 702 3.23 32.64 44.43
CA ARG D 702 2.41 33.22 45.49
C ARG D 702 1.00 33.54 45.01
N ALA D 703 0.80 33.70 43.70
CA ALA D 703 -0.52 34.01 43.18
C ALA D 703 -1.43 32.79 43.29
N PHE D 704 -0.89 31.59 43.04
CA PHE D 704 -1.68 30.38 43.23
C PHE D 704 -1.91 30.11 44.72
N GLU D 705 -0.99 30.55 45.57
CA GLU D 705 -1.17 30.40 47.01
C GLU D 705 -2.27 31.32 47.52
N THR D 706 -2.49 32.45 46.84
CA THR D 706 -3.55 33.36 47.21
C THR D 706 -4.93 32.76 46.89
N VAL D 707 -5.07 32.18 45.69
CA VAL D 707 -6.35 31.61 45.29
C VAL D 707 -6.65 30.35 46.08
N ALA D 708 -5.60 29.57 46.41
CA ALA D 708 -5.80 28.38 47.24
C ALA D 708 -6.13 28.75 48.67
N LEU D 709 -5.75 29.96 49.11
CA LEU D 709 -6.17 30.43 50.41
C LEU D 709 -7.66 30.76 50.43
N ASP D 710 -8.21 31.17 49.28
CA ASP D 710 -9.61 31.56 49.21
C ASP D 710 -10.53 30.35 49.32
N ARG D 711 -10.22 29.29 48.57
CA ARG D 711 -11.12 28.11 48.61
C ARG D 711 -11.07 27.54 50.03
N LEU D 712 -9.87 27.30 50.57
CA LEU D 712 -9.79 26.70 51.89
C LEU D 712 -10.47 27.56 52.95
N ASP D 713 -10.57 28.87 52.65
CA ASP D 713 -11.40 29.80 53.46
C ASP D 713 -12.87 29.43 53.26
N ARG D 714 -13.31 29.34 52.01
CA ARG D 714 -14.73 28.99 51.71
C ARG D 714 -15.01 27.58 52.24
N ILE D 715 -14.05 26.66 52.07
CA ILE D 715 -14.20 25.27 52.60
C ILE D 715 -14.46 25.33 54.10
#